data_6Y9O
# 
_entry.id   6Y9O 
# 
_audit_conform.dict_name       mmcif_pdbx.dic 
_audit_conform.dict_version    5.383 
_audit_conform.dict_location   http://mmcif.pdb.org/dictionaries/ascii/mmcif_pdbx.dic 
# 
loop_
_database_2.database_id 
_database_2.database_code 
_database_2.pdbx_database_accession 
_database_2.pdbx_DOI 
PDB   6Y9O         pdb_00006y9o 10.2210/pdb6y9o/pdb 
WWPDB D_1292107189 ?            ?                   
# 
loop_
_pdbx_audit_revision_history.ordinal 
_pdbx_audit_revision_history.data_content_type 
_pdbx_audit_revision_history.major_revision 
_pdbx_audit_revision_history.minor_revision 
_pdbx_audit_revision_history.revision_date 
1 'Structure model' 1 0 2020-10-07 
2 'Structure model' 1 1 2020-11-11 
3 'Structure model' 1 2 2024-01-24 
# 
_pdbx_audit_revision_details.ordinal             1 
_pdbx_audit_revision_details.revision_ordinal    1 
_pdbx_audit_revision_details.data_content_type   'Structure model' 
_pdbx_audit_revision_details.provider            repository 
_pdbx_audit_revision_details.type                'Initial release' 
_pdbx_audit_revision_details.description         ? 
_pdbx_audit_revision_details.details             ? 
# 
loop_
_pdbx_audit_revision_group.ordinal 
_pdbx_audit_revision_group.revision_ordinal 
_pdbx_audit_revision_group.data_content_type 
_pdbx_audit_revision_group.group 
1 2 'Structure model' 'Database references'    
2 3 'Structure model' 'Data collection'        
3 3 'Structure model' 'Database references'    
4 3 'Structure model' 'Refinement description' 
# 
loop_
_pdbx_audit_revision_category.ordinal 
_pdbx_audit_revision_category.revision_ordinal 
_pdbx_audit_revision_category.data_content_type 
_pdbx_audit_revision_category.category 
1 2 'Structure model' citation                      
2 2 'Structure model' citation_author               
3 3 'Structure model' chem_comp_atom                
4 3 'Structure model' chem_comp_bond                
5 3 'Structure model' database_2                    
6 3 'Structure model' pdbx_initial_refinement_model 
# 
loop_
_pdbx_audit_revision_item.ordinal 
_pdbx_audit_revision_item.revision_ordinal 
_pdbx_audit_revision_item.data_content_type 
_pdbx_audit_revision_item.item 
1 2 'Structure model' '_citation.journal_volume'            
2 2 'Structure model' '_citation.page_first'                
3 2 'Structure model' '_citation.page_last'                 
4 2 'Structure model' '_citation_author.name'               
5 3 'Structure model' '_database_2.pdbx_DOI'                
6 3 'Structure model' '_database_2.pdbx_database_accession' 
# 
_pdbx_database_status.status_code                     REL 
_pdbx_database_status.status_code_sf                  REL 
_pdbx_database_status.status_code_mr                  ? 
_pdbx_database_status.entry_id                        6Y9O 
_pdbx_database_status.recvd_initial_deposition_date   2020-03-10 
_pdbx_database_status.SG_entry                        N 
_pdbx_database_status.deposit_site                    PDBE 
_pdbx_database_status.process_site                    PDBE 
_pdbx_database_status.status_code_cs                  ? 
_pdbx_database_status.status_code_nmr_data            ? 
_pdbx_database_status.methods_development_category    ? 
_pdbx_database_status.pdb_format_compatible           Y 
# 
loop_
_audit_author.name 
_audit_author.pdbx_ordinal 
_audit_author.identifier_ORCID 
'Zhu, Y.'           1 0000-0002-6841-0298 
'Delhommel, F.'     2 0000-0001-7021-087X 
'Haouz, A.'         3 ?                   
'Caillet-Saguy, C.' 4 ?                   
'Vaney, M.'         5 ?                   
'Mechaly, A.E.'     6 ?                   
'Wolff, N.'         7 0000-0002-4950-706X 
# 
_citation.abstract                  ? 
_citation.abstract_id_CAS           ? 
_citation.book_id_ISBN              ? 
_citation.book_publisher            ? 
_citation.book_publisher_city       ? 
_citation.book_title                ? 
_citation.coordinate_linkage        ? 
_citation.country                   UK 
_citation.database_id_Medline       ? 
_citation.details                   ? 
_citation.id                        primary 
_citation.journal_abbrev            J.Mol.Biol. 
_citation.journal_id_ASTM           JMOBAK 
_citation.journal_id_CSD            0070 
_citation.journal_id_ISSN           1089-8638 
_citation.journal_full              ? 
_citation.journal_issue             ? 
_citation.journal_volume            432 
_citation.language                  ? 
_citation.page_first                5920 
_citation.page_last                 5937 
_citation.title                     
'Deciphering the Unexpected Binding Capacity of the Third PDZ Domain of Whirlin to Various Cochlear Hair Cell Partners.' 
_citation.year                      2020 
_citation.database_id_CSD           ? 
_citation.pdbx_database_id_DOI      10.1016/j.jmb.2020.09.012 
_citation.pdbx_database_id_PubMed   32971111 
_citation.unpublished_flag          ? 
# 
loop_
_citation_author.citation_id 
_citation_author.name 
_citation_author.ordinal 
_citation_author.identifier_ORCID 
primary 'Zhu, Y.'                1  ? 
primary 'Delhommel, F.'          2  ? 
primary 'Cordier, F.'            3  ? 
primary 'Luchow, S.'             4  ? 
primary 'Mechaly, A.'            5  ? 
primary 'Colcombet-Cazenave, B.' 6  ? 
primary 'Girault, V.'            7  ? 
primary 'Pepermans, E.'          8  ? 
primary 'Bahloul, A.'            9  ? 
primary 'Gautier, C.'            10 ? 
primary 'Brule, S.'              11 ? 
primary 'Raynal, B.'             12 ? 
primary 'Hoos, S.'               13 ? 
primary 'Haouz, A.'              14 ? 
primary 'Caillet-Saguy, C.'      15 ? 
primary 'Ivarsson, Y.'           16 ? 
primary 'Wolff, N.'              17 ? 
# 
loop_
_entity.id 
_entity.type 
_entity.src_method 
_entity.pdbx_description 
_entity.formula_weight 
_entity.pdbx_number_of_molecules 
_entity.pdbx_ec 
_entity.pdbx_mutation 
_entity.pdbx_fragment 
_entity.details 
1 polymer man Whirlin                                   11359.070 1   ?        ? ? ? 
2 polymer syn 'Peripheral plasma membrane protein CASK' 1432.619  1   2.7.11.1 ? ? ? 
3 water   nat water                                     18.015    113 ?        ? ? ? 
# 
_entity_name_com.entity_id   2 
_entity_name_com.name        'Calcium/calmodulin-dependent serine protein kinase' 
# 
loop_
_entity_poly.entity_id 
_entity_poly.type 
_entity_poly.nstd_linkage 
_entity_poly.nstd_monomer 
_entity_poly.pdbx_seq_one_letter_code 
_entity_poly.pdbx_seq_one_letter_code_can 
_entity_poly.pdbx_strand_id 
_entity_poly.pdbx_target_identifier 
1 'polypeptide(L)' no no 
;GAMGSTSLEPTSTLVRVRKSAATLGIAIEGGANTRQPLPRIVTIQRGGSAHNCGQLKVGHVILEVNGQTLRGKEHKEAAR
IIAEAFKTKERDYIDFLVTEFNVML
;
;GAMGSTSLEPTSTLVRVRKSAATLGIAIEGGANTRQPLPRIVTIQRGGSAHNCGQLKVGHVILEVNGQTLRGKEHKEAAR
IIAEAFKTKERDYIDFLVTEFNVML
;
A ? 
2 'polypeptide(L)' no no TAPQWVPVSWVY TAPQWVPVSWVY C ? 
# 
_pdbx_entity_nonpoly.entity_id   3 
_pdbx_entity_nonpoly.name        water 
_pdbx_entity_nonpoly.comp_id     HOH 
# 
loop_
_entity_poly_seq.entity_id 
_entity_poly_seq.num 
_entity_poly_seq.mon_id 
_entity_poly_seq.hetero 
1 1   GLY n 
1 2   ALA n 
1 3   MET n 
1 4   GLY n 
1 5   SER n 
1 6   THR n 
1 7   SER n 
1 8   LEU n 
1 9   GLU n 
1 10  PRO n 
1 11  THR n 
1 12  SER n 
1 13  THR n 
1 14  LEU n 
1 15  VAL n 
1 16  ARG n 
1 17  VAL n 
1 18  ARG n 
1 19  LYS n 
1 20  SER n 
1 21  ALA n 
1 22  ALA n 
1 23  THR n 
1 24  LEU n 
1 25  GLY n 
1 26  ILE n 
1 27  ALA n 
1 28  ILE n 
1 29  GLU n 
1 30  GLY n 
1 31  GLY n 
1 32  ALA n 
1 33  ASN n 
1 34  THR n 
1 35  ARG n 
1 36  GLN n 
1 37  PRO n 
1 38  LEU n 
1 39  PRO n 
1 40  ARG n 
1 41  ILE n 
1 42  VAL n 
1 43  THR n 
1 44  ILE n 
1 45  GLN n 
1 46  ARG n 
1 47  GLY n 
1 48  GLY n 
1 49  SER n 
1 50  ALA n 
1 51  HIS n 
1 52  ASN n 
1 53  CYS n 
1 54  GLY n 
1 55  GLN n 
1 56  LEU n 
1 57  LYS n 
1 58  VAL n 
1 59  GLY n 
1 60  HIS n 
1 61  VAL n 
1 62  ILE n 
1 63  LEU n 
1 64  GLU n 
1 65  VAL n 
1 66  ASN n 
1 67  GLY n 
1 68  GLN n 
1 69  THR n 
1 70  LEU n 
1 71  ARG n 
1 72  GLY n 
1 73  LYS n 
1 74  GLU n 
1 75  HIS n 
1 76  LYS n 
1 77  GLU n 
1 78  ALA n 
1 79  ALA n 
1 80  ARG n 
1 81  ILE n 
1 82  ILE n 
1 83  ALA n 
1 84  GLU n 
1 85  ALA n 
1 86  PHE n 
1 87  LYS n 
1 88  THR n 
1 89  LYS n 
1 90  GLU n 
1 91  ARG n 
1 92  ASP n 
1 93  TYR n 
1 94  ILE n 
1 95  ASP n 
1 96  PHE n 
1 97  LEU n 
1 98  VAL n 
1 99  THR n 
1 100 GLU n 
1 101 PHE n 
1 102 ASN n 
1 103 VAL n 
1 104 MET n 
1 105 LEU n 
2 1   THR n 
2 2   ALA n 
2 3   PRO n 
2 4   GLN n 
2 5   TRP n 
2 6   VAL n 
2 7   PRO n 
2 8   VAL n 
2 9   SER n 
2 10  TRP n 
2 11  VAL n 
2 12  TYR n 
# 
_entity_src_gen.entity_id                          1 
_entity_src_gen.pdbx_src_id                        1 
_entity_src_gen.pdbx_alt_source_flag               sample 
_entity_src_gen.pdbx_seq_type                      'Biological sequence' 
_entity_src_gen.pdbx_beg_seq_num                   1 
_entity_src_gen.pdbx_end_seq_num                   105 
_entity_src_gen.gene_src_common_name               'House mouse' 
_entity_src_gen.gene_src_genus                     ? 
_entity_src_gen.pdbx_gene_src_gene                 'Whrn, Dfnb31, Kiaa1526' 
_entity_src_gen.gene_src_species                   ? 
_entity_src_gen.gene_src_strain                    ? 
_entity_src_gen.gene_src_tissue                    ? 
_entity_src_gen.gene_src_tissue_fraction           ? 
_entity_src_gen.gene_src_details                   ? 
_entity_src_gen.pdbx_gene_src_fragment             ? 
_entity_src_gen.pdbx_gene_src_scientific_name      'Mus musculus' 
_entity_src_gen.pdbx_gene_src_ncbi_taxonomy_id     10090 
_entity_src_gen.pdbx_gene_src_variant              ? 
_entity_src_gen.pdbx_gene_src_cell_line            ? 
_entity_src_gen.pdbx_gene_src_atcc                 ? 
_entity_src_gen.pdbx_gene_src_organ                ? 
_entity_src_gen.pdbx_gene_src_organelle            ? 
_entity_src_gen.pdbx_gene_src_cell                 ? 
_entity_src_gen.pdbx_gene_src_cellular_location    ? 
_entity_src_gen.host_org_common_name               ? 
_entity_src_gen.pdbx_host_org_scientific_name      
;Escherichia coli 'BL21-Gold(DE3)pLysS AG'
;
_entity_src_gen.pdbx_host_org_ncbi_taxonomy_id     866768 
_entity_src_gen.host_org_genus                     ? 
_entity_src_gen.pdbx_host_org_gene                 ? 
_entity_src_gen.pdbx_host_org_organ                ? 
_entity_src_gen.host_org_species                   ? 
_entity_src_gen.pdbx_host_org_tissue               ? 
_entity_src_gen.pdbx_host_org_tissue_fraction      ? 
_entity_src_gen.pdbx_host_org_strain               ? 
_entity_src_gen.pdbx_host_org_variant              ? 
_entity_src_gen.pdbx_host_org_cell_line            ? 
_entity_src_gen.pdbx_host_org_atcc                 ? 
_entity_src_gen.pdbx_host_org_culture_collection   ? 
_entity_src_gen.pdbx_host_org_cell                 ? 
_entity_src_gen.pdbx_host_org_organelle            ? 
_entity_src_gen.pdbx_host_org_cellular_location    ? 
_entity_src_gen.pdbx_host_org_vector_type          ? 
_entity_src_gen.pdbx_host_org_vector               ? 
_entity_src_gen.host_org_details                   ? 
_entity_src_gen.expression_system_id               ? 
_entity_src_gen.plasmid_name                       ? 
_entity_src_gen.plasmid_details                    ? 
_entity_src_gen.pdbx_description                   ? 
# 
_pdbx_entity_src_syn.entity_id              2 
_pdbx_entity_src_syn.pdbx_src_id            1 
_pdbx_entity_src_syn.pdbx_alt_source_flag   sample 
_pdbx_entity_src_syn.pdbx_beg_seq_num       1 
_pdbx_entity_src_syn.pdbx_end_seq_num       12 
_pdbx_entity_src_syn.organism_scientific    'Mus musculus' 
_pdbx_entity_src_syn.organism_common_name   'House mouse' 
_pdbx_entity_src_syn.ncbi_taxonomy_id       10090 
_pdbx_entity_src_syn.details                ? 
# 
loop_
_chem_comp.id 
_chem_comp.type 
_chem_comp.mon_nstd_flag 
_chem_comp.name 
_chem_comp.pdbx_synonyms 
_chem_comp.formula 
_chem_comp.formula_weight 
ALA 'L-peptide linking' y ALANINE         ? 'C3 H7 N O2'     89.093  
ARG 'L-peptide linking' y ARGININE        ? 'C6 H15 N4 O2 1' 175.209 
ASN 'L-peptide linking' y ASPARAGINE      ? 'C4 H8 N2 O3'    132.118 
ASP 'L-peptide linking' y 'ASPARTIC ACID' ? 'C4 H7 N O4'     133.103 
CYS 'L-peptide linking' y CYSTEINE        ? 'C3 H7 N O2 S'   121.158 
GLN 'L-peptide linking' y GLUTAMINE       ? 'C5 H10 N2 O3'   146.144 
GLU 'L-peptide linking' y 'GLUTAMIC ACID' ? 'C5 H9 N O4'     147.129 
GLY 'peptide linking'   y GLYCINE         ? 'C2 H5 N O2'     75.067  
HIS 'L-peptide linking' y HISTIDINE       ? 'C6 H10 N3 O2 1' 156.162 
HOH non-polymer         . WATER           ? 'H2 O'           18.015  
ILE 'L-peptide linking' y ISOLEUCINE      ? 'C6 H13 N O2'    131.173 
LEU 'L-peptide linking' y LEUCINE         ? 'C6 H13 N O2'    131.173 
LYS 'L-peptide linking' y LYSINE          ? 'C6 H15 N2 O2 1' 147.195 
MET 'L-peptide linking' y METHIONINE      ? 'C5 H11 N O2 S'  149.211 
PHE 'L-peptide linking' y PHENYLALANINE   ? 'C9 H11 N O2'    165.189 
PRO 'L-peptide linking' y PROLINE         ? 'C5 H9 N O2'     115.130 
SER 'L-peptide linking' y SERINE          ? 'C3 H7 N O3'     105.093 
THR 'L-peptide linking' y THREONINE       ? 'C4 H9 N O3'     119.119 
TRP 'L-peptide linking' y TRYPTOPHAN      ? 'C11 H12 N2 O2'  204.225 
TYR 'L-peptide linking' y TYROSINE        ? 'C9 H11 N O3'    181.189 
VAL 'L-peptide linking' y VALINE          ? 'C5 H11 N O2'    117.146 
# 
loop_
_pdbx_poly_seq_scheme.asym_id 
_pdbx_poly_seq_scheme.entity_id 
_pdbx_poly_seq_scheme.seq_id 
_pdbx_poly_seq_scheme.mon_id 
_pdbx_poly_seq_scheme.ndb_seq_num 
_pdbx_poly_seq_scheme.pdb_seq_num 
_pdbx_poly_seq_scheme.auth_seq_num 
_pdbx_poly_seq_scheme.pdb_mon_id 
_pdbx_poly_seq_scheme.auth_mon_id 
_pdbx_poly_seq_scheme.pdb_strand_id 
_pdbx_poly_seq_scheme.pdb_ins_code 
_pdbx_poly_seq_scheme.hetero 
A 1 1   GLY 1   802 ?   ?   ?   A . n 
A 1 2   ALA 2   803 ?   ?   ?   A . n 
A 1 3   MET 3   804 ?   ?   ?   A . n 
A 1 4   GLY 4   805 ?   ?   ?   A . n 
A 1 5   SER 5   806 ?   ?   ?   A . n 
A 1 6   THR 6   807 ?   ?   ?   A . n 
A 1 7   SER 7   808 ?   ?   ?   A . n 
A 1 8   LEU 8   809 ?   ?   ?   A . n 
A 1 9   GLU 9   810 810 GLU GLU A . n 
A 1 10  PRO 10  811 811 PRO PRO A . n 
A 1 11  THR 11  812 812 THR THR A . n 
A 1 12  SER 12  813 813 SER SER A . n 
A 1 13  THR 13  814 814 THR THR A . n 
A 1 14  LEU 14  815 815 LEU LEU A . n 
A 1 15  VAL 15  816 816 VAL VAL A . n 
A 1 16  ARG 16  817 817 ARG ARG A . n 
A 1 17  VAL 17  818 818 VAL VAL A . n 
A 1 18  ARG 18  819 819 ARG ARG A . n 
A 1 19  LYS 19  820 820 LYS LYS A . n 
A 1 20  SER 20  821 821 SER SER A . n 
A 1 21  ALA 21  822 822 ALA ALA A . n 
A 1 22  ALA 22  823 823 ALA ALA A . n 
A 1 23  THR 23  824 824 THR THR A . n 
A 1 24  LEU 24  825 825 LEU LEU A . n 
A 1 25  GLY 25  826 826 GLY GLY A . n 
A 1 26  ILE 26  827 827 ILE ILE A . n 
A 1 27  ALA 27  828 828 ALA ALA A . n 
A 1 28  ILE 28  829 829 ILE ILE A . n 
A 1 29  GLU 29  830 830 GLU GLU A . n 
A 1 30  GLY 30  831 831 GLY GLY A . n 
A 1 31  GLY 31  832 832 GLY GLY A . n 
A 1 32  ALA 32  833 833 ALA ALA A . n 
A 1 33  ASN 33  834 834 ASN ASN A . n 
A 1 34  THR 34  835 835 THR THR A . n 
A 1 35  ARG 35  836 836 ARG ARG A . n 
A 1 36  GLN 36  837 837 GLN GLN A . n 
A 1 37  PRO 37  838 838 PRO PRO A . n 
A 1 38  LEU 38  839 839 LEU LEU A . n 
A 1 39  PRO 39  840 840 PRO PRO A . n 
A 1 40  ARG 40  841 841 ARG ARG A . n 
A 1 41  ILE 41  842 842 ILE ILE A . n 
A 1 42  VAL 42  843 843 VAL VAL A . n 
A 1 43  THR 43  844 844 THR THR A . n 
A 1 44  ILE 44  845 845 ILE ILE A . n 
A 1 45  GLN 45  846 846 GLN GLN A . n 
A 1 46  ARG 46  847 847 ARG ARG A . n 
A 1 47  GLY 47  848 848 GLY GLY A . n 
A 1 48  GLY 48  849 849 GLY GLY A . n 
A 1 49  SER 49  850 850 SER SER A . n 
A 1 50  ALA 50  851 851 ALA ALA A . n 
A 1 51  HIS 51  852 852 HIS HIS A . n 
A 1 52  ASN 52  853 853 ASN ASN A . n 
A 1 53  CYS 53  854 854 CYS CYS A . n 
A 1 54  GLY 54  855 855 GLY GLY A . n 
A 1 55  GLN 55  856 856 GLN GLN A . n 
A 1 56  LEU 56  857 857 LEU LEU A . n 
A 1 57  LYS 57  858 858 LYS LYS A . n 
A 1 58  VAL 58  859 859 VAL VAL A . n 
A 1 59  GLY 59  860 860 GLY GLY A . n 
A 1 60  HIS 60  861 861 HIS HIS A . n 
A 1 61  VAL 61  862 862 VAL VAL A . n 
A 1 62  ILE 62  863 863 ILE ILE A . n 
A 1 63  LEU 63  864 864 LEU LEU A . n 
A 1 64  GLU 64  865 865 GLU GLU A . n 
A 1 65  VAL 65  866 866 VAL VAL A . n 
A 1 66  ASN 66  867 867 ASN ASN A . n 
A 1 67  GLY 67  868 868 GLY GLY A . n 
A 1 68  GLN 68  869 869 GLN GLN A . n 
A 1 69  THR 69  870 870 THR THR A . n 
A 1 70  LEU 70  871 871 LEU LEU A . n 
A 1 71  ARG 71  872 872 ARG ARG A . n 
A 1 72  GLY 72  873 873 GLY GLY A . n 
A 1 73  LYS 73  874 874 LYS LYS A . n 
A 1 74  GLU 74  875 875 GLU GLU A . n 
A 1 75  HIS 75  876 876 HIS HIS A . n 
A 1 76  LYS 76  877 877 LYS LYS A . n 
A 1 77  GLU 77  878 878 GLU GLU A . n 
A 1 78  ALA 78  879 879 ALA ALA A . n 
A 1 79  ALA 79  880 880 ALA ALA A . n 
A 1 80  ARG 80  881 881 ARG ARG A . n 
A 1 81  ILE 81  882 882 ILE ILE A . n 
A 1 82  ILE 82  883 883 ILE ILE A . n 
A 1 83  ALA 83  884 884 ALA ALA A . n 
A 1 84  GLU 84  885 885 GLU GLU A . n 
A 1 85  ALA 85  886 886 ALA ALA A . n 
A 1 86  PHE 86  887 887 PHE PHE A . n 
A 1 87  LYS 87  888 888 LYS LYS A . n 
A 1 88  THR 88  889 889 THR THR A . n 
A 1 89  LYS 89  890 890 LYS LYS A . n 
A 1 90  GLU 90  891 891 GLU GLU A . n 
A 1 91  ARG 91  892 892 ARG ARG A . n 
A 1 92  ASP 92  893 893 ASP ASP A . n 
A 1 93  TYR 93  894 894 TYR TYR A . n 
A 1 94  ILE 94  895 895 ILE ILE A . n 
A 1 95  ASP 95  896 896 ASP ASP A . n 
A 1 96  PHE 96  897 897 PHE PHE A . n 
A 1 97  LEU 97  898 898 LEU LEU A . n 
A 1 98  VAL 98  899 899 VAL VAL A . n 
A 1 99  THR 99  900 900 THR THR A . n 
A 1 100 GLU 100 901 901 GLU GLU A . n 
A 1 101 PHE 101 902 902 PHE PHE A . n 
A 1 102 ASN 102 903 903 ASN ASN A . n 
A 1 103 VAL 103 904 904 VAL VAL A . n 
A 1 104 MET 104 905 905 MET MET A . n 
A 1 105 LEU 105 906 906 LEU LEU A . n 
B 2 1   THR 1   915 ?   ?   ?   C . n 
B 2 2   ALA 2   916 ?   ?   ?   C . n 
B 2 3   PRO 3   917 ?   ?   ?   C . n 
B 2 4   GLN 4   918 ?   ?   ?   C . n 
B 2 5   TRP 5   919 ?   ?   ?   C . n 
B 2 6   VAL 6   920 920 VAL VAL C . n 
B 2 7   PRO 7   921 921 PRO PRO C . n 
B 2 8   VAL 8   922 922 VAL VAL C . n 
B 2 9   SER 9   923 923 SER SER C . n 
B 2 10  TRP 10  924 924 TRP TRP C . n 
B 2 11  VAL 11  925 925 VAL VAL C . n 
B 2 12  TYR 12  926 926 TYR TYR C . n 
# 
loop_
_pdbx_nonpoly_scheme.asym_id 
_pdbx_nonpoly_scheme.entity_id 
_pdbx_nonpoly_scheme.mon_id 
_pdbx_nonpoly_scheme.ndb_seq_num 
_pdbx_nonpoly_scheme.pdb_seq_num 
_pdbx_nonpoly_scheme.auth_seq_num 
_pdbx_nonpoly_scheme.pdb_mon_id 
_pdbx_nonpoly_scheme.auth_mon_id 
_pdbx_nonpoly_scheme.pdb_strand_id 
_pdbx_nonpoly_scheme.pdb_ins_code 
C 3 HOH 1   1001 49  HOH HOH A . 
C 3 HOH 2   1002 121 HOH HOH A . 
C 3 HOH 3   1003 30  HOH HOH A . 
C 3 HOH 4   1004 38  HOH HOH A . 
C 3 HOH 5   1005 100 HOH HOH A . 
C 3 HOH 6   1006 123 HOH HOH A . 
C 3 HOH 7   1007 52  HOH HOH A . 
C 3 HOH 8   1008 63  HOH HOH A . 
C 3 HOH 9   1009 22  HOH HOH A . 
C 3 HOH 10  1010 34  HOH HOH A . 
C 3 HOH 11  1011 4   HOH HOH A . 
C 3 HOH 12  1012 35  HOH HOH A . 
C 3 HOH 13  1013 32  HOH HOH A . 
C 3 HOH 14  1014 71  HOH HOH A . 
C 3 HOH 15  1015 61  HOH HOH A . 
C 3 HOH 16  1016 101 HOH HOH A . 
C 3 HOH 17  1017 51  HOH HOH A . 
C 3 HOH 18  1018 88  HOH HOH A . 
C 3 HOH 19  1019 2   HOH HOH A . 
C 3 HOH 20  1020 1   HOH HOH A . 
C 3 HOH 21  1021 3   HOH HOH A . 
C 3 HOH 22  1022 109 HOH HOH A . 
C 3 HOH 23  1023 85  HOH HOH A . 
C 3 HOH 24  1024 94  HOH HOH A . 
C 3 HOH 25  1025 67  HOH HOH A . 
C 3 HOH 26  1026 102 HOH HOH A . 
C 3 HOH 27  1027 84  HOH HOH A . 
C 3 HOH 28  1028 23  HOH HOH A . 
C 3 HOH 29  1029 6   HOH HOH A . 
C 3 HOH 30  1030 8   HOH HOH A . 
C 3 HOH 31  1031 10  HOH HOH A . 
C 3 HOH 32  1032 7   HOH HOH A . 
C 3 HOH 33  1033 16  HOH HOH A . 
C 3 HOH 34  1034 18  HOH HOH A . 
C 3 HOH 35  1035 12  HOH HOH A . 
C 3 HOH 36  1036 39  HOH HOH A . 
C 3 HOH 37  1037 148 HOH HOH A . 
C 3 HOH 38  1038 75  HOH HOH A . 
C 3 HOH 39  1039 15  HOH HOH A . 
C 3 HOH 40  1040 17  HOH HOH A . 
C 3 HOH 41  1041 70  HOH HOH A . 
C 3 HOH 42  1042 53  HOH HOH A . 
C 3 HOH 43  1043 40  HOH HOH A . 
C 3 HOH 44  1044 29  HOH HOH A . 
C 3 HOH 45  1045 9   HOH HOH A . 
C 3 HOH 46  1046 47  HOH HOH A . 
C 3 HOH 47  1047 117 HOH HOH A . 
C 3 HOH 48  1048 24  HOH HOH A . 
C 3 HOH 49  1049 20  HOH HOH A . 
C 3 HOH 50  1050 104 HOH HOH A . 
C 3 HOH 51  1051 21  HOH HOH A . 
C 3 HOH 52  1052 43  HOH HOH A . 
C 3 HOH 53  1053 25  HOH HOH A . 
C 3 HOH 54  1054 66  HOH HOH A . 
C 3 HOH 55  1055 59  HOH HOH A . 
C 3 HOH 56  1056 65  HOH HOH A . 
C 3 HOH 57  1057 57  HOH HOH A . 
C 3 HOH 58  1058 74  HOH HOH A . 
C 3 HOH 59  1059 5   HOH HOH A . 
C 3 HOH 60  1060 58  HOH HOH A . 
C 3 HOH 61  1061 36  HOH HOH A . 
C 3 HOH 62  1062 41  HOH HOH A . 
C 3 HOH 63  1063 26  HOH HOH A . 
C 3 HOH 64  1064 62  HOH HOH A . 
C 3 HOH 65  1065 14  HOH HOH A . 
C 3 HOH 66  1066 115 HOH HOH A . 
C 3 HOH 67  1067 31  HOH HOH A . 
C 3 HOH 68  1068 60  HOH HOH A . 
C 3 HOH 69  1069 87  HOH HOH A . 
C 3 HOH 70  1070 80  HOH HOH A . 
C 3 HOH 71  1071 37  HOH HOH A . 
C 3 HOH 72  1072 42  HOH HOH A . 
C 3 HOH 73  1073 98  HOH HOH A . 
C 3 HOH 74  1074 150 HOH HOH A . 
C 3 HOH 75  1075 103 HOH HOH A . 
C 3 HOH 76  1076 28  HOH HOH A . 
C 3 HOH 77  1077 44  HOH HOH A . 
C 3 HOH 78  1078 68  HOH HOH A . 
C 3 HOH 79  1079 72  HOH HOH A . 
C 3 HOH 80  1080 138 HOH HOH A . 
C 3 HOH 81  1081 97  HOH HOH A . 
C 3 HOH 82  1082 76  HOH HOH A . 
C 3 HOH 83  1083 86  HOH HOH A . 
C 3 HOH 84  1084 55  HOH HOH A . 
C 3 HOH 85  1085 83  HOH HOH A . 
C 3 HOH 86  1086 135 HOH HOH A . 
C 3 HOH 87  1087 155 HOH HOH A . 
C 3 HOH 88  1088 96  HOH HOH A . 
C 3 HOH 89  1089 119 HOH HOH A . 
C 3 HOH 90  1090 90  HOH HOH A . 
C 3 HOH 91  1091 106 HOH HOH A . 
C 3 HOH 92  1092 45  HOH HOH A . 
C 3 HOH 93  1093 91  HOH HOH A . 
C 3 HOH 94  1094 13  HOH HOH A . 
C 3 HOH 95  1095 56  HOH HOH A . 
C 3 HOH 96  1096 50  HOH HOH A . 
C 3 HOH 97  1097 33  HOH HOH A . 
C 3 HOH 98  1098 139 HOH HOH A . 
C 3 HOH 99  1099 46  HOH HOH A . 
C 3 HOH 100 1100 114 HOH HOH A . 
C 3 HOH 101 1101 11  HOH HOH A . 
C 3 HOH 102 1102 79  HOH HOH A . 
C 3 HOH 103 1103 113 HOH HOH A . 
C 3 HOH 104 1104 27  HOH HOH A . 
C 3 HOH 105 1105 82  HOH HOH A . 
C 3 HOH 106 1106 99  HOH HOH A . 
C 3 HOH 107 1107 64  HOH HOH A . 
C 3 HOH 108 1108 95  HOH HOH A . 
D 3 HOH 1   1001 78  HOH HOH C . 
D 3 HOH 2   1002 93  HOH HOH C . 
D 3 HOH 3   1003 19  HOH HOH C . 
D 3 HOH 4   1004 54  HOH HOH C . 
D 3 HOH 5   1005 77  HOH HOH C . 
# 
loop_
_software.citation_id 
_software.classification 
_software.compiler_name 
_software.compiler_version 
_software.contact_author 
_software.contact_author_email 
_software.date 
_software.description 
_software.dependencies 
_software.hardware 
_software.language 
_software.location 
_software.mods 
_software.name 
_software.os 
_software.os_version 
_software.type 
_software.version 
_software.pdbx_ordinal 
? refinement       ? ? ? ? ? ? ? ? ? ? ? BUSTER  ? ? ? . 1 
? 'data reduction' ? ? ? ? ? ? ? ? ? ? ? XDS     ? ? ? . 2 
? 'data scaling'   ? ? ? ? ? ? ? ? ? ? ? Aimless ? ? ? . 3 
? phasing          ? ? ? ? ? ? ? ? ? ? ? PHASER  ? ? ? . 4 
# 
_cell.angle_alpha                  90.000 
_cell.angle_alpha_esd              ? 
_cell.angle_beta                   90.000 
_cell.angle_beta_esd               ? 
_cell.angle_gamma                  120.000 
_cell.angle_gamma_esd              ? 
_cell.entry_id                     6Y9O 
_cell.details                      ? 
_cell.formula_units_Z              ? 
_cell.length_a                     50.470 
_cell.length_a_esd                 ? 
_cell.length_b                     50.470 
_cell.length_b_esd                 ? 
_cell.length_c                     88.410 
_cell.length_c_esd                 ? 
_cell.volume                       195028.748 
_cell.volume_esd                   ? 
_cell.Z_PDB                        6 
_cell.reciprocal_angle_alpha       ? 
_cell.reciprocal_angle_beta        ? 
_cell.reciprocal_angle_gamma       ? 
_cell.reciprocal_angle_alpha_esd   ? 
_cell.reciprocal_angle_beta_esd    ? 
_cell.reciprocal_angle_gamma_esd   ? 
_cell.reciprocal_length_a          ? 
_cell.reciprocal_length_b          ? 
_cell.reciprocal_length_c          ? 
_cell.reciprocal_length_a_esd      ? 
_cell.reciprocal_length_b_esd      ? 
_cell.reciprocal_length_c_esd      ? 
_cell.pdbx_unique_axis             ? 
# 
_symmetry.entry_id                         6Y9O 
_symmetry.cell_setting                     ? 
_symmetry.Int_Tables_number                152 
_symmetry.space_group_name_Hall            
;P 31 2"
;
_symmetry.space_group_name_H-M             'P 31 2 1' 
_symmetry.pdbx_full_space_group_name_H-M   ? 
# 
_exptl.absorpt_coefficient_mu     ? 
_exptl.absorpt_correction_T_max   ? 
_exptl.absorpt_correction_T_min   ? 
_exptl.absorpt_correction_type    ? 
_exptl.absorpt_process_details    ? 
_exptl.entry_id                   6Y9O 
_exptl.crystals_number            1 
_exptl.details                    ? 
_exptl.method                     'X-RAY DIFFRACTION' 
_exptl.method_details             ? 
# 
_exptl_crystal.colour                      ? 
_exptl_crystal.density_diffrn              ? 
_exptl_crystal.density_Matthews            2.54 
_exptl_crystal.density_method              ? 
_exptl_crystal.density_percent_sol         51.60 
_exptl_crystal.description                 ? 
_exptl_crystal.F_000                       ? 
_exptl_crystal.id                          1 
_exptl_crystal.preparation                 ? 
_exptl_crystal.size_max                    ? 
_exptl_crystal.size_mid                    ? 
_exptl_crystal.size_min                    ? 
_exptl_crystal.size_rad                    ? 
_exptl_crystal.colour_lustre               ? 
_exptl_crystal.colour_modifier             ? 
_exptl_crystal.colour_primary              ? 
_exptl_crystal.density_meas                ? 
_exptl_crystal.density_meas_esd            ? 
_exptl_crystal.density_meas_gt             ? 
_exptl_crystal.density_meas_lt             ? 
_exptl_crystal.density_meas_temp           ? 
_exptl_crystal.density_meas_temp_esd       ? 
_exptl_crystal.density_meas_temp_gt        ? 
_exptl_crystal.density_meas_temp_lt        ? 
_exptl_crystal.pdbx_crystal_image_url      ? 
_exptl_crystal.pdbx_crystal_image_format   ? 
_exptl_crystal.pdbx_mosaicity              ? 
_exptl_crystal.pdbx_mosaicity_esd          ? 
# 
_exptl_crystal_grow.apparatus       ? 
_exptl_crystal_grow.atmosphere      ? 
_exptl_crystal_grow.crystal_id      1 
_exptl_crystal_grow.details         ? 
_exptl_crystal_grow.method          'VAPOR DIFFUSION, SITTING DROP' 
_exptl_crystal_grow.method_ref      ? 
_exptl_crystal_grow.pH              ? 
_exptl_crystal_grow.pressure        ? 
_exptl_crystal_grow.pressure_esd    ? 
_exptl_crystal_grow.seeding         ? 
_exptl_crystal_grow.seeding_ref     ? 
_exptl_crystal_grow.temp            277.15 
_exptl_crystal_grow.temp_details    ? 
_exptl_crystal_grow.temp_esd        ? 
_exptl_crystal_grow.time            ? 
_exptl_crystal_grow.pdbx_details    '0.2 M LiCl, 25 %w/v PEG 8000' 
_exptl_crystal_grow.pdbx_pH_range   ? 
# 
_diffrn.ambient_environment              ? 
_diffrn.ambient_temp                     100 
_diffrn.ambient_temp_details             ? 
_diffrn.ambient_temp_esd                 ? 
_diffrn.crystal_id                       1 
_diffrn.crystal_support                  ? 
_diffrn.crystal_treatment                ? 
_diffrn.details                          ? 
_diffrn.id                               1 
_diffrn.ambient_pressure                 ? 
_diffrn.ambient_pressure_esd             ? 
_diffrn.ambient_pressure_gt              ? 
_diffrn.ambient_pressure_lt              ? 
_diffrn.ambient_temp_gt                  ? 
_diffrn.ambient_temp_lt                  ? 
_diffrn.pdbx_serial_crystal_experiment   N 
# 
_diffrn_detector.details                      ? 
_diffrn_detector.detector                     PIXEL 
_diffrn_detector.diffrn_id                    1 
_diffrn_detector.type                         'DECTRIS PILATUS 300K' 
_diffrn_detector.area_resol_mean              ? 
_diffrn_detector.dtime                        ? 
_diffrn_detector.pdbx_frames_total            ? 
_diffrn_detector.pdbx_collection_time_total   ? 
_diffrn_detector.pdbx_collection_date         2017-11-10 
_diffrn_detector.pdbx_frequency               ? 
# 
_diffrn_radiation.collimation                      ? 
_diffrn_radiation.diffrn_id                        1 
_diffrn_radiation.filter_edge                      ? 
_diffrn_radiation.inhomogeneity                    ? 
_diffrn_radiation.monochromator                    ? 
_diffrn_radiation.polarisn_norm                    ? 
_diffrn_radiation.polarisn_ratio                   ? 
_diffrn_radiation.probe                            ? 
_diffrn_radiation.type                             ? 
_diffrn_radiation.xray_symbol                      ? 
_diffrn_radiation.wavelength_id                    1 
_diffrn_radiation.pdbx_monochromatic_or_laue_m_l   M 
_diffrn_radiation.pdbx_wavelength_list             ? 
_diffrn_radiation.pdbx_wavelength                  ? 
_diffrn_radiation.pdbx_diffrn_protocol             'SINGLE WAVELENGTH' 
_diffrn_radiation.pdbx_analyzer                    ? 
_diffrn_radiation.pdbx_scattering_type             x-ray 
# 
_diffrn_radiation_wavelength.id           1 
_diffrn_radiation_wavelength.wavelength   0.9786 
_diffrn_radiation_wavelength.wt           1.0 
# 
_diffrn_source.current                     ? 
_diffrn_source.details                     ? 
_diffrn_source.diffrn_id                   1 
_diffrn_source.power                       ? 
_diffrn_source.size                        ? 
_diffrn_source.source                      SYNCHROTRON 
_diffrn_source.target                      ? 
_diffrn_source.type                        'SOLEIL BEAMLINE PROXIMA 1' 
_diffrn_source.voltage                     ? 
_diffrn_source.take-off_angle              ? 
_diffrn_source.pdbx_wavelength_list        0.9786 
_diffrn_source.pdbx_wavelength             ? 
_diffrn_source.pdbx_synchrotron_beamline   'PROXIMA 1' 
_diffrn_source.pdbx_synchrotron_site       SOLEIL 
# 
_reflns.B_iso_Wilson_estimate            ? 
_reflns.entry_id                         6Y9O 
_reflns.data_reduction_details           ? 
_reflns.data_reduction_method            ? 
_reflns.d_resolution_high                1.632 
_reflns.d_resolution_low                 39.18 
_reflns.details                          ? 
_reflns.limit_h_max                      ? 
_reflns.limit_h_min                      ? 
_reflns.limit_k_max                      ? 
_reflns.limit_k_min                      ? 
_reflns.limit_l_max                      ? 
_reflns.limit_l_min                      ? 
_reflns.number_all                       ? 
_reflns.number_obs                       16757 
_reflns.observed_criterion               ? 
_reflns.observed_criterion_F_max         ? 
_reflns.observed_criterion_F_min         ? 
_reflns.observed_criterion_I_max         ? 
_reflns.observed_criterion_I_min         ? 
_reflns.observed_criterion_sigma_F       ? 
_reflns.observed_criterion_sigma_I       ? 
_reflns.percent_possible_obs             99.73 
_reflns.R_free_details                   ? 
_reflns.Rmerge_F_all                     ? 
_reflns.Rmerge_F_obs                     ? 
_reflns.Friedel_coverage                 ? 
_reflns.number_gt                        ? 
_reflns.threshold_expression             ? 
_reflns.pdbx_redundancy                  19.2 
_reflns.pdbx_Rmerge_I_obs                ? 
_reflns.pdbx_Rmerge_I_all                ? 
_reflns.pdbx_Rsym_value                  ? 
_reflns.pdbx_netI_over_av_sigmaI         ? 
_reflns.pdbx_netI_over_sigmaI            26.04 
_reflns.pdbx_res_netI_over_av_sigmaI_2   ? 
_reflns.pdbx_res_netI_over_sigmaI_2      ? 
_reflns.pdbx_chi_squared                 ? 
_reflns.pdbx_scaling_rejects             ? 
_reflns.pdbx_d_res_high_opt              ? 
_reflns.pdbx_d_res_low_opt               ? 
_reflns.pdbx_d_res_opt_method            ? 
_reflns.phase_calculation_details        ? 
_reflns.pdbx_Rrim_I_all                  ? 
_reflns.pdbx_Rpim_I_all                  ? 
_reflns.pdbx_d_opt                       ? 
_reflns.pdbx_number_measured_all         ? 
_reflns.pdbx_diffrn_id                   1 
_reflns.pdbx_ordinal                     1 
_reflns.pdbx_CC_half                     0.999 
_reflns.pdbx_CC_star                     1 
_reflns.pdbx_R_split                     ? 
# 
_reflns_shell.d_res_high                  1.632 
_reflns_shell.d_res_low                   1.691 
_reflns_shell.meanI_over_sigI_all         ? 
_reflns_shell.meanI_over_sigI_obs         ? 
_reflns_shell.number_measured_all         ? 
_reflns_shell.number_measured_obs         ? 
_reflns_shell.number_possible             ? 
_reflns_shell.number_unique_all           ? 
_reflns_shell.number_unique_obs           1614 
_reflns_shell.percent_possible_all        ? 
_reflns_shell.percent_possible_obs        ? 
_reflns_shell.Rmerge_F_all                ? 
_reflns_shell.Rmerge_F_obs                ? 
_reflns_shell.Rmerge_I_all                ? 
_reflns_shell.Rmerge_I_obs                ? 
_reflns_shell.meanI_over_sigI_gt          ? 
_reflns_shell.meanI_over_uI_all           ? 
_reflns_shell.meanI_over_uI_gt            ? 
_reflns_shell.number_measured_gt          ? 
_reflns_shell.number_unique_gt            ? 
_reflns_shell.percent_possible_gt         ? 
_reflns_shell.Rmerge_F_gt                 ? 
_reflns_shell.Rmerge_I_gt                 ? 
_reflns_shell.pdbx_redundancy             ? 
_reflns_shell.pdbx_Rsym_value             ? 
_reflns_shell.pdbx_chi_squared            ? 
_reflns_shell.pdbx_netI_over_sigmaI_all   ? 
_reflns_shell.pdbx_netI_over_sigmaI_obs   ? 
_reflns_shell.pdbx_Rrim_I_all             ? 
_reflns_shell.pdbx_Rpim_I_all             ? 
_reflns_shell.pdbx_rejects                ? 
_reflns_shell.pdbx_ordinal                1 
_reflns_shell.pdbx_diffrn_id              1 
_reflns_shell.pdbx_CC_half                0.945 
_reflns_shell.pdbx_CC_star                0.986 
_reflns_shell.pdbx_R_split                ? 
# 
_refine.aniso_B[1][1]                            ? 
_refine.aniso_B[1][2]                            ? 
_refine.aniso_B[1][3]                            ? 
_refine.aniso_B[2][2]                            ? 
_refine.aniso_B[2][3]                            ? 
_refine.aniso_B[3][3]                            ? 
_refine.B_iso_max                                ? 
_refine.B_iso_mean                               21.11 
_refine.B_iso_min                                ? 
_refine.correlation_coeff_Fo_to_Fc               ? 
_refine.correlation_coeff_Fo_to_Fc_free          ? 
_refine.details                                  ? 
_refine.diff_density_max                         ? 
_refine.diff_density_max_esd                     ? 
_refine.diff_density_min                         ? 
_refine.diff_density_min_esd                     ? 
_refine.diff_density_rms                         ? 
_refine.diff_density_rms_esd                     ? 
_refine.entry_id                                 6Y9O 
_refine.pdbx_refine_id                           'X-RAY DIFFRACTION' 
_refine.ls_abs_structure_details                 ? 
_refine.ls_abs_structure_Flack                   ? 
_refine.ls_abs_structure_Flack_esd               ? 
_refine.ls_abs_structure_Rogers                  ? 
_refine.ls_abs_structure_Rogers_esd              ? 
_refine.ls_d_res_high                            1.632 
_refine.ls_d_res_low                             39.18 
_refine.ls_extinction_coef                       ? 
_refine.ls_extinction_coef_esd                   ? 
_refine.ls_extinction_expression                 ? 
_refine.ls_extinction_method                     ? 
_refine.ls_goodness_of_fit_all                   ? 
_refine.ls_goodness_of_fit_all_esd               ? 
_refine.ls_goodness_of_fit_obs                   ? 
_refine.ls_goodness_of_fit_obs_esd               ? 
_refine.ls_hydrogen_treatment                    ? 
_refine.ls_matrix_type                           ? 
_refine.ls_number_constraints                    ? 
_refine.ls_number_parameters                     ? 
_refine.ls_number_reflns_all                     ? 
_refine.ls_number_reflns_obs                     16757 
_refine.ls_number_reflns_R_free                  ? 
_refine.ls_number_reflns_R_work                  ? 
_refine.ls_number_restraints                     ? 
_refine.ls_percent_reflns_obs                    99.73 
_refine.ls_percent_reflns_R_free                 ? 
_refine.ls_R_factor_all                          ? 
_refine.ls_R_factor_obs                          ? 
_refine.ls_R_factor_R_free                       0.2286 
_refine.ls_R_factor_R_free_error                 ? 
_refine.ls_R_factor_R_free_error_details         ? 
_refine.ls_R_factor_R_work                       0.2073 
_refine.ls_R_Fsqd_factor_obs                     ? 
_refine.ls_R_I_factor_obs                        ? 
_refine.ls_redundancy_reflns_all                 ? 
_refine.ls_redundancy_reflns_obs                 ? 
_refine.ls_restrained_S_all                      ? 
_refine.ls_restrained_S_obs                      ? 
_refine.ls_shift_over_esd_max                    ? 
_refine.ls_shift_over_esd_mean                   ? 
_refine.ls_structure_factor_coef                 ? 
_refine.ls_weighting_details                     ? 
_refine.ls_weighting_scheme                      ? 
_refine.ls_wR_factor_all                         ? 
_refine.ls_wR_factor_obs                         ? 
_refine.ls_wR_factor_R_free                      ? 
_refine.ls_wR_factor_R_work                      ? 
_refine.occupancy_max                            ? 
_refine.occupancy_min                            ? 
_refine.solvent_model_details                    ? 
_refine.solvent_model_param_bsol                 ? 
_refine.solvent_model_param_ksol                 ? 
_refine.pdbx_R_complete                          ? 
_refine.ls_R_factor_gt                           ? 
_refine.ls_goodness_of_fit_gt                    ? 
_refine.ls_goodness_of_fit_ref                   ? 
_refine.ls_shift_over_su_max                     ? 
_refine.ls_shift_over_su_max_lt                  ? 
_refine.ls_shift_over_su_mean                    ? 
_refine.ls_shift_over_su_mean_lt                 ? 
_refine.pdbx_ls_sigma_I                          ? 
_refine.pdbx_ls_sigma_F                          ? 
_refine.pdbx_ls_sigma_Fsqd                       ? 
_refine.pdbx_data_cutoff_high_absF               ? 
_refine.pdbx_data_cutoff_high_rms_absF           ? 
_refine.pdbx_data_cutoff_low_absF                ? 
_refine.pdbx_isotropic_thermal_model             ? 
_refine.pdbx_ls_cross_valid_method               'FREE R-VALUE' 
_refine.pdbx_method_to_determine_struct          'MOLECULAR REPLACEMENT' 
_refine.pdbx_starting_model                      1UFX 
_refine.pdbx_stereochemistry_target_values       ? 
_refine.pdbx_R_Free_selection_details            ? 
_refine.pdbx_stereochem_target_val_spec_case     ? 
_refine.pdbx_overall_ESU_R                       ? 
_refine.pdbx_overall_ESU_R_Free                  ? 
_refine.pdbx_solvent_vdw_probe_radii             ? 
_refine.pdbx_solvent_ion_probe_radii             ? 
_refine.pdbx_solvent_shrinkage_radii             ? 
_refine.pdbx_real_space_R                        ? 
_refine.pdbx_density_correlation                 ? 
_refine.pdbx_pd_number_of_powder_patterns        ? 
_refine.pdbx_pd_number_of_points                 ? 
_refine.pdbx_pd_meas_number_of_points            ? 
_refine.pdbx_pd_proc_ls_prof_R_factor            ? 
_refine.pdbx_pd_proc_ls_prof_wR_factor           ? 
_refine.pdbx_pd_Marquardt_correlation_coeff      ? 
_refine.pdbx_pd_Fsqrd_R_factor                   ? 
_refine.pdbx_pd_ls_matrix_band_width             ? 
_refine.pdbx_overall_phase_error                 ? 
_refine.pdbx_overall_SU_R_free_Cruickshank_DPI   ? 
_refine.pdbx_overall_SU_R_free_Blow_DPI          ? 
_refine.pdbx_overall_SU_R_Blow_DPI               ? 
_refine.pdbx_TLS_residual_ADP_flag               ? 
_refine.pdbx_diffrn_id                           1 
_refine.overall_SU_B                             ? 
_refine.overall_SU_ML                            ? 
_refine.overall_SU_R_Cruickshank_DPI             ? 
_refine.overall_SU_R_free                        ? 
_refine.overall_FOM_free_R_set                   ? 
_refine.overall_FOM_work_R_set                   ? 
_refine.pdbx_average_fsc_overall                 ? 
_refine.pdbx_average_fsc_work                    ? 
_refine.pdbx_average_fsc_free                    ? 
# 
_refine_hist.pdbx_refine_id                   'X-RAY DIFFRACTION' 
_refine_hist.cycle_id                         LAST 
_refine_hist.pdbx_number_atoms_protein        809 
_refine_hist.pdbx_number_atoms_nucleic_acid   0 
_refine_hist.pdbx_number_atoms_ligand         0 
_refine_hist.number_atoms_solvent             113 
_refine_hist.number_atoms_total               922 
_refine_hist.d_res_high                       1.632 
_refine_hist.d_res_low                        39.18 
# 
loop_
_refine_ls_restr.pdbx_refine_id 
_refine_ls_restr.criterion 
_refine_ls_restr.dev_ideal 
_refine_ls_restr.dev_ideal_target 
_refine_ls_restr.number 
_refine_ls_restr.rejects 
_refine_ls_restr.type 
_refine_ls_restr.weight 
_refine_ls_restr.pdbx_restraint_function 
'X-RAY DIFFRACTION' ? 0.0057  ? 830  ? f_bond_d           ? ? 
'X-RAY DIFFRACTION' ? 0.8302  ? 1123 ? f_angle_d          ? ? 
'X-RAY DIFFRACTION' ? 0.0589  ? 131  ? f_chiral_restr     ? ? 
'X-RAY DIFFRACTION' ? 0.0045  ? 145  ? f_plane_restr      ? ? 
'X-RAY DIFFRACTION' ? 18.0672 ? 314  ? f_dihedral_angle_d ? ? 
# 
_struct.entry_id                     6Y9O 
_struct.title                        
'Crystal structure of Whirlin PDZ3_C-ter in complex with CASK internal PDZ binding motif peptide' 
_struct.pdbx_model_details           ? 
_struct.pdbx_formula_weight          ? 
_struct.pdbx_formula_weight_method   ? 
_struct.pdbx_model_type_details      ? 
_struct.pdbx_CASP_flag               N 
# 
_struct_keywords.entry_id        6Y9O 
_struct_keywords.text            'Whirlin, PDZ, Myosin 15a, complex, STRUCTURAL PROTEIN' 
_struct_keywords.pdbx_keywords   'STRUCTURAL PROTEIN' 
# 
loop_
_struct_asym.id 
_struct_asym.pdbx_blank_PDB_chainid_flag 
_struct_asym.pdbx_modified 
_struct_asym.entity_id 
_struct_asym.details 
A N N 1 ? 
B N N 2 ? 
C N N 3 ? 
D N N 3 ? 
# 
loop_
_struct_ref.id 
_struct_ref.db_name 
_struct_ref.db_code 
_struct_ref.pdbx_db_accession 
_struct_ref.pdbx_db_isoform 
_struct_ref.entity_id 
_struct_ref.pdbx_seq_one_letter_code 
_struct_ref.pdbx_align_begin 
1 UNP WHRN_MOUSE Q80VW5 ? 1 
;LEPTSTLVRVRKSAATLGIAIEGGANTRQPLPRIVTIQRGGSAHNCGQLKVGHVILEVNGQTLRGKEHKEAARIIAEAFK
TKERDYIDFLVTEFNVML
;
821 
2 UNP CSKP_MOUSE O70589 ? 2 TAPQWVPVSWVY                                                                                          
915 
# 
loop_
_struct_ref_seq.align_id 
_struct_ref_seq.ref_id 
_struct_ref_seq.pdbx_PDB_id_code 
_struct_ref_seq.pdbx_strand_id 
_struct_ref_seq.seq_align_beg 
_struct_ref_seq.pdbx_seq_align_beg_ins_code 
_struct_ref_seq.seq_align_end 
_struct_ref_seq.pdbx_seq_align_end_ins_code 
_struct_ref_seq.pdbx_db_accession 
_struct_ref_seq.db_align_beg 
_struct_ref_seq.pdbx_db_align_beg_ins_code 
_struct_ref_seq.db_align_end 
_struct_ref_seq.pdbx_db_align_end_ins_code 
_struct_ref_seq.pdbx_auth_seq_align_beg 
_struct_ref_seq.pdbx_auth_seq_align_end 
1 1 6Y9O A 8 ? 105 ? Q80VW5 821 ? 918 ? 809 906 
2 2 6Y9O C 1 ? 12  ? O70589 915 ? 926 ? 915 926 
# 
loop_
_struct_ref_seq_dif.align_id 
_struct_ref_seq_dif.pdbx_pdb_id_code 
_struct_ref_seq_dif.mon_id 
_struct_ref_seq_dif.pdbx_pdb_strand_id 
_struct_ref_seq_dif.seq_num 
_struct_ref_seq_dif.pdbx_pdb_ins_code 
_struct_ref_seq_dif.pdbx_seq_db_name 
_struct_ref_seq_dif.pdbx_seq_db_accession_code 
_struct_ref_seq_dif.db_mon_id 
_struct_ref_seq_dif.pdbx_seq_db_seq_num 
_struct_ref_seq_dif.details 
_struct_ref_seq_dif.pdbx_auth_seq_num 
_struct_ref_seq_dif.pdbx_ordinal 
1 6Y9O GLY A 1 ? UNP Q80VW5 ? ? 'expression tag' 802 1 
1 6Y9O ALA A 2 ? UNP Q80VW5 ? ? 'expression tag' 803 2 
1 6Y9O MET A 3 ? UNP Q80VW5 ? ? 'expression tag' 804 3 
1 6Y9O GLY A 4 ? UNP Q80VW5 ? ? 'expression tag' 805 4 
1 6Y9O SER A 5 ? UNP Q80VW5 ? ? 'expression tag' 806 5 
1 6Y9O THR A 6 ? UNP Q80VW5 ? ? 'expression tag' 807 6 
1 6Y9O SER A 7 ? UNP Q80VW5 ? ? 'expression tag' 808 7 
# 
_pdbx_struct_assembly.id                   1 
_pdbx_struct_assembly.details              author_and_software_defined_assembly 
_pdbx_struct_assembly.method_details       PISA 
_pdbx_struct_assembly.oligomeric_details   dimeric 
_pdbx_struct_assembly.oligomeric_count     2 
# 
loop_
_pdbx_struct_assembly_prop.biol_id 
_pdbx_struct_assembly_prop.type 
_pdbx_struct_assembly_prop.value 
_pdbx_struct_assembly_prop.details 
1 'ABSA (A^2)' 1040 ? 
1 MORE         -9   ? 
1 'SSA (A^2)'  5800 ? 
# 
_pdbx_struct_assembly_gen.assembly_id       1 
_pdbx_struct_assembly_gen.oper_expression   1 
_pdbx_struct_assembly_gen.asym_id_list      A,B,C,D 
# 
_pdbx_struct_assembly_auth_evidence.id                     1 
_pdbx_struct_assembly_auth_evidence.assembly_id            1 
_pdbx_struct_assembly_auth_evidence.experimental_support   SAXS 
_pdbx_struct_assembly_auth_evidence.details                ? 
# 
_pdbx_struct_oper_list.id                   1 
_pdbx_struct_oper_list.type                 'identity operation' 
_pdbx_struct_oper_list.name                 1_555 
_pdbx_struct_oper_list.symmetry_operation   x,y,z 
_pdbx_struct_oper_list.matrix[1][1]         1.0000000000 
_pdbx_struct_oper_list.matrix[1][2]         0.0000000000 
_pdbx_struct_oper_list.matrix[1][3]         0.0000000000 
_pdbx_struct_oper_list.vector[1]            0.0000000000 
_pdbx_struct_oper_list.matrix[2][1]         0.0000000000 
_pdbx_struct_oper_list.matrix[2][2]         1.0000000000 
_pdbx_struct_oper_list.matrix[2][3]         0.0000000000 
_pdbx_struct_oper_list.vector[2]            0.0000000000 
_pdbx_struct_oper_list.matrix[3][1]         0.0000000000 
_pdbx_struct_oper_list.matrix[3][2]         0.0000000000 
_pdbx_struct_oper_list.matrix[3][3]         1.0000000000 
_pdbx_struct_oper_list.vector[3]            0.0000000000 
# 
loop_
_struct_conf.conf_type_id 
_struct_conf.id 
_struct_conf.pdbx_PDB_helix_id 
_struct_conf.beg_label_comp_id 
_struct_conf.beg_label_asym_id 
_struct_conf.beg_label_seq_id 
_struct_conf.pdbx_beg_PDB_ins_code 
_struct_conf.end_label_comp_id 
_struct_conf.end_label_asym_id 
_struct_conf.end_label_seq_id 
_struct_conf.pdbx_end_PDB_ins_code 
_struct_conf.beg_auth_comp_id 
_struct_conf.beg_auth_asym_id 
_struct_conf.beg_auth_seq_id 
_struct_conf.end_auth_comp_id 
_struct_conf.end_auth_asym_id 
_struct_conf.end_auth_seq_id 
_struct_conf.pdbx_PDB_helix_class 
_struct_conf.details 
_struct_conf.pdbx_PDB_helix_length 
HELX_P HELX_P1 AA1 GLY A 48 ? GLY A 54 ? GLY A 849 GLY A 855 1 ? 7  
HELX_P HELX_P2 AA2 GLU A 74 ? THR A 88 ? GLU A 875 THR A 889 1 ? 15 
# 
_struct_conf_type.id          HELX_P 
_struct_conf_type.criteria    ? 
_struct_conf_type.reference   ? 
# 
loop_
_struct_sheet.id 
_struct_sheet.type 
_struct_sheet.number_strands 
_struct_sheet.details 
AA1 ? 4 ? 
AA2 ? 3 ? 
# 
loop_
_struct_sheet_order.sheet_id 
_struct_sheet_order.range_id_1 
_struct_sheet_order.range_id_2 
_struct_sheet_order.offset 
_struct_sheet_order.sense 
AA1 1 2 ? anti-parallel 
AA1 2 3 ? anti-parallel 
AA1 3 4 ? anti-parallel 
AA2 1 2 ? anti-parallel 
AA2 2 3 ? anti-parallel 
# 
loop_
_struct_sheet_range.sheet_id 
_struct_sheet_range.id 
_struct_sheet_range.beg_label_comp_id 
_struct_sheet_range.beg_label_asym_id 
_struct_sheet_range.beg_label_seq_id 
_struct_sheet_range.pdbx_beg_PDB_ins_code 
_struct_sheet_range.end_label_comp_id 
_struct_sheet_range.end_label_asym_id 
_struct_sheet_range.end_label_seq_id 
_struct_sheet_range.pdbx_end_PDB_ins_code 
_struct_sheet_range.beg_auth_comp_id 
_struct_sheet_range.beg_auth_asym_id 
_struct_sheet_range.beg_auth_seq_id 
_struct_sheet_range.end_auth_comp_id 
_struct_sheet_range.end_auth_asym_id 
_struct_sheet_range.end_auth_seq_id 
AA1 1 THR A 13 ? ARG A 18 ? THR A 814 ARG A 819 
AA1 2 TYR A 93 ? THR A 99 ? TYR A 894 THR A 900 
AA1 3 VAL A 61 ? VAL A 65 ? VAL A 862 VAL A 866 
AA1 4 GLN A 68 ? THR A 69 ? GLN A 869 THR A 870 
AA2 1 ARG A 40 ? ILE A 44 ? ARG A 841 ILE A 845 
AA2 2 ILE A 26 ? GLU A 29 ? ILE A 827 GLU A 830 
AA2 3 VAL B 8  ? VAL B 11 ? VAL C 922 VAL C 925 
# 
loop_
_pdbx_struct_sheet_hbond.sheet_id 
_pdbx_struct_sheet_hbond.range_id_1 
_pdbx_struct_sheet_hbond.range_id_2 
_pdbx_struct_sheet_hbond.range_1_label_atom_id 
_pdbx_struct_sheet_hbond.range_1_label_comp_id 
_pdbx_struct_sheet_hbond.range_1_label_asym_id 
_pdbx_struct_sheet_hbond.range_1_label_seq_id 
_pdbx_struct_sheet_hbond.range_1_PDB_ins_code 
_pdbx_struct_sheet_hbond.range_1_auth_atom_id 
_pdbx_struct_sheet_hbond.range_1_auth_comp_id 
_pdbx_struct_sheet_hbond.range_1_auth_asym_id 
_pdbx_struct_sheet_hbond.range_1_auth_seq_id 
_pdbx_struct_sheet_hbond.range_2_label_atom_id 
_pdbx_struct_sheet_hbond.range_2_label_comp_id 
_pdbx_struct_sheet_hbond.range_2_label_asym_id 
_pdbx_struct_sheet_hbond.range_2_label_seq_id 
_pdbx_struct_sheet_hbond.range_2_PDB_ins_code 
_pdbx_struct_sheet_hbond.range_2_auth_atom_id 
_pdbx_struct_sheet_hbond.range_2_auth_comp_id 
_pdbx_struct_sheet_hbond.range_2_auth_asym_id 
_pdbx_struct_sheet_hbond.range_2_auth_seq_id 
AA1 1 2 N VAL A 17 ? N VAL A 818 O ILE A 94 ? O ILE A 895 
AA1 2 3 O THR A 99 ? O THR A 900 N VAL A 61 ? N VAL A 862 
AA1 3 4 N VAL A 65 ? N VAL A 866 O GLN A 68 ? O GLN A 869 
AA2 1 2 O VAL A 42 ? O VAL A 843 N ALA A 27 ? N ALA A 828 
AA2 2 3 N ILE A 26 ? N ILE A 827 O VAL B 11 ? O VAL C 925 
# 
_pdbx_validate_close_contact.id               1 
_pdbx_validate_close_contact.PDB_model_num    1 
_pdbx_validate_close_contact.auth_atom_id_1   O 
_pdbx_validate_close_contact.auth_asym_id_1   A 
_pdbx_validate_close_contact.auth_comp_id_1   HOH 
_pdbx_validate_close_contact.auth_seq_id_1    1065 
_pdbx_validate_close_contact.PDB_ins_code_1   ? 
_pdbx_validate_close_contact.label_alt_id_1   ? 
_pdbx_validate_close_contact.auth_atom_id_2   O 
_pdbx_validate_close_contact.auth_asym_id_2   A 
_pdbx_validate_close_contact.auth_comp_id_2   HOH 
_pdbx_validate_close_contact.auth_seq_id_2    1093 
_pdbx_validate_close_contact.PDB_ins_code_2   ? 
_pdbx_validate_close_contact.label_alt_id_2   ? 
_pdbx_validate_close_contact.dist             2.13 
# 
_pdbx_validate_torsion.id              1 
_pdbx_validate_torsion.PDB_model_num   1 
_pdbx_validate_torsion.auth_comp_id    PHE 
_pdbx_validate_torsion.auth_asym_id    A 
_pdbx_validate_torsion.auth_seq_id     902 
_pdbx_validate_torsion.PDB_ins_code    ? 
_pdbx_validate_torsion.label_alt_id    ? 
_pdbx_validate_torsion.phi             -116.79 
_pdbx_validate_torsion.psi             -169.97 
# 
loop_
_pdbx_struct_special_symmetry.id 
_pdbx_struct_special_symmetry.PDB_model_num 
_pdbx_struct_special_symmetry.auth_asym_id 
_pdbx_struct_special_symmetry.auth_comp_id 
_pdbx_struct_special_symmetry.auth_seq_id 
_pdbx_struct_special_symmetry.PDB_ins_code 
_pdbx_struct_special_symmetry.label_asym_id 
_pdbx_struct_special_symmetry.label_comp_id 
_pdbx_struct_special_symmetry.label_seq_id 
1 1 A HOH 1008 ? C HOH . 
2 1 A HOH 1055 ? C HOH . 
3 1 A HOH 1101 ? C HOH . 
# 
loop_
_space_group_symop.id 
_space_group_symop.operation_xyz 
1 x,y,z          
2 -y,x-y,z+1/3   
3 -x+y,-x,z+2/3  
4 x-y,-y,-z+2/3  
5 -x,-x+y,-z+1/3 
6 y,x,-z         
# 
loop_
_pdbx_unobs_or_zero_occ_residues.id 
_pdbx_unobs_or_zero_occ_residues.PDB_model_num 
_pdbx_unobs_or_zero_occ_residues.polymer_flag 
_pdbx_unobs_or_zero_occ_residues.occupancy_flag 
_pdbx_unobs_or_zero_occ_residues.auth_asym_id 
_pdbx_unobs_or_zero_occ_residues.auth_comp_id 
_pdbx_unobs_or_zero_occ_residues.auth_seq_id 
_pdbx_unobs_or_zero_occ_residues.PDB_ins_code 
_pdbx_unobs_or_zero_occ_residues.label_asym_id 
_pdbx_unobs_or_zero_occ_residues.label_comp_id 
_pdbx_unobs_or_zero_occ_residues.label_seq_id 
1  1 Y 1 A GLY 802 ? A GLY 1 
2  1 Y 1 A ALA 803 ? A ALA 2 
3  1 Y 1 A MET 804 ? A MET 3 
4  1 Y 1 A GLY 805 ? A GLY 4 
5  1 Y 1 A SER 806 ? A SER 5 
6  1 Y 1 A THR 807 ? A THR 6 
7  1 Y 1 A SER 808 ? A SER 7 
8  1 Y 1 A LEU 809 ? A LEU 8 
9  1 Y 1 C THR 915 ? B THR 1 
10 1 Y 1 C ALA 916 ? B ALA 2 
11 1 Y 1 C PRO 917 ? B PRO 3 
12 1 Y 1 C GLN 918 ? B GLN 4 
13 1 Y 1 C TRP 919 ? B TRP 5 
# 
loop_
_chem_comp_atom.comp_id 
_chem_comp_atom.atom_id 
_chem_comp_atom.type_symbol 
_chem_comp_atom.pdbx_aromatic_flag 
_chem_comp_atom.pdbx_stereo_config 
_chem_comp_atom.pdbx_ordinal 
ALA N    N N N 1   
ALA CA   C N S 2   
ALA C    C N N 3   
ALA O    O N N 4   
ALA CB   C N N 5   
ALA OXT  O N N 6   
ALA H    H N N 7   
ALA H2   H N N 8   
ALA HA   H N N 9   
ALA HB1  H N N 10  
ALA HB2  H N N 11  
ALA HB3  H N N 12  
ALA HXT  H N N 13  
ARG N    N N N 14  
ARG CA   C N S 15  
ARG C    C N N 16  
ARG O    O N N 17  
ARG CB   C N N 18  
ARG CG   C N N 19  
ARG CD   C N N 20  
ARG NE   N N N 21  
ARG CZ   C N N 22  
ARG NH1  N N N 23  
ARG NH2  N N N 24  
ARG OXT  O N N 25  
ARG H    H N N 26  
ARG H2   H N N 27  
ARG HA   H N N 28  
ARG HB2  H N N 29  
ARG HB3  H N N 30  
ARG HG2  H N N 31  
ARG HG3  H N N 32  
ARG HD2  H N N 33  
ARG HD3  H N N 34  
ARG HE   H N N 35  
ARG HH11 H N N 36  
ARG HH12 H N N 37  
ARG HH21 H N N 38  
ARG HH22 H N N 39  
ARG HXT  H N N 40  
ASN N    N N N 41  
ASN CA   C N S 42  
ASN C    C N N 43  
ASN O    O N N 44  
ASN CB   C N N 45  
ASN CG   C N N 46  
ASN OD1  O N N 47  
ASN ND2  N N N 48  
ASN OXT  O N N 49  
ASN H    H N N 50  
ASN H2   H N N 51  
ASN HA   H N N 52  
ASN HB2  H N N 53  
ASN HB3  H N N 54  
ASN HD21 H N N 55  
ASN HD22 H N N 56  
ASN HXT  H N N 57  
ASP N    N N N 58  
ASP CA   C N S 59  
ASP C    C N N 60  
ASP O    O N N 61  
ASP CB   C N N 62  
ASP CG   C N N 63  
ASP OD1  O N N 64  
ASP OD2  O N N 65  
ASP OXT  O N N 66  
ASP H    H N N 67  
ASP H2   H N N 68  
ASP HA   H N N 69  
ASP HB2  H N N 70  
ASP HB3  H N N 71  
ASP HD2  H N N 72  
ASP HXT  H N N 73  
CYS N    N N N 74  
CYS CA   C N R 75  
CYS C    C N N 76  
CYS O    O N N 77  
CYS CB   C N N 78  
CYS SG   S N N 79  
CYS OXT  O N N 80  
CYS H    H N N 81  
CYS H2   H N N 82  
CYS HA   H N N 83  
CYS HB2  H N N 84  
CYS HB3  H N N 85  
CYS HG   H N N 86  
CYS HXT  H N N 87  
GLN N    N N N 88  
GLN CA   C N S 89  
GLN C    C N N 90  
GLN O    O N N 91  
GLN CB   C N N 92  
GLN CG   C N N 93  
GLN CD   C N N 94  
GLN OE1  O N N 95  
GLN NE2  N N N 96  
GLN OXT  O N N 97  
GLN H    H N N 98  
GLN H2   H N N 99  
GLN HA   H N N 100 
GLN HB2  H N N 101 
GLN HB3  H N N 102 
GLN HG2  H N N 103 
GLN HG3  H N N 104 
GLN HE21 H N N 105 
GLN HE22 H N N 106 
GLN HXT  H N N 107 
GLU N    N N N 108 
GLU CA   C N S 109 
GLU C    C N N 110 
GLU O    O N N 111 
GLU CB   C N N 112 
GLU CG   C N N 113 
GLU CD   C N N 114 
GLU OE1  O N N 115 
GLU OE2  O N N 116 
GLU OXT  O N N 117 
GLU H    H N N 118 
GLU H2   H N N 119 
GLU HA   H N N 120 
GLU HB2  H N N 121 
GLU HB3  H N N 122 
GLU HG2  H N N 123 
GLU HG3  H N N 124 
GLU HE2  H N N 125 
GLU HXT  H N N 126 
GLY N    N N N 127 
GLY CA   C N N 128 
GLY C    C N N 129 
GLY O    O N N 130 
GLY OXT  O N N 131 
GLY H    H N N 132 
GLY H2   H N N 133 
GLY HA2  H N N 134 
GLY HA3  H N N 135 
GLY HXT  H N N 136 
HIS N    N N N 137 
HIS CA   C N S 138 
HIS C    C N N 139 
HIS O    O N N 140 
HIS CB   C N N 141 
HIS CG   C Y N 142 
HIS ND1  N Y N 143 
HIS CD2  C Y N 144 
HIS CE1  C Y N 145 
HIS NE2  N Y N 146 
HIS OXT  O N N 147 
HIS H    H N N 148 
HIS H2   H N N 149 
HIS HA   H N N 150 
HIS HB2  H N N 151 
HIS HB3  H N N 152 
HIS HD1  H N N 153 
HIS HD2  H N N 154 
HIS HE1  H N N 155 
HIS HE2  H N N 156 
HIS HXT  H N N 157 
HOH O    O N N 158 
HOH H1   H N N 159 
HOH H2   H N N 160 
ILE N    N N N 161 
ILE CA   C N S 162 
ILE C    C N N 163 
ILE O    O N N 164 
ILE CB   C N S 165 
ILE CG1  C N N 166 
ILE CG2  C N N 167 
ILE CD1  C N N 168 
ILE OXT  O N N 169 
ILE H    H N N 170 
ILE H2   H N N 171 
ILE HA   H N N 172 
ILE HB   H N N 173 
ILE HG12 H N N 174 
ILE HG13 H N N 175 
ILE HG21 H N N 176 
ILE HG22 H N N 177 
ILE HG23 H N N 178 
ILE HD11 H N N 179 
ILE HD12 H N N 180 
ILE HD13 H N N 181 
ILE HXT  H N N 182 
LEU N    N N N 183 
LEU CA   C N S 184 
LEU C    C N N 185 
LEU O    O N N 186 
LEU CB   C N N 187 
LEU CG   C N N 188 
LEU CD1  C N N 189 
LEU CD2  C N N 190 
LEU OXT  O N N 191 
LEU H    H N N 192 
LEU H2   H N N 193 
LEU HA   H N N 194 
LEU HB2  H N N 195 
LEU HB3  H N N 196 
LEU HG   H N N 197 
LEU HD11 H N N 198 
LEU HD12 H N N 199 
LEU HD13 H N N 200 
LEU HD21 H N N 201 
LEU HD22 H N N 202 
LEU HD23 H N N 203 
LEU HXT  H N N 204 
LYS N    N N N 205 
LYS CA   C N S 206 
LYS C    C N N 207 
LYS O    O N N 208 
LYS CB   C N N 209 
LYS CG   C N N 210 
LYS CD   C N N 211 
LYS CE   C N N 212 
LYS NZ   N N N 213 
LYS OXT  O N N 214 
LYS H    H N N 215 
LYS H2   H N N 216 
LYS HA   H N N 217 
LYS HB2  H N N 218 
LYS HB3  H N N 219 
LYS HG2  H N N 220 
LYS HG3  H N N 221 
LYS HD2  H N N 222 
LYS HD3  H N N 223 
LYS HE2  H N N 224 
LYS HE3  H N N 225 
LYS HZ1  H N N 226 
LYS HZ2  H N N 227 
LYS HZ3  H N N 228 
LYS HXT  H N N 229 
MET N    N N N 230 
MET CA   C N S 231 
MET C    C N N 232 
MET O    O N N 233 
MET CB   C N N 234 
MET CG   C N N 235 
MET SD   S N N 236 
MET CE   C N N 237 
MET OXT  O N N 238 
MET H    H N N 239 
MET H2   H N N 240 
MET HA   H N N 241 
MET HB2  H N N 242 
MET HB3  H N N 243 
MET HG2  H N N 244 
MET HG3  H N N 245 
MET HE1  H N N 246 
MET HE2  H N N 247 
MET HE3  H N N 248 
MET HXT  H N N 249 
PHE N    N N N 250 
PHE CA   C N S 251 
PHE C    C N N 252 
PHE O    O N N 253 
PHE CB   C N N 254 
PHE CG   C Y N 255 
PHE CD1  C Y N 256 
PHE CD2  C Y N 257 
PHE CE1  C Y N 258 
PHE CE2  C Y N 259 
PHE CZ   C Y N 260 
PHE OXT  O N N 261 
PHE H    H N N 262 
PHE H2   H N N 263 
PHE HA   H N N 264 
PHE HB2  H N N 265 
PHE HB3  H N N 266 
PHE HD1  H N N 267 
PHE HD2  H N N 268 
PHE HE1  H N N 269 
PHE HE2  H N N 270 
PHE HZ   H N N 271 
PHE HXT  H N N 272 
PRO N    N N N 273 
PRO CA   C N S 274 
PRO C    C N N 275 
PRO O    O N N 276 
PRO CB   C N N 277 
PRO CG   C N N 278 
PRO CD   C N N 279 
PRO OXT  O N N 280 
PRO H    H N N 281 
PRO HA   H N N 282 
PRO HB2  H N N 283 
PRO HB3  H N N 284 
PRO HG2  H N N 285 
PRO HG3  H N N 286 
PRO HD2  H N N 287 
PRO HD3  H N N 288 
PRO HXT  H N N 289 
SER N    N N N 290 
SER CA   C N S 291 
SER C    C N N 292 
SER O    O N N 293 
SER CB   C N N 294 
SER OG   O N N 295 
SER OXT  O N N 296 
SER H    H N N 297 
SER H2   H N N 298 
SER HA   H N N 299 
SER HB2  H N N 300 
SER HB3  H N N 301 
SER HG   H N N 302 
SER HXT  H N N 303 
THR N    N N N 304 
THR CA   C N S 305 
THR C    C N N 306 
THR O    O N N 307 
THR CB   C N R 308 
THR OG1  O N N 309 
THR CG2  C N N 310 
THR OXT  O N N 311 
THR H    H N N 312 
THR H2   H N N 313 
THR HA   H N N 314 
THR HB   H N N 315 
THR HG1  H N N 316 
THR HG21 H N N 317 
THR HG22 H N N 318 
THR HG23 H N N 319 
THR HXT  H N N 320 
TRP N    N N N 321 
TRP CA   C N S 322 
TRP C    C N N 323 
TRP O    O N N 324 
TRP CB   C N N 325 
TRP CG   C Y N 326 
TRP CD1  C Y N 327 
TRP CD2  C Y N 328 
TRP NE1  N Y N 329 
TRP CE2  C Y N 330 
TRP CE3  C Y N 331 
TRP CZ2  C Y N 332 
TRP CZ3  C Y N 333 
TRP CH2  C Y N 334 
TRP OXT  O N N 335 
TRP H    H N N 336 
TRP H2   H N N 337 
TRP HA   H N N 338 
TRP HB2  H N N 339 
TRP HB3  H N N 340 
TRP HD1  H N N 341 
TRP HE1  H N N 342 
TRP HE3  H N N 343 
TRP HZ2  H N N 344 
TRP HZ3  H N N 345 
TRP HH2  H N N 346 
TRP HXT  H N N 347 
TYR N    N N N 348 
TYR CA   C N S 349 
TYR C    C N N 350 
TYR O    O N N 351 
TYR CB   C N N 352 
TYR CG   C Y N 353 
TYR CD1  C Y N 354 
TYR CD2  C Y N 355 
TYR CE1  C Y N 356 
TYR CE2  C Y N 357 
TYR CZ   C Y N 358 
TYR OH   O N N 359 
TYR OXT  O N N 360 
TYR H    H N N 361 
TYR H2   H N N 362 
TYR HA   H N N 363 
TYR HB2  H N N 364 
TYR HB3  H N N 365 
TYR HD1  H N N 366 
TYR HD2  H N N 367 
TYR HE1  H N N 368 
TYR HE2  H N N 369 
TYR HH   H N N 370 
TYR HXT  H N N 371 
VAL N    N N N 372 
VAL CA   C N S 373 
VAL C    C N N 374 
VAL O    O N N 375 
VAL CB   C N N 376 
VAL CG1  C N N 377 
VAL CG2  C N N 378 
VAL OXT  O N N 379 
VAL H    H N N 380 
VAL H2   H N N 381 
VAL HA   H N N 382 
VAL HB   H N N 383 
VAL HG11 H N N 384 
VAL HG12 H N N 385 
VAL HG13 H N N 386 
VAL HG21 H N N 387 
VAL HG22 H N N 388 
VAL HG23 H N N 389 
VAL HXT  H N N 390 
# 
loop_
_chem_comp_bond.comp_id 
_chem_comp_bond.atom_id_1 
_chem_comp_bond.atom_id_2 
_chem_comp_bond.value_order 
_chem_comp_bond.pdbx_aromatic_flag 
_chem_comp_bond.pdbx_stereo_config 
_chem_comp_bond.pdbx_ordinal 
ALA N   CA   sing N N 1   
ALA N   H    sing N N 2   
ALA N   H2   sing N N 3   
ALA CA  C    sing N N 4   
ALA CA  CB   sing N N 5   
ALA CA  HA   sing N N 6   
ALA C   O    doub N N 7   
ALA C   OXT  sing N N 8   
ALA CB  HB1  sing N N 9   
ALA CB  HB2  sing N N 10  
ALA CB  HB3  sing N N 11  
ALA OXT HXT  sing N N 12  
ARG N   CA   sing N N 13  
ARG N   H    sing N N 14  
ARG N   H2   sing N N 15  
ARG CA  C    sing N N 16  
ARG CA  CB   sing N N 17  
ARG CA  HA   sing N N 18  
ARG C   O    doub N N 19  
ARG C   OXT  sing N N 20  
ARG CB  CG   sing N N 21  
ARG CB  HB2  sing N N 22  
ARG CB  HB3  sing N N 23  
ARG CG  CD   sing N N 24  
ARG CG  HG2  sing N N 25  
ARG CG  HG3  sing N N 26  
ARG CD  NE   sing N N 27  
ARG CD  HD2  sing N N 28  
ARG CD  HD3  sing N N 29  
ARG NE  CZ   sing N N 30  
ARG NE  HE   sing N N 31  
ARG CZ  NH1  sing N N 32  
ARG CZ  NH2  doub N N 33  
ARG NH1 HH11 sing N N 34  
ARG NH1 HH12 sing N N 35  
ARG NH2 HH21 sing N N 36  
ARG NH2 HH22 sing N N 37  
ARG OXT HXT  sing N N 38  
ASN N   CA   sing N N 39  
ASN N   H    sing N N 40  
ASN N   H2   sing N N 41  
ASN CA  C    sing N N 42  
ASN CA  CB   sing N N 43  
ASN CA  HA   sing N N 44  
ASN C   O    doub N N 45  
ASN C   OXT  sing N N 46  
ASN CB  CG   sing N N 47  
ASN CB  HB2  sing N N 48  
ASN CB  HB3  sing N N 49  
ASN CG  OD1  doub N N 50  
ASN CG  ND2  sing N N 51  
ASN ND2 HD21 sing N N 52  
ASN ND2 HD22 sing N N 53  
ASN OXT HXT  sing N N 54  
ASP N   CA   sing N N 55  
ASP N   H    sing N N 56  
ASP N   H2   sing N N 57  
ASP CA  C    sing N N 58  
ASP CA  CB   sing N N 59  
ASP CA  HA   sing N N 60  
ASP C   O    doub N N 61  
ASP C   OXT  sing N N 62  
ASP CB  CG   sing N N 63  
ASP CB  HB2  sing N N 64  
ASP CB  HB3  sing N N 65  
ASP CG  OD1  doub N N 66  
ASP CG  OD2  sing N N 67  
ASP OD2 HD2  sing N N 68  
ASP OXT HXT  sing N N 69  
CYS N   CA   sing N N 70  
CYS N   H    sing N N 71  
CYS N   H2   sing N N 72  
CYS CA  C    sing N N 73  
CYS CA  CB   sing N N 74  
CYS CA  HA   sing N N 75  
CYS C   O    doub N N 76  
CYS C   OXT  sing N N 77  
CYS CB  SG   sing N N 78  
CYS CB  HB2  sing N N 79  
CYS CB  HB3  sing N N 80  
CYS SG  HG   sing N N 81  
CYS OXT HXT  sing N N 82  
GLN N   CA   sing N N 83  
GLN N   H    sing N N 84  
GLN N   H2   sing N N 85  
GLN CA  C    sing N N 86  
GLN CA  CB   sing N N 87  
GLN CA  HA   sing N N 88  
GLN C   O    doub N N 89  
GLN C   OXT  sing N N 90  
GLN CB  CG   sing N N 91  
GLN CB  HB2  sing N N 92  
GLN CB  HB3  sing N N 93  
GLN CG  CD   sing N N 94  
GLN CG  HG2  sing N N 95  
GLN CG  HG3  sing N N 96  
GLN CD  OE1  doub N N 97  
GLN CD  NE2  sing N N 98  
GLN NE2 HE21 sing N N 99  
GLN NE2 HE22 sing N N 100 
GLN OXT HXT  sing N N 101 
GLU N   CA   sing N N 102 
GLU N   H    sing N N 103 
GLU N   H2   sing N N 104 
GLU CA  C    sing N N 105 
GLU CA  CB   sing N N 106 
GLU CA  HA   sing N N 107 
GLU C   O    doub N N 108 
GLU C   OXT  sing N N 109 
GLU CB  CG   sing N N 110 
GLU CB  HB2  sing N N 111 
GLU CB  HB3  sing N N 112 
GLU CG  CD   sing N N 113 
GLU CG  HG2  sing N N 114 
GLU CG  HG3  sing N N 115 
GLU CD  OE1  doub N N 116 
GLU CD  OE2  sing N N 117 
GLU OE2 HE2  sing N N 118 
GLU OXT HXT  sing N N 119 
GLY N   CA   sing N N 120 
GLY N   H    sing N N 121 
GLY N   H2   sing N N 122 
GLY CA  C    sing N N 123 
GLY CA  HA2  sing N N 124 
GLY CA  HA3  sing N N 125 
GLY C   O    doub N N 126 
GLY C   OXT  sing N N 127 
GLY OXT HXT  sing N N 128 
HIS N   CA   sing N N 129 
HIS N   H    sing N N 130 
HIS N   H2   sing N N 131 
HIS CA  C    sing N N 132 
HIS CA  CB   sing N N 133 
HIS CA  HA   sing N N 134 
HIS C   O    doub N N 135 
HIS C   OXT  sing N N 136 
HIS CB  CG   sing N N 137 
HIS CB  HB2  sing N N 138 
HIS CB  HB3  sing N N 139 
HIS CG  ND1  sing Y N 140 
HIS CG  CD2  doub Y N 141 
HIS ND1 CE1  doub Y N 142 
HIS ND1 HD1  sing N N 143 
HIS CD2 NE2  sing Y N 144 
HIS CD2 HD2  sing N N 145 
HIS CE1 NE2  sing Y N 146 
HIS CE1 HE1  sing N N 147 
HIS NE2 HE2  sing N N 148 
HIS OXT HXT  sing N N 149 
HOH O   H1   sing N N 150 
HOH O   H2   sing N N 151 
ILE N   CA   sing N N 152 
ILE N   H    sing N N 153 
ILE N   H2   sing N N 154 
ILE CA  C    sing N N 155 
ILE CA  CB   sing N N 156 
ILE CA  HA   sing N N 157 
ILE C   O    doub N N 158 
ILE C   OXT  sing N N 159 
ILE CB  CG1  sing N N 160 
ILE CB  CG2  sing N N 161 
ILE CB  HB   sing N N 162 
ILE CG1 CD1  sing N N 163 
ILE CG1 HG12 sing N N 164 
ILE CG1 HG13 sing N N 165 
ILE CG2 HG21 sing N N 166 
ILE CG2 HG22 sing N N 167 
ILE CG2 HG23 sing N N 168 
ILE CD1 HD11 sing N N 169 
ILE CD1 HD12 sing N N 170 
ILE CD1 HD13 sing N N 171 
ILE OXT HXT  sing N N 172 
LEU N   CA   sing N N 173 
LEU N   H    sing N N 174 
LEU N   H2   sing N N 175 
LEU CA  C    sing N N 176 
LEU CA  CB   sing N N 177 
LEU CA  HA   sing N N 178 
LEU C   O    doub N N 179 
LEU C   OXT  sing N N 180 
LEU CB  CG   sing N N 181 
LEU CB  HB2  sing N N 182 
LEU CB  HB3  sing N N 183 
LEU CG  CD1  sing N N 184 
LEU CG  CD2  sing N N 185 
LEU CG  HG   sing N N 186 
LEU CD1 HD11 sing N N 187 
LEU CD1 HD12 sing N N 188 
LEU CD1 HD13 sing N N 189 
LEU CD2 HD21 sing N N 190 
LEU CD2 HD22 sing N N 191 
LEU CD2 HD23 sing N N 192 
LEU OXT HXT  sing N N 193 
LYS N   CA   sing N N 194 
LYS N   H    sing N N 195 
LYS N   H2   sing N N 196 
LYS CA  C    sing N N 197 
LYS CA  CB   sing N N 198 
LYS CA  HA   sing N N 199 
LYS C   O    doub N N 200 
LYS C   OXT  sing N N 201 
LYS CB  CG   sing N N 202 
LYS CB  HB2  sing N N 203 
LYS CB  HB3  sing N N 204 
LYS CG  CD   sing N N 205 
LYS CG  HG2  sing N N 206 
LYS CG  HG3  sing N N 207 
LYS CD  CE   sing N N 208 
LYS CD  HD2  sing N N 209 
LYS CD  HD3  sing N N 210 
LYS CE  NZ   sing N N 211 
LYS CE  HE2  sing N N 212 
LYS CE  HE3  sing N N 213 
LYS NZ  HZ1  sing N N 214 
LYS NZ  HZ2  sing N N 215 
LYS NZ  HZ3  sing N N 216 
LYS OXT HXT  sing N N 217 
MET N   CA   sing N N 218 
MET N   H    sing N N 219 
MET N   H2   sing N N 220 
MET CA  C    sing N N 221 
MET CA  CB   sing N N 222 
MET CA  HA   sing N N 223 
MET C   O    doub N N 224 
MET C   OXT  sing N N 225 
MET CB  CG   sing N N 226 
MET CB  HB2  sing N N 227 
MET CB  HB3  sing N N 228 
MET CG  SD   sing N N 229 
MET CG  HG2  sing N N 230 
MET CG  HG3  sing N N 231 
MET SD  CE   sing N N 232 
MET CE  HE1  sing N N 233 
MET CE  HE2  sing N N 234 
MET CE  HE3  sing N N 235 
MET OXT HXT  sing N N 236 
PHE N   CA   sing N N 237 
PHE N   H    sing N N 238 
PHE N   H2   sing N N 239 
PHE CA  C    sing N N 240 
PHE CA  CB   sing N N 241 
PHE CA  HA   sing N N 242 
PHE C   O    doub N N 243 
PHE C   OXT  sing N N 244 
PHE CB  CG   sing N N 245 
PHE CB  HB2  sing N N 246 
PHE CB  HB3  sing N N 247 
PHE CG  CD1  doub Y N 248 
PHE CG  CD2  sing Y N 249 
PHE CD1 CE1  sing Y N 250 
PHE CD1 HD1  sing N N 251 
PHE CD2 CE2  doub Y N 252 
PHE CD2 HD2  sing N N 253 
PHE CE1 CZ   doub Y N 254 
PHE CE1 HE1  sing N N 255 
PHE CE2 CZ   sing Y N 256 
PHE CE2 HE2  sing N N 257 
PHE CZ  HZ   sing N N 258 
PHE OXT HXT  sing N N 259 
PRO N   CA   sing N N 260 
PRO N   CD   sing N N 261 
PRO N   H    sing N N 262 
PRO CA  C    sing N N 263 
PRO CA  CB   sing N N 264 
PRO CA  HA   sing N N 265 
PRO C   O    doub N N 266 
PRO C   OXT  sing N N 267 
PRO CB  CG   sing N N 268 
PRO CB  HB2  sing N N 269 
PRO CB  HB3  sing N N 270 
PRO CG  CD   sing N N 271 
PRO CG  HG2  sing N N 272 
PRO CG  HG3  sing N N 273 
PRO CD  HD2  sing N N 274 
PRO CD  HD3  sing N N 275 
PRO OXT HXT  sing N N 276 
SER N   CA   sing N N 277 
SER N   H    sing N N 278 
SER N   H2   sing N N 279 
SER CA  C    sing N N 280 
SER CA  CB   sing N N 281 
SER CA  HA   sing N N 282 
SER C   O    doub N N 283 
SER C   OXT  sing N N 284 
SER CB  OG   sing N N 285 
SER CB  HB2  sing N N 286 
SER CB  HB3  sing N N 287 
SER OG  HG   sing N N 288 
SER OXT HXT  sing N N 289 
THR N   CA   sing N N 290 
THR N   H    sing N N 291 
THR N   H2   sing N N 292 
THR CA  C    sing N N 293 
THR CA  CB   sing N N 294 
THR CA  HA   sing N N 295 
THR C   O    doub N N 296 
THR C   OXT  sing N N 297 
THR CB  OG1  sing N N 298 
THR CB  CG2  sing N N 299 
THR CB  HB   sing N N 300 
THR OG1 HG1  sing N N 301 
THR CG2 HG21 sing N N 302 
THR CG2 HG22 sing N N 303 
THR CG2 HG23 sing N N 304 
THR OXT HXT  sing N N 305 
TRP N   CA   sing N N 306 
TRP N   H    sing N N 307 
TRP N   H2   sing N N 308 
TRP CA  C    sing N N 309 
TRP CA  CB   sing N N 310 
TRP CA  HA   sing N N 311 
TRP C   O    doub N N 312 
TRP C   OXT  sing N N 313 
TRP CB  CG   sing N N 314 
TRP CB  HB2  sing N N 315 
TRP CB  HB3  sing N N 316 
TRP CG  CD1  doub Y N 317 
TRP CG  CD2  sing Y N 318 
TRP CD1 NE1  sing Y N 319 
TRP CD1 HD1  sing N N 320 
TRP CD2 CE2  doub Y N 321 
TRP CD2 CE3  sing Y N 322 
TRP NE1 CE2  sing Y N 323 
TRP NE1 HE1  sing N N 324 
TRP CE2 CZ2  sing Y N 325 
TRP CE3 CZ3  doub Y N 326 
TRP CE3 HE3  sing N N 327 
TRP CZ2 CH2  doub Y N 328 
TRP CZ2 HZ2  sing N N 329 
TRP CZ3 CH2  sing Y N 330 
TRP CZ3 HZ3  sing N N 331 
TRP CH2 HH2  sing N N 332 
TRP OXT HXT  sing N N 333 
TYR N   CA   sing N N 334 
TYR N   H    sing N N 335 
TYR N   H2   sing N N 336 
TYR CA  C    sing N N 337 
TYR CA  CB   sing N N 338 
TYR CA  HA   sing N N 339 
TYR C   O    doub N N 340 
TYR C   OXT  sing N N 341 
TYR CB  CG   sing N N 342 
TYR CB  HB2  sing N N 343 
TYR CB  HB3  sing N N 344 
TYR CG  CD1  doub Y N 345 
TYR CG  CD2  sing Y N 346 
TYR CD1 CE1  sing Y N 347 
TYR CD1 HD1  sing N N 348 
TYR CD2 CE2  doub Y N 349 
TYR CD2 HD2  sing N N 350 
TYR CE1 CZ   doub Y N 351 
TYR CE1 HE1  sing N N 352 
TYR CE2 CZ   sing Y N 353 
TYR CE2 HE2  sing N N 354 
TYR CZ  OH   sing N N 355 
TYR OH  HH   sing N N 356 
TYR OXT HXT  sing N N 357 
VAL N   CA   sing N N 358 
VAL N   H    sing N N 359 
VAL N   H2   sing N N 360 
VAL CA  C    sing N N 361 
VAL CA  CB   sing N N 362 
VAL CA  HA   sing N N 363 
VAL C   O    doub N N 364 
VAL C   OXT  sing N N 365 
VAL CB  CG1  sing N N 366 
VAL CB  CG2  sing N N 367 
VAL CB  HB   sing N N 368 
VAL CG1 HG11 sing N N 369 
VAL CG1 HG12 sing N N 370 
VAL CG1 HG13 sing N N 371 
VAL CG2 HG21 sing N N 372 
VAL CG2 HG22 sing N N 373 
VAL CG2 HG23 sing N N 374 
VAL OXT HXT  sing N N 375 
# 
_pdbx_audit_support.funding_organization   'Marie Sklodowska-Curie Actions, FragNET ITN' 
_pdbx_audit_support.country                France 
_pdbx_audit_support.grant_number           675341 
_pdbx_audit_support.ordinal                1 
# 
_pdbx_initial_refinement_model.id               1 
_pdbx_initial_refinement_model.entity_id_list   ? 
_pdbx_initial_refinement_model.type             'experimental model' 
_pdbx_initial_refinement_model.source_name      PDB 
_pdbx_initial_refinement_model.accession_code   1UFX 
_pdbx_initial_refinement_model.details          ? 
# 
_space_group.crystal_system   trigonal 
_space_group.name_H-M_alt     'P 31 2 1' 
_space_group.IT_number        152 
_space_group.name_Hall        
;P 31 2"
;
_space_group.id               1 
# 
_atom_sites.entry_id                    6Y9O 
_atom_sites.Cartn_transf_matrix[1][1]   ? 
_atom_sites.Cartn_transf_matrix[1][2]   ? 
_atom_sites.Cartn_transf_matrix[1][3]   ? 
_atom_sites.Cartn_transf_matrix[2][1]   ? 
_atom_sites.Cartn_transf_matrix[2][2]   ? 
_atom_sites.Cartn_transf_matrix[2][3]   ? 
_atom_sites.Cartn_transf_matrix[3][1]   ? 
_atom_sites.Cartn_transf_matrix[3][2]   ? 
_atom_sites.Cartn_transf_matrix[3][3]   ? 
_atom_sites.Cartn_transf_vector[1]      ? 
_atom_sites.Cartn_transf_vector[2]      ? 
_atom_sites.Cartn_transf_vector[3]      ? 
_atom_sites.fract_transf_matrix[1][1]   0.00896319 
_atom_sites.fract_transf_matrix[1][2]   0.00053702 
_atom_sites.fract_transf_matrix[1][3]   0.02104324 
_atom_sites.fract_transf_matrix[2][1]   -0.01315077 
_atom_sites.fract_transf_matrix[2][2]   -0.00457172 
_atom_sites.fract_transf_matrix[2][3]   0.01815504 
_atom_sites.fract_transf_matrix[3][1]   0.00264367 
_atom_sites.fract_transf_matrix[3][2]   -0.01096511 
_atom_sites.fract_transf_matrix[3][3]   -0.00084622 
_atom_sites.fract_transf_vector[1]      -0.252872 
_atom_sites.fract_transf_vector[2]      0.439894 
_atom_sites.fract_transf_vector[3]      0.033898 
_atom_sites.solution_primary            ? 
_atom_sites.solution_secondary          ? 
_atom_sites.solution_hydrogens          ? 
_atom_sites.special_details             ? 
# 
loop_
_atom_type.symbol 
C 
N 
O 
S 
# 
loop_
_atom_site.group_PDB 
_atom_site.id 
_atom_site.type_symbol 
_atom_site.label_atom_id 
_atom_site.label_alt_id 
_atom_site.label_comp_id 
_atom_site.label_asym_id 
_atom_site.label_entity_id 
_atom_site.label_seq_id 
_atom_site.pdbx_PDB_ins_code 
_atom_site.Cartn_x 
_atom_site.Cartn_y 
_atom_site.Cartn_z 
_atom_site.occupancy 
_atom_site.B_iso_or_equiv 
_atom_site.pdbx_formal_charge 
_atom_site.auth_seq_id 
_atom_site.auth_comp_id 
_atom_site.auth_asym_id 
_atom_site.auth_atom_id 
_atom_site.pdbx_PDB_model_num 
ATOM   1   N N   . GLU A 1 9   ? -1.23839  9.45192   -16.36634 1.000 53.64000 ? 810  GLU A N   1 
ATOM   2   C CA  . GLU A 1 9   ? -0.19988  8.87679   -17.21823 1.000 33.52000 ? 810  GLU A CA  1 
ATOM   3   C C   . GLU A 1 9   ? 0.93693   8.02712   -16.58478 1.000 29.93000 ? 810  GLU A C   1 
ATOM   4   O O   . GLU A 1 9   ? 1.90037   7.71504   -17.28367 1.000 28.13000 ? 810  GLU A O   1 
ATOM   5   C CB  . GLU A 1 9   ? 0.45150   10.01111  -18.01206 1.000 31.41000 ? 810  GLU A CB  1 
ATOM   6   C CG  . GLU A 1 9   ? 0.74743   11.25516  -17.19458 1.000 34.81000 ? 810  GLU A CG  1 
ATOM   7   C CD  . GLU A 1 9   ? 1.62685   12.23454  -17.94165 1.000 44.41000 ? 810  GLU A CD  1 
ATOM   8   O OE1 . GLU A 1 9   ? 1.16195   12.78593  -18.95995 1.000 53.37000 ? 810  GLU A OE1 1 
ATOM   9   O OE2 . GLU A 1 9   ? 2.78864   12.44191  -17.52045 1.000 46.45000 ? 810  GLU A OE2 1 
ATOM   10  N N   . PRO A 1 10  ? 0.86758   7.63737   -15.30662 1.000 24.73000 ? 811  PRO A N   1 
ATOM   11  C CA  . PRO A 1 10  ? 1.86554   6.68165   -14.81558 1.000 20.91000 ? 811  PRO A CA  1 
ATOM   12  C C   . PRO A 1 10  ? 1.58119   5.28855   -15.34967 1.000 23.95000 ? 811  PRO A C   1 
ATOM   13  O O   . PRO A 1 10  ? 0.44837   4.94895   -15.69119 1.000 24.45000 ? 811  PRO A O   1 
ATOM   14  C CB  . PRO A 1 10  ? 1.69639   6.73279   -13.29326 1.000 24.77000 ? 811  PRO A CB  1 
ATOM   15  C CG  . PRO A 1 10  ? 0.28993   7.09564   -13.09910 1.000 29.06000 ? 811  PRO A CG  1 
ATOM   16  C CD  . PRO A 1 10  ? -0.00542  8.08122   -14.20155 1.000 29.57000 ? 811  PRO A CD  1 
ATOM   17  N N   . THR A 1 11  ? 2.63116   4.47720   -15.41723 1.000 19.33000 ? 812  THR A N   1 
ATOM   18  C CA  . THR A 1 11  ? 2.47211   3.05898   -15.71566 1.000 20.44000 ? 812  THR A CA  1 
ATOM   19  C C   . THR A 1 11  ? 2.11674   2.34912   -14.41779 1.000 20.20000 ? 812  THR A C   1 
ATOM   20  O O   . THR A 1 11  ? 2.92530   2.32219   -13.48099 1.000 22.33000 ? 812  THR A O   1 
ATOM   21  C CB  . THR A 1 11  ? 3.75359   2.49124   -16.30525 1.000 28.78000 ? 812  THR A CB  1 
ATOM   22  O OG1 . THR A 1 11  ? 4.73733   2.40106   -15.27135 1.000 40.02000 ? 812  THR A OG1 1 
ATOM   23  C CG2 . THR A 1 11  ? 4.26773   3.40071   -17.38114 1.000 21.49000 ? 812  THR A CG2 1 
ATOM   24  N N   . SER A 1 12  ? 0.91756   1.77032   -14.35344 1.000 20.77000 ? 813  SER A N   1 
ATOM   25  C CA  . SER A 1 12  ? 0.40593   1.21572   -13.10951 1.000 19.81000 ? 813  SER A CA  1 
ATOM   26  C C   . SER A 1 12  ? -0.12131  -0.19943  -13.31471 1.000 24.11000 ? 813  SER A C   1 
ATOM   27  O O   . SER A 1 12  ? -0.39244  -0.63523  -14.43620 1.000 21.92000 ? 813  SER A O   1 
ATOM   28  C CB  . SER A 1 12  ? -0.70783  2.08953   -12.52676 1.000 17.54000 ? 813  SER A CB  1 
ATOM   29  O OG  . SER A 1 12  ? -1.83050  2.10815   -13.38822 1.000 22.16000 ? 813  SER A OG  1 
ATOM   30  N N   . THR A 1 13  ? -0.28257  -0.89350  -12.18983 1.000 17.92000 ? 814  THR A N   1 
ATOM   31  C CA  . THR A 1 13  ? -0.81317  -2.24526  -12.10426 1.000 16.08000 ? 814  THR A CA  1 
ATOM   32  C C   . THR A 1 13  ? -1.79613  -2.28920  -10.94334 1.000 18.02000 ? 814  THR A C   1 
ATOM   33  O O   . THR A 1 13  ? -1.52023  -1.73566  -9.87570  1.000 18.24000 ? 814  THR A O   1 
ATOM   34  C CB  . THR A 1 13  ? 0.31462   -3.26360  -11.86638 1.000 19.58000 ? 814  THR A CB  1 
ATOM   35  O OG1 . THR A 1 13  ? 1.19188   -3.27120  -12.99712 1.000 33.07000 ? 814  THR A OG1 1 
ATOM   36  C CG2 . THR A 1 13  ? -0.24426  -4.67005  -11.65502 1.000 25.02000 ? 814  THR A CG2 1 
ATOM   37  N N   . LEU A 1 14  ? -2.94402  -2.93213  -11.14406 1.000 17.45000 ? 815  LEU A N   1 
ATOM   38  C CA  . LEU A 1 14  ? -3.89632  -3.13134  -10.05422 1.000 15.47000 ? 815  LEU A CA  1 
ATOM   39  C C   . LEU A 1 14  ? -3.61160  -4.48968  -9.42130  1.000 16.92000 ? 815  LEU A C   1 
ATOM   40  O O   . LEU A 1 14  ? -3.77043  -5.52792  -10.07127 1.000 16.67000 ? 815  LEU A O   1 
ATOM   41  C CB  . LEU A 1 14  ? -5.33130  -3.04336  -10.57120 1.000 15.15000 ? 815  LEU A CB  1 
ATOM   42  C CG  . LEU A 1 14  ? -6.41009  -2.93779  -9.49498  1.000 21.61000 ? 815  LEU A CG  1 
ATOM   43  C CD1 . LEU A 1 14  ? -6.20431  -1.68892  -8.68740  1.000 17.57000 ? 815  LEU A CD1 1 
ATOM   44  C CD2 . LEU A 1 14  ? -7.80207  -2.96335  -10.10392 1.000 25.50000 ? 815  LEU A CD2 1 
ATOM   45  N N   . VAL A 1 15  ? -3.18018  -4.48931  -8.15852  1.000 13.16000 ? 816  VAL A N   1 
ATOM   46  C CA  . VAL A 1 15  ? -2.80390  -5.71125  -7.45644  1.000 12.79000 ? 816  VAL A CA  1 
ATOM   47  C C   . VAL A 1 15  ? -3.84581  -5.99583  -6.38244  1.000 14.70000 ? 816  VAL A C   1 
ATOM   48  O O   . VAL A 1 15  ? -4.06710  -5.17031  -5.48674  1.000 17.30000 ? 816  VAL A O   1 
ATOM   49  C CB  . VAL A 1 15  ? -1.40168  -5.60015  -6.84122  1.000 15.38000 ? 816  VAL A CB  1 
ATOM   50  C CG1 . VAL A 1 15  ? -1.11097  -6.80030  -5.95369  1.000 16.39000 ? 816  VAL A CG1 1 
ATOM   51  C CG2 . VAL A 1 15  ? -0.34816  -5.48191  -7.94240  1.000 15.95000 ? 816  VAL A CG2 1 
ATOM   52  N N   . ARG A 1 16  ? -4.47846  -7.16404  -6.45437  1.000 12.82000 ? 817  ARG A N   1 
ATOM   53  C CA  . ARG A 1 16  ? -5.43955  -7.55301  -5.43254  1.000 13.03000 ? 817  ARG A CA  1 
ATOM   54  C C   . ARG A 1 16  ? -4.72198  -8.41957  -4.40636  1.000 15.92000 ? 817  ARG A C   1 
ATOM   55  O O   . ARG A 1 16  ? -4.11775  -9.44313  -4.76075  1.000 18.24000 ? 817  ARG A O   1 
ATOM   56  C CB  . ARG A 1 16  ? -6.64404  -8.29109  -6.02083  1.000 17.57000 ? 817  ARG A CB  1 
ATOM   57  C CG  . ARG A 1 16  ? -7.61835  -8.78748  -4.94489  1.000 19.99000 ? 817  ARG A CG  1 
ATOM   58  C CD  . ARG A 1 16  ? -8.99554  -9.10894  -5.52312  1.000 19.32000 ? 817  ARG A CD  1 
ATOM   59  N NE  . ARG A 1 16  ? -9.67458  -7.91896  -6.02156  1.000 19.50000 ? 817  ARG A NE  1 
ATOM   60  C CZ  . ARG A 1 16  ? -10.91678 -7.91205  -6.48990  1.000 22.74000 ? 817  ARG A CZ  1 
ATOM   61  N NH1 . ARG A 1 16  ? -11.61444 -9.04050  -6.51825  1.000 24.24000 ? 817  ARG A NH1 1 
ATOM   62  N NH2 . ARG A 1 16  ? -11.45634 -6.77863  -6.92927  1.000 22.96000 ? 817  ARG A NH2 1 
ATOM   63  N N   . VAL A 1 17  ? -4.79521  -8.00849  -3.14483  1.000 13.43000 ? 818  VAL A N   1 
ATOM   64  C CA  . VAL A 1 17  ? -4.23516  -8.74823  -2.02187  1.000 11.86000 ? 818  VAL A CA  1 
ATOM   65  C C   . VAL A 1 17  ? -5.39887  -9.37446  -1.27209  1.000 12.26000 ? 818  VAL A C   1 
ATOM   66  O O   . VAL A 1 17  ? -6.20806  -8.66005  -0.66639  1.000 15.31000 ? 818  VAL A O   1 
ATOM   67  C CB  . VAL A 1 17  ? -3.41435  -7.85192  -1.08693  1.000 14.49000 ? 818  VAL A CB  1 
ATOM   68  C CG1 . VAL A 1 17  ? -2.91683  -8.65740  0.11785   1.000 15.62000 ? 818  VAL A CG1 1 
ATOM   69  C CG2 . VAL A 1 17  ? -2.25352  -7.22669  -1.83274  1.000 14.90000 ? 818  VAL A CG2 1 
ATOM   70  N N   . ARG A 1 18  ? -5.49533  -10.69698 -1.31836  1.000 14.74000 ? 819  ARG A N   1 
ATOM   71  C CA  A ARG A 1 18  ? -6.48746  -11.39998 -0.52159  0.390 14.36000 ? 819  ARG A CA  1 
ATOM   72  C CA  B ARG A 1 18  ? -6.49082  -11.39379 -0.51868  0.610 14.42000 ? 819  ARG A CA  1 
ATOM   73  C C   . ARG A 1 18  ? -5.99905  -11.52713 0.91419   1.000 14.25000 ? 819  ARG A C   1 
ATOM   74  O O   . ARG A 1 18  ? -4.79876  -11.63747 1.17490   1.000 16.00000 ? 819  ARG A O   1 
ATOM   75  C CB  A ARG A 1 18  ? -6.77327  -12.78548 -1.10524  0.390 16.16000 ? 819  ARG A CB  1 
ATOM   76  C CB  B ARG A 1 18  ? -6.79910  -12.77374 -1.11090  0.610 15.57000 ? 819  ARG A CB  1 
ATOM   77  C CG  A ARG A 1 18  ? -8.17648  -13.28143 -0.81370  0.390 23.16000 ? 819  ARG A CG  1 
ATOM   78  C CG  B ARG A 1 18  ? -7.20758  -12.71292 -2.57355  0.610 18.25000 ? 819  ARG A CG  1 
ATOM   79  C CD  A ARG A 1 18  ? -8.44512  -14.62697 -1.46054  0.390 21.12000 ? 819  ARG A CD  1 
ATOM   80  C CD  B ARG A 1 18  ? -8.44244  -13.54257 -2.88554  0.610 24.67000 ? 819  ARG A CD  1 
ATOM   81  N NE  A ARG A 1 18  ? -7.51072  -15.64136 -0.98242  0.390 27.15000 ? 819  ARG A NE  1 
ATOM   82  N NE  B ARG A 1 18  ? -9.16697  -12.99904 -4.03843  0.610 30.64000 ? 819  ARG A NE  1 
ATOM   83  C CZ  A ARG A 1 18  ? -7.56053  -16.19827 0.22370   0.390 24.98000 ? 819  ARG A CZ  1 
ATOM   84  C CZ  B ARG A 1 18  ? -10.37052 -12.43590 -3.97450  0.610 27.79000 ? 819  ARG A CZ  1 
ATOM   85  N NH1 A ARG A 1 18  ? -8.49886  -15.84172 1.09310   0.390 26.07000 ? 819  ARG A NH1 1 
ATOM   86  N NH1 B ARG A 1 18  ? -11.00116 -12.34966 -2.81166  0.610 22.46000 ? 819  ARG A NH1 1 
ATOM   87  N NH2 A ARG A 1 18  ? -6.66380  -17.11004 0.56426   0.390 21.43000 ? 819  ARG A NH2 1 
ATOM   88  N NH2 B ARG A 1 18  ? -10.95191 -11.96893 -5.07828  0.610 26.07000 ? 819  ARG A NH2 1 
ATOM   89  N N   . LYS A 1 19  ? -6.94518  -11.50295 1.85557   1.000 14.09000 ? 820  LYS A N   1 
ATOM   90  C CA  . LYS A 1 19  ? -6.61737  -11.57103 3.28063   1.000 15.36000 ? 820  LYS A CA  1 
ATOM   91  C C   . LYS A 1 19  ? -6.36874  -13.02922 3.66440   1.000 20.89000 ? 820  LYS A C   1 
ATOM   92  O O   . LYS A 1 19  ? -7.15825  -13.68097 4.34990   1.000 22.78000 ? 820  LYS A O   1 
ATOM   93  C CB  . LYS A 1 19  ? -7.73052  -10.93380 4.11047   1.000 18.69000 ? 820  LYS A CB  1 
ATOM   94  C CG  . LYS A 1 19  ? -8.06491  -9.51238  3.66791   1.000 22.41000 ? 820  LYS A CG  1 
ATOM   95  C CD  . LYS A 1 19  ? -9.23004  -8.88740  4.44064   1.000 27.35000 ? 820  LYS A CD  1 
ATOM   96  C CE  . LYS A 1 19  ? -9.46673  -7.44691  3.96276   1.000 27.36000 ? 820  LYS A CE  1 
ATOM   97  N NZ  . LYS A 1 19  ? -10.63287 -6.80765  4.62745   1.000 28.83000 ? 820  LYS A NZ  1 
ATOM   98  N N   . SER A 1 20  ? -5.22942  -13.54148 3.19499   1.000 16.64000 ? 821  SER A N   1 
ATOM   99  C CA  . SER A 1 20  ? -4.85780  -14.94011 3.39175   1.000 16.67000 ? 821  SER A CA  1 
ATOM   100 C C   . SER A 1 20  ? -4.13766  -15.19411 4.70888   1.000 21.30000 ? 821  SER A C   1 
ATOM   101 O O   . SER A 1 20  ? -3.94297  -16.35664 5.07637   1.000 21.33000 ? 821  SER A O   1 
ATOM   102 C CB  . SER A 1 20  ? -3.97727  -15.42066 2.23753   1.000 15.64000 ? 821  SER A CB  1 
ATOM   103 O OG  . SER A 1 20  ? -2.72984  -14.74487 2.23004   1.000 16.21000 ? 821  SER A OG  1 
ATOM   104 N N   . ALA A 1 21  ? -3.73702  -14.14363 5.42115   1.000 17.72000 ? 822  ALA A N   1 
ATOM   105 C CA  . ALA A 1 21  ? -3.11754  -14.26458 6.73164   1.000 15.79000 ? 822  ALA A CA  1 
ATOM   106 C C   . ALA A 1 21  ? -3.72030  -13.20674 7.64895   1.000 16.45000 ? 822  ALA A C   1 
ATOM   107 O O   . ALA A 1 21  ? -4.46299  -12.32790 7.21383   1.000 16.81000 ? 822  ALA A O   1 
ATOM   108 C CB  . ALA A 1 21  ? -1.59800  -14.10545 6.65000   1.000 15.55000 ? 822  ALA A CB  1 
ATOM   109 N N   . ALA A 1 22  ? -3.39176  -13.29594 8.93565   1.000 18.77000 ? 823  ALA A N   1 
ATOM   110 C CA  . ALA A 1 22  ? -3.98176  -12.38336 9.90376   1.000 16.02000 ? 823  ALA A CA  1 
ATOM   111 C C   . ALA A 1 22  ? -3.35584  -11.00005 9.86746   1.000 17.76000 ? 823  ALA A C   1 
ATOM   112 O O   . ALA A 1 22  ? -3.90317  -10.07823 10.48823  1.000 15.77000 ? 823  ALA A O   1 
ATOM   113 C CB  . ALA A 1 22  ? -3.86456  -12.96426 11.31429  1.000 18.98000 ? 823  ALA A CB  1 
ATOM   114 N N   . THR A 1 23  ? -2.24000  -10.83184 9.15543   1.000 16.27000 ? 824  THR A N   1 
ATOM   115 C CA  . THR A 1 23  ? -1.59466  -9.53905  8.98942   1.000 15.53000 ? 824  THR A CA  1 
ATOM   116 C C   . THR A 1 23  ? -1.51214  -9.17848  7.51559   1.000 13.10000 ? 824  THR A C   1 
ATOM   117 O O   . THR A 1 23  ? -1.57200  -10.04761 6.64092   1.000 15.34000 ? 824  THR A O   1 
ATOM   118 C CB  . THR A 1 23  ? -0.18182  -9.51844  9.58073   1.000 17.41000 ? 824  THR A CB  1 
ATOM   119 O OG1 . THR A 1 23  ? 0.61826   -10.53329 8.96335   1.000 17.10000 ? 824  THR A OG1 1 
ATOM   120 C CG2 . THR A 1 23  ? -0.22938  -9.75556  11.07442  1.000 18.22000 ? 824  THR A CG2 1 
ATOM   121 N N   . LEU A 1 24  ? -1.40084  -7.87070  7.25133   1.000 12.15000 ? 825  LEU A N   1 
ATOM   122 C CA  . LEU A 1 24  ? -1.08426  -7.41793  5.90221   1.000 11.11000 ? 825  LEU A CA  1 
ATOM   123 C C   . LEU A 1 24  ? 0.42386   -7.45004  5.70996   1.000 12.59000 ? 825  LEU A C   1 
ATOM   124 O O   . LEU A 1 24  ? 0.94018   -8.18659  4.86386   1.000 12.34000 ? 825  LEU A O   1 
ATOM   125 C CB  . LEU A 1 24  ? -1.64757  -6.00524  5.65962   1.000 13.66000 ? 825  LEU A CB  1 
ATOM   126 C CG  . LEU A 1 24  ? -1.19073  -5.29703  4.37939   1.000 10.83000 ? 825  LEU A CG  1 
ATOM   127 C CD1 . LEU A 1 24  ? -1.65874  -6.02093  3.11457   1.000 13.69000 ? 825  LEU A CD1 1 
ATOM   128 C CD2 . LEU A 1 24  ? -1.68215  -3.84099  4.36109   1.000 14.02000 ? 825  LEU A CD2 1 
ATOM   129 N N   . GLY A 1 25  ? 1.14243   -6.66605  6.51106   1.000 14.01000 ? 826  GLY A N   1 
ATOM   130 C CA  . GLY A 1 25  ? 2.58573   -6.76562  6.60268   1.000 14.54000 ? 826  GLY A CA  1 
ATOM   131 C C   . GLY A 1 25  ? 3.37116   -6.07172  5.50520   1.000 14.09000 ? 826  GLY A C   1 
ATOM   132 O O   . GLY A 1 25  ? 4.16778   -6.71254  4.81567   1.000 13.92000 ? 826  GLY A O   1 
ATOM   133 N N   . ILE A 1 26  ? 3.17004   -4.76692  5.33271   1.000 12.37000 ? 827  ILE A N   1 
ATOM   134 C CA  . ILE A 1 26  ? 4.00613   -3.96155  4.44617   1.000 13.86000 ? 827  ILE A CA  1 
ATOM   135 C C   . ILE A 1 26  ? 4.58410   -2.80085  5.24659   1.000 14.93000 ? 827  ILE A C   1 
ATOM   136 O O   . ILE A 1 26  ? 3.89251   -2.19005  6.06512   1.000 14.50000 ? 827  ILE A O   1 
ATOM   137 C CB  . ILE A 1 26  ? 3.24574   -3.42558  3.21247   1.000 15.96000 ? 827  ILE A CB  1 
ATOM   138 C CG1 . ILE A 1 26  ? 2.01408   -2.61022  3.60940   1.000 17.18000 ? 827  ILE A CG1 1 
ATOM   139 C CG2 . ILE A 1 26  ? 2.83881   -4.56038  2.27657   1.000 15.30000 ? 827  ILE A CG2 1 
ATOM   140 C CD1 . ILE A 1 26  ? 1.36106   -1.94774  2.40846   1.000 16.47000 ? 827  ILE A CD1 1 
ATOM   141 N N   . ALA A 1 27  ? 5.85525   -2.49908  5.01339   1.000 13.96000 ? 828  ALA A N   1 
ATOM   142 C CA  . ALA A 1 27  ? 6.44666   -1.28436  5.54352   1.000 18.28000 ? 828  ALA A CA  1 
ATOM   143 C C   . ALA A 1 27  ? 6.44315   -0.25616  4.42627   1.000 13.63000 ? 828  ALA A C   1 
ATOM   144 O O   . ALA A 1 27  ? 6.90456   -0.54532  3.31910   1.000 15.22000 ? 828  ALA A O   1 
ATOM   145 C CB  . ALA A 1 27  ? 7.86649   -1.52737  6.05712   1.000 15.80000 ? 828  ALA A CB  1 
ATOM   146 N N   . ILE A 1 28  ? 5.92067   0.93155   4.71361   1.000 13.89000 ? 829  ILE A N   1 
ATOM   147 C CA  . ILE A 1 28  ? 5.77595   1.98641   3.71880   1.000 14.18000 ? 829  ILE A CA  1 
ATOM   148 C C   . ILE A 1 28  ? 6.54517   3.20947   4.18828   1.000 16.53000 ? 829  ILE A C   1 
ATOM   149 O O   . ILE A 1 28  ? 6.52385   3.54809   5.37465   1.000 14.91000 ? 829  ILE A O   1 
ATOM   150 C CB  . ILE A 1 28  ? 4.29716   2.35446   3.47248   1.000 14.62000 ? 829  ILE A CB  1 
ATOM   151 C CG1 . ILE A 1 28  ? 3.56589   2.55799   4.80621   1.000 15.01000 ? 829  ILE A CG1 1 
ATOM   152 C CG2 . ILE A 1 28  ? 3.61955   1.27746   2.59955   1.000 17.56000 ? 829  ILE A CG2 1 
ATOM   153 C CD1 . ILE A 1 28  ? 2.20951   3.26698   4.68149   1.000 20.53000 ? 829  ILE A CD1 1 
ATOM   154 N N   . GLU A 1 29  ? 7.20801   3.87875   3.25413   1.000 14.46000 ? 830  GLU A N   1 
ATOM   155 C CA  . GLU A 1 29  ? 7.86731   5.15030   3.51380   1.000 14.27000 ? 830  GLU A CA  1 
ATOM   156 C C   . GLU A 1 29  ? 7.14940   6.27230   2.77223   1.000 17.78000 ? 830  GLU A C   1 
ATOM   157 O O   . GLU A 1 29  ? 6.54098   6.05813   1.72183   1.000 17.00000 ? 830  GLU A O   1 
ATOM   158 C CB  . GLU A 1 29  ? 9.33688   5.11286   3.08309   1.000 15.12000 ? 830  GLU A CB  1 
ATOM   159 C CG  . GLU A 1 29  ? 9.52527   5.15632   1.58467   1.000 19.09000 ? 830  GLU A CG  1 
ATOM   160 C CD  . GLU A 1 29  ? 10.98179  5.24963   1.16987   1.000 28.78000 ? 830  GLU A CD  1 
ATOM   161 O OE1 . GLU A 1 29  ? 11.84860  5.35476   2.06115   1.000 26.92000 ? 830  GLU A OE1 1 
ATOM   162 O OE2 . GLU A 1 29  ? 11.25633  5.21390   -0.04916  1.000 31.77000 ? 830  GLU A OE2 1 
ATOM   163 N N   . GLY A 1 30  ? 7.20797   7.46744   3.33488   1.000 14.15000 ? 831  GLY A N   1 
ATOM   164 C CA  . GLY A 1 30  ? 6.73658   8.63375   2.61544   1.000 13.41000 ? 831  GLY A CA  1 
ATOM   165 C C   . GLY A 1 30  ? 5.27514   8.95763   2.86204   1.000 17.01000 ? 831  GLY A C   1 
ATOM   166 O O   . GLY A 1 30  ? 4.64572   8.51874   3.82926   1.000 17.51000 ? 831  GLY A O   1 
ATOM   167 N N   . GLY A 1 31  ? 4.72441   9.73978   1.94050   1.000 15.51000 ? 832  GLY A N   1 
ATOM   168 C CA  . GLY A 1 31  ? 3.42468   10.34314  2.10493   1.000 13.40000 ? 832  GLY A CA  1 
ATOM   169 C C   . GLY A 1 31  ? 3.48663   11.82705  1.81021   1.000 14.24000 ? 832  GLY A C   1 
ATOM   170 O O   . GLY A 1 31  ? 4.53852   12.38269  1.49219   1.000 13.64000 ? 832  GLY A O   1 
ATOM   171 N N   . ALA A 1 32  ? 2.33003   12.47253  1.91628   1.000 13.81000 ? 833  ALA A N   1 
ATOM   172 C CA  . ALA A 1 32  ? 2.23049   13.87049  1.49553   1.000 12.05000 ? 833  ALA A CA  1 
ATOM   173 C C   . ALA A 1 32  ? 3.18304   14.75706  2.28653   1.000 12.91000 ? 833  ALA A C   1 
ATOM   174 O O   . ALA A 1 32  ? 3.52284   14.47964  3.44073   1.000 14.20000 ? 833  ALA A O   1 
ATOM   175 C CB  . ALA A 1 32  ? 0.79483   14.37326  1.64329   1.000 15.82000 ? 833  ALA A CB  1 
ATOM   176 N N   . ASN A 1 33  ? 3.63075   15.83322  1.63675   1.000 14.65000 ? 834  ASN A N   1 
ATOM   177 C CA  . ASN A 1 33  ? 4.53752   16.82189  2.20480   1.000 14.63000 ? 834  ASN A CA  1 
ATOM   178 C C   . ASN A 1 33  ? 5.93032   16.26624  2.46131   1.000 15.84000 ? 834  ASN A C   1 
ATOM   179 O O   . ASN A 1 33  ? 6.69357   16.83921  3.24920   1.000 18.71000 ? 834  ASN A O   1 
ATOM   180 C CB  . ASN A 1 33  ? 3.96313   17.43355  3.48526   1.000 15.47000 ? 834  ASN A CB  1 
ATOM   181 C CG  . ASN A 1 33  ? 3.23185   18.72369  3.20985   1.000 15.89000 ? 834  ASN A CG  1 
ATOM   182 O OD1 . ASN A 1 33  ? 3.61065   19.47563  2.30878   1.000 15.96000 ? 834  ASN A OD1 1 
ATOM   183 N ND2 . ASN A 1 33  ? 2.17824   18.98625  3.97460   1.000 16.87000 ? 834  ASN A ND2 1 
ATOM   184 N N   . THR A 1 34  ? 6.28829   15.17722  1.78478   1.000 14.77000 ? 835  THR A N   1 
ATOM   185 C CA  . THR A 1 34  ? 7.64877   14.65859  1.78145   1.000 14.52000 ? 835  THR A CA  1 
ATOM   186 C C   . THR A 1 34  ? 8.10970   14.50103  0.34414   1.000 13.93000 ? 835  THR A C   1 
ATOM   187 O O   . THR A 1 34  ? 7.31403   14.54966  -0.59299  1.000 17.49000 ? 835  THR A O   1 
ATOM   188 C CB  . THR A 1 34  ? 7.76100   13.29928  2.48955   1.000 16.57000 ? 835  THR A CB  1 
ATOM   189 O OG1 . THR A 1 34  ? 7.28443   12.27370  1.60506   1.000 15.29000 ? 835  THR A OG1 1 
ATOM   190 C CG2 . THR A 1 34  ? 6.95440   13.28722  3.77491   1.000 19.56000 ? 835  THR A CG2 1 
ATOM   191 N N   . ARG A 1 35  ? 9.41261   14.27550  0.17256   1.000 14.33000 ? 836  ARG A N   1 
ATOM   192 C CA  . ARG A 1 35  ? 9.94815   14.04761  -1.16289  1.000 13.18000 ? 836  ARG A CA  1 
ATOM   193 C C   . ARG A 1 35  ? 9.55121   12.69232  -1.75011  1.000 19.74000 ? 836  ARG A C   1 
ATOM   194 O O   . ARG A 1 35  ? 9.90255   12.41388  -2.89903  1.000 19.55000 ? 836  ARG A O   1 
ATOM   195 C CB  . ARG A 1 35  ? 11.47232  14.16468  -1.13961  1.000 21.93000 ? 836  ARG A CB  1 
ATOM   196 C CG  . ARG A 1 35  ? 12.11265  13.27188  -0.08146  1.000 26.33000 ? 836  ARG A CG  1 
ATOM   197 C CD  . ARG A 1 35  ? 13.53792  12.87540  -0.44943  1.000 39.14000 ? 836  ARG A CD  1 
ATOM   198 N NE  . ARG A 1 35  ? 14.03210  11.79502  0.40395   1.000 40.12000 ? 836  ARG A NE  1 
ATOM   199 C CZ  . ARG A 1 35  ? 13.88212  10.49795  0.14133   1.000 47.37000 ? 836  ARG A CZ  1 
ATOM   200 N NH1 . ARG A 1 35  ? 13.25318  10.10636  -0.95979  1.000 39.55000 ? 836  ARG A NH1 1 
ATOM   201 N NH2 . ARG A 1 35  ? 14.36403  9.58786   0.98207   1.000 41.62000 ? 836  ARG A NH2 1 
ATOM   202 N N   . GLN A 1 36  ? 8.85160   11.83775  -1.00269  1.000 17.96000 ? 837  GLN A N   1 
ATOM   203 C CA  . GLN A 1 36  ? 8.24690   10.61591  -1.53541  1.000 18.37000 ? 837  GLN A CA  1 
ATOM   204 C C   . GLN A 1 36  ? 6.75370   10.77281  -1.26943  1.000 16.09000 ? 837  GLN A C   1 
ATOM   205 O O   . GLN A 1 36  ? 6.23625   10.26987  -0.25865  1.000 16.05000 ? 837  GLN A O   1 
ATOM   206 C CB  . GLN A 1 36  ? 8.83125   9.36348   -0.88437  1.000 20.02000 ? 837  GLN A CB  1 
ATOM   207 C CG  . GLN A 1 36  ? 8.17700   8.05456   -1.31234  1.000 18.50000 ? 837  GLN A CG  1 
ATOM   208 C CD  . GLN A 1 36  ? 8.14013   7.89628   -2.81176  1.000 20.08000 ? 837  GLN A CD  1 
ATOM   209 O OE1 . GLN A 1 36  ? 9.17381   7.94038   -3.48222  1.000 23.56000 ? 837  GLN A OE1 1 
ATOM   210 N NE2 . GLN A 1 36  ? 6.94284   7.72386   -3.35573  1.000 19.63000 ? 837  GLN A NE2 1 
ATOM   211 N N   . PRO A 1 37  ? 6.03961   11.51381  -2.12811  1.000 16.37000 ? 838  PRO A N   1 
ATOM   212 C CA  . PRO A 1 37  ? 4.72300   12.04276  -1.73378  1.000 14.63000 ? 838  PRO A CA  1 
ATOM   213 C C   . PRO A 1 37  ? 3.58713   11.02822  -1.73330  1.000 16.90000 ? 838  PRO A C   1 
ATOM   214 O O   . PRO A 1 37  ? 2.48900   11.36515  -1.26939  1.000 17.94000 ? 838  PRO A O   1 
ATOM   215 C CB  . PRO A 1 37  ? 4.47223   13.16308  -2.75867  1.000 17.69000 ? 838  PRO A CB  1 
ATOM   216 C CG  . PRO A 1 37  ? 5.33241   12.83124  -3.91161  1.000 21.41000 ? 838  PRO A CG  1 
ATOM   217 C CD  . PRO A 1 37  ? 6.51021   12.06577  -3.41252  1.000 19.09000 ? 838  PRO A CD  1 
ATOM   218 N N   . LEU A 1 38  ? 3.80210   9.81762   -2.23025  1.000 16.84000 ? 839  LEU A N   1 
ATOM   219 C CA  . LEU A 1 38  ? 2.87689   8.71588   -2.03234  1.000 15.21000 ? 839  LEU A CA  1 
ATOM   220 C C   . LEU A 1 38  ? 3.63447   7.57981   -1.35884  1.000 15.00000 ? 839  LEU A C   1 
ATOM   221 O O   . LEU A 1 38  ? 4.84452   7.44732   -1.56922  1.000 16.74000 ? 839  LEU A O   1 
ATOM   222 C CB  . LEU A 1 38  ? 2.29441   8.22012   -3.36296  1.000 18.05000 ? 839  LEU A CB  1 
ATOM   223 C CG  . LEU A 1 38  ? 1.36636   9.18295   -4.11535  1.000 17.25000 ? 839  LEU A CG  1 
ATOM   224 C CD1 . LEU A 1 38  ? 1.20088   8.72360   -5.55061  1.000 20.92000 ? 839  LEU A CD1 1 
ATOM   225 C CD2 . LEU A 1 38  ? 0.01744   9.28680   -3.43308  1.000 19.74000 ? 839  LEU A CD2 1 
ATOM   226 N N   . PRO A 1 39  ? 2.97116   6.75292   -0.54916  1.000 14.25000 ? 840  PRO A N   1 
ATOM   227 C CA  . PRO A 1 39  ? 3.70173   5.70021   0.17618   1.000 14.42000 ? 840  PRO A CA  1 
ATOM   228 C C   . PRO A 1 39  ? 4.37488   4.72784   -0.77322  1.000 15.70000 ? 840  PRO A C   1 
ATOM   229 O O   . PRO A 1 39  ? 3.79531   4.30768   -1.77772  1.000 15.84000 ? 840  PRO A O   1 
ATOM   230 C CB  . PRO A 1 39  ? 2.61058   5.00528   1.00029   1.000 15.29000 ? 840  PRO A CB  1 
ATOM   231 C CG  . PRO A 1 39  ? 1.48320   5.98654   1.05708   1.000 19.52000 ? 840  PRO A CG  1 
ATOM   232 C CD  . PRO A 1 39  ? 1.52884   6.71806   -0.25932  1.000 15.30000 ? 840  PRO A CD  1 
ATOM   233 N N   . ARG A 1 40  ? 5.61343   4.36805   -0.43546  1.000 15.16000 ? 841  ARG A N   1 
ATOM   234 C CA  . ARG A 1 40  ? 6.42230   3.43339   -1.20901  1.000 14.87000 ? 841  ARG A CA  1 
ATOM   235 C C   . ARG A 1 40  ? 6.76285   2.23011   -0.33909  1.000 16.74000 ? 841  ARG A C   1 
ATOM   236 O O   . ARG A 1 40  ? 7.17622   2.39343   0.81430   1.000 14.62000 ? 841  ARG A O   1 
ATOM   237 C CB  . ARG A 1 40  ? 7.70969   4.10476   -1.70283  1.000 16.81000 ? 841  ARG A CB  1 
ATOM   238 C CG  . ARG A 1 40  ? 8.48468   3.24195   -2.68446  1.000 16.64000 ? 841  ARG A CG  1 
ATOM   239 C CD  . ARG A 1 40  ? 9.70512   3.96310   -3.25709  1.000 24.37000 ? 841  ARG A CD  1 
ATOM   240 N NE  . ARG A 1 40  ? 10.80082  4.02696   -2.29232  1.000 33.93000 ? 841  ARG A NE  1 
ATOM   241 C CZ  . ARG A 1 40  ? 11.61794  3.01252   -2.00630  1.000 35.97000 ? 841  ARG A CZ  1 
ATOM   242 N NH1 . ARG A 1 40  ? 11.47593  1.83963   -2.60993  1.000 39.44000 ? 841  ARG A NH1 1 
ATOM   243 N NH2 . ARG A 1 40  ? 12.58110  3.17004   -1.10513  1.000 39.95000 ? 841  ARG A NH2 1 
ATOM   244 N N   . ILE A 1 41  ? 6.58280   1.02364   -0.88043  1.000 15.85000 ? 842  ILE A N   1 
ATOM   245 C CA  . ILE A 1 41  ? 6.85457   -0.18163  -0.10620  1.000 14.52000 ? 842  ILE A CA  1 
ATOM   246 C C   . ILE A 1 41  ? 8.35761   -0.37147  0.01857   1.000 15.29000 ? 842  ILE A C   1 
ATOM   247 O O   . ILE A 1 41  ? 9.08313   -0.41309  -0.98491  1.000 17.70000 ? 842  ILE A O   1 
ATOM   248 C CB  . ILE A 1 41  ? 6.19473   -1.40675  -0.75530  1.000 13.93000 ? 842  ILE A CB  1 
ATOM   249 C CG1 . ILE A 1 41  ? 4.67603   -1.24852  -0.70656  1.000 15.65000 ? 842  ILE A CG1 1 
ATOM   250 C CG2 . ILE A 1 41  ? 6.66681   -2.70236  -0.06917  1.000 18.28000 ? 842  ILE A CG2 1 
ATOM   251 C CD1 . ILE A 1 41  ? 3.89741   -2.34934  -1.43939  1.000 15.82000 ? 842  ILE A CD1 1 
ATOM   252 N N   . VAL A 1 42  ? 8.83692   -0.49155  1.25421   1.000 15.56000 ? 843  VAL A N   1 
ATOM   253 C CA  . VAL A 1 42  ? 10.25431  -0.69437  1.48002   1.000 14.49000 ? 843  VAL A CA  1 
ATOM   254 C C   . VAL A 1 42  ? 10.58927  -2.11704  1.91385   1.000 21.72000 ? 843  VAL A C   1 
ATOM   255 O O   . VAL A 1 42  ? 11.71164  -2.57319  1.66683   1.000 20.46000 ? 843  VAL A O   1 
ATOM   256 C CB  . VAL A 1 42  ? 10.81124  0.33303   2.48492   1.000 19.69000 ? 843  VAL A CB  1 
ATOM   257 C CG1 . VAL A 1 42  ? 10.66818  1.73870   1.90857   1.000 22.02000 ? 843  VAL A CG1 1 
ATOM   258 C CG2 . VAL A 1 42  ? 10.10975  0.22577   3.80858   1.000 23.41000 ? 843  VAL A CG2 1 
ATOM   259 N N   . THR A 1 43  ? 9.65977   -2.83339  2.54468   1.000 17.60000 ? 844  THR A N   1 
ATOM   260 C CA  . THR A 1 43  ? 9.88733   -4.24238  2.83989   1.000 17.41000 ? 844  THR A CA  1 
ATOM   261 C C   . THR A 1 43  ? 8.54121   -4.89352  3.12866   1.000 17.87000 ? 844  THR A C   1 
ATOM   262 O O   . THR A 1 43  ? 7.52605   -4.22231  3.32980   1.000 15.98000 ? 844  THR A O   1 
ATOM   263 C CB  . THR A 1 43  ? 10.89023  -4.43798  3.98967   1.000 32.16000 ? 844  THR A CB  1 
ATOM   264 O OG1 . THR A 1 43  ? 10.94429  -5.82162  4.36344   1.000 38.32000 ? 844  THR A OG1 1 
ATOM   265 C CG2 . THR A 1 43  ? 10.52481  -3.60128  5.18579   1.000 28.31000 ? 844  THR A CG2 1 
ATOM   266 N N   . ILE A 1 44  ? 8.54140   -6.21832  3.10646   1.000 16.12000 ? 845  ILE A N   1 
ATOM   267 C CA  . ILE A 1 44  ? 7.31409   -6.99566  3.19621   1.000 15.51000 ? 845  ILE A CA  1 
ATOM   268 C C   . ILE A 1 44  ? 7.50548   -8.05285  4.27338   1.000 16.54000 ? 845  ILE A C   1 
ATOM   269 O O   . ILE A 1 44  ? 8.54267   -8.72277  4.31157   1.000 17.91000 ? 845  ILE A O   1 
ATOM   270 C CB  . ILE A 1 44  ? 6.95766   -7.62635  1.83406   1.000 20.03000 ? 845  ILE A CB  1 
ATOM   271 C CG1 . ILE A 1 44  ? 6.61799   -6.51020  0.83949   1.000 19.40000 ? 845  ILE A CG1 1 
ATOM   272 C CG2 . ILE A 1 44  ? 5.79899   -8.61774  1.97129   1.000 17.38000 ? 845  ILE A CG2 1 
ATOM   273 C CD1 . ILE A 1 44  ? 6.45934   -6.94181  -0.58634  1.000 20.19000 ? 845  ILE A CD1 1 
ATOM   274 N N   . GLN A 1 45  ? 6.53572   -8.15423  5.17736   1.000 14.80000 ? 846  GLN A N   1 
ATOM   275 C CA  . GLN A 1 45  ? 6.60145   -9.12885  6.26243   1.000 13.70000 ? 846  GLN A CA  1 
ATOM   276 C C   . GLN A 1 45  ? 6.47153   -10.54498 5.70712   1.000 14.00000 ? 846  GLN A C   1 
ATOM   277 O O   . GLN A 1 45  ? 5.48863   -10.87012 5.03173   1.000 14.97000 ? 846  GLN A O   1 
ATOM   278 C CB  . GLN A 1 45  ? 5.50081   -8.84928  7.27465   1.000 15.68000 ? 846  GLN A CB  1 
ATOM   279 C CG  . GLN A 1 45  ? 5.46302   -9.80186  8.45915   1.000 13.46000 ? 846  GLN A CG  1 
ATOM   280 C CD  . GLN A 1 45  ? 4.13035   -9.77520  9.17660   1.000 15.82000 ? 846  GLN A CD  1 
ATOM   281 O OE1 . GLN A 1 45  ? 3.07345   -9.70157  8.54298   1.000 19.18000 ? 846  GLN A OE1 1 
ATOM   282 N NE2 . GLN A 1 45  ? 4.16598   -9.86403  10.50577  1.000 14.76000 ? 846  GLN A NE2 1 
ATOM   283 N N   . ARG A 1 46  ? 7.45539   -11.39081 6.00012   1.000 16.04000 ? 847  ARG A N   1 
ATOM   284 C CA  . ARG A 1 46  ? 7.36633   -12.77868 5.56722   1.000 12.10000 ? 847  ARG A CA  1 
ATOM   285 C C   . ARG A 1 46  ? 6.18424   -13.43290 6.26136   1.000 14.26000 ? 847  ARG A C   1 
ATOM   286 O O   . ARG A 1 46  ? 5.94481   -13.19752 7.44898   1.000 16.74000 ? 847  ARG A O   1 
ATOM   287 C CB  . ARG A 1 46  ? 8.68123   -13.50896 5.87833   1.000 16.49000 ? 847  ARG A CB  1 
ATOM   288 C CG  . ARG A 1 46  ? 9.81535   -13.08667 4.93856   1.000 23.67000 ? 847  ARG A CG  1 
ATOM   289 C CD  . ARG A 1 46  ? 10.58489  -14.27658 4.38226   1.000 38.52000 ? 847  ARG A CD  1 
ATOM   290 N NE  . ARG A 1 46  ? 9.73046   -15.32292 3.81617   1.000 48.85000 ? 847  ARG A NE  1 
ATOM   291 C CZ  . ARG A 1 46  ? 10.18595  -16.38123 3.13987   1.000 44.87000 ? 847  ARG A CZ  1 
ATOM   292 N NH1 . ARG A 1 46  ? 11.48535  -16.53314 2.93892   1.000 47.80000 ? 847  ARG A NH1 1 
ATOM   293 N NH2 . ARG A 1 46  ? 9.34497   -17.28267 2.66286   1.000 34.76000 ? 847  ARG A NH2 1 
ATOM   294 N N   . GLY A 1 47  ? 5.40423   -14.20741 5.50635   1.000 15.86000 ? 848  GLY A N   1 
ATOM   295 C CA  . GLY A 1 47  ? 4.26688   -14.91207 6.07149   1.000 16.19000 ? 848  GLY A CA  1 
ATOM   296 C C   . GLY A 1 47  ? 2.97601   -14.12503 6.18274   1.000 15.34000 ? 848  GLY A C   1 
ATOM   297 O O   . GLY A 1 47  ? 1.95834   -14.69757 6.59941   1.000 17.19000 ? 848  GLY A O   1 
ATOM   298 N N   . GLY A 1 48  ? 2.97128   -12.83780 5.83555   1.000 14.90000 ? 849  GLY A N   1 
ATOM   299 C CA  . GLY A 1 48  ? 1.75390   -12.05516 5.85904   1.000 15.34000 ? 849  GLY A CA  1 
ATOM   300 C C   . GLY A 1 48  ? 1.03489   -12.08478 4.51793   1.000 14.91000 ? 849  GLY A C   1 
ATOM   301 O O   . GLY A 1 48  ? 1.48104   -12.70217 3.55271   1.000 16.19000 ? 849  GLY A O   1 
ATOM   302 N N   . SER A 1 49  ? -0.10504  -11.38355 4.47495   1.000 11.92000 ? 850  SER A N   1 
ATOM   303 C CA  . SER A 1 49  ? -0.95962  -11.40923 3.28741   1.000 12.02000 ? 850  SER A CA  1 
ATOM   304 C C   . SER A 1 49  ? -0.26527  -10.80273 2.07548   1.000 13.79000 ? 850  SER A C   1 
ATOM   305 O O   . SER A 1 49  ? -0.43359  -11.28793 0.95302   1.000 13.01000 ? 850  SER A O   1 
ATOM   306 C CB  . SER A 1 49  ? -2.26724  -10.66418 3.55617   1.000 14.67000 ? 850  SER A CB  1 
ATOM   307 O OG  . SER A 1 49  ? -3.07953  -11.35758 4.48309   1.000 17.45000 ? 850  SER A OG  1 
ATOM   308 N N   . ALA A 1 50  ? 0.48334   -9.71406  2.27060   1.000 12.74000 ? 851  ALA A N   1 
ATOM   309 C CA  . ALA A 1 50  ? 1.17555   -9.10273  1.13647   1.000 12.00000 ? 851  ALA A CA  1 
ATOM   310 C C   . ALA A 1 50  ? 2.22015   -10.05279 0.56382   1.000 15.27000 ? 851  ALA A C   1 
ATOM   311 O O   . ALA A 1 50  ? 2.37196   -10.16822 -0.66085  1.000 16.01000 ? 851  ALA A O   1 
ATOM   312 C CB  . ALA A 1 50  ? 1.82841   -7.78891  1.56342   1.000 15.61000 ? 851  ALA A CB  1 
ATOM   313 N N   . HIS A 1 51  ? 2.94571   -10.73697 1.44387   1.000 13.26000 ? 852  HIS A N   1 
ATOM   314 C CA  . HIS A 1 51  ? 3.91433   -11.74678 1.02041   1.000 14.05000 ? 852  HIS A CA  1 
ATOM   315 C C   . HIS A 1 51  ? 3.23588   -12.86920 0.23877   1.000 15.88000 ? 852  HIS A C   1 
ATOM   316 O O   . HIS A 1 51  ? 3.71888   -13.29399 -0.82139  1.000 17.62000 ? 852  HIS A O   1 
ATOM   317 C CB  . HIS A 1 51  ? 4.62911   -12.29076 2.25560   1.000 15.74000 ? 852  HIS A CB  1 
ATOM   318 C CG  . HIS A 1 51  ? 5.88262   -13.04565 1.94518   1.000 23.31000 ? 852  HIS A CG  1 
ATOM   319 N ND1 . HIS A 1 51  ? 6.05665   -14.36765 2.28274   1.000 29.43000 ? 852  HIS A ND1 1 
ATOM   320 C CD2 . HIS A 1 51  ? 7.02736   -12.65856 1.33441   1.000 29.22000 ? 852  HIS A CD2 1 
ATOM   321 C CE1 . HIS A 1 51  ? 7.25298   -14.76764 1.88669   1.000 30.60000 ? 852  HIS A CE1 1 
ATOM   322 N NE2 . HIS A 1 51  ? 7.86312   -13.74974 1.30965   1.000 31.09000 ? 852  HIS A NE2 1 
ATOM   323 N N   . ASN A 1 52  ? 2.11649   -13.37519 0.75856   1.000 15.58000 ? 853  ASN A N   1 
ATOM   324 C CA  . ASN A 1 52  ? 1.42406   -14.47731 0.09792   1.000 13.76000 ? 853  ASN A CA  1 
ATOM   325 C C   . ASN A 1 52  ? 0.89299   -14.05866 -1.26512  1.000 14.22000 ? 853  ASN A C   1 
ATOM   326 O O   . ASN A 1 52  ? 0.75735   -14.89248 -2.16563  1.000 15.26000 ? 853  ASN A O   1 
ATOM   327 C CB  . ASN A 1 52  ? 0.27700   -14.98245 0.97469   1.000 15.17000 ? 853  ASN A CB  1 
ATOM   328 C CG  . ASN A 1 52  ? 0.76485   -15.64071 2.25995   1.000 15.31000 ? 853  ASN A CG  1 
ATOM   329 O OD1 . ASN A 1 52  ? 1.93916   -15.98613 2.38466   1.000 19.18000 ? 853  ASN A OD1 1 
ATOM   330 N ND2 . ASN A 1 52  ? -0.13889  -15.81874 3.21386   1.000 17.92000 ? 853  ASN A ND2 1 
ATOM   331 N N   . CYS A 1 53  ? 0.57759   -12.77662 -1.43286  1.000 13.26000 ? 854  CYS A N   1 
ATOM   332 C CA  . CYS A 1 53  ? 0.05517   -12.30156 -2.71116  1.000 12.46000 ? 854  CYS A CA  1 
ATOM   333 C C   . CYS A 1 53  ? 1.10543   -12.39988 -3.81000  1.000 15.86000 ? 854  CYS A C   1 
ATOM   334 O O   . CYS A 1 53  ? 0.78779   -12.74078 -4.95641  1.000 18.40000 ? 854  CYS A O   1 
ATOM   335 C CB  . CYS A 1 53  ? -0.45366  -10.87391 -2.53624  1.000 14.59000 ? 854  CYS A CB  1 
ATOM   336 S SG  . CYS A 1 53  ? -0.50295  -9.88728  -4.01972  1.000 21.99000 ? 854  CYS A SG  1 
ATOM   337 N N   . GLY A 1 54  ? 2.36399   -12.12009 -3.47690  1.000 15.13000 ? 855  GLY A N   1 
ATOM   338 C CA  . GLY A 1 54  ? 3.46499   -12.27640 -4.40111  1.000 17.66000 ? 855  GLY A CA  1 
ATOM   339 C C   . GLY A 1 54  ? 3.62405   -11.17595 -5.42525  1.000 19.37000 ? 855  GLY A C   1 
ATOM   340 O O   . GLY A 1 54  ? 4.70039   -11.05912 -6.02256  1.000 21.51000 ? 855  GLY A O   1 
ATOM   341 N N   . GLN A 1 55  ? 2.59868   -10.35819 -5.64449  1.000 17.03000 ? 856  GLN A N   1 
ATOM   342 C CA  . GLN A 1 55  ? 2.59411   -9.35566  -6.69966  1.000 15.81000 ? 856  GLN A CA  1 
ATOM   343 C C   . GLN A 1 55  ? 2.94345   -7.96055  -6.20242  1.000 19.70000 ? 856  GLN A C   1 
ATOM   344 O O   . GLN A 1 55  ? 3.10267   -7.04906  -7.02325  1.000 17.99000 ? 856  GLN A O   1 
ATOM   345 C CB  . GLN A 1 55  ? 1.21699   -9.31278  -7.37386  1.000 15.87000 ? 856  GLN A CB  1 
ATOM   346 C CG  . GLN A 1 55  ? 0.91833   -10.51815 -8.24659  1.000 19.07000 ? 856  GLN A CG  1 
ATOM   347 C CD  . GLN A 1 55  ? -0.43064  -10.41122 -8.94098  1.000 38.52000 ? 856  GLN A CD  1 
ATOM   348 O OE1 . GLN A 1 55  ? -1.23395  -9.53459  -8.62791  1.000 31.33000 ? 856  GLN A OE1 1 
ATOM   349 N NE2 . GLN A 1 55  ? -0.68626  -11.31200 -9.88351  1.000 37.72000 ? 856  GLN A NE2 1 
ATOM   350 N N   . LEU A 1 56  ? 3.01567   -7.75974  -4.88974  1.000 15.48000 ? 857  LEU A N   1 
ATOM   351 C CA  . LEU A 1 56  ? 3.52802   -6.51923  -4.32596  1.000 19.28000 ? 857  LEU A CA  1 
ATOM   352 C C   . LEU A 1 56  ? 5.03879   -6.62428  -4.19314  1.000 24.49000 ? 857  LEU A C   1 
ATOM   353 O O   . LEU A 1 56  ? 5.56303   -7.65217  -3.75215  1.000 23.93000 ? 857  LEU A O   1 
ATOM   354 C CB  . LEU A 1 56  ? 2.90240   -6.24023  -2.95845  1.000 17.71000 ? 857  LEU A CB  1 
ATOM   355 C CG  . LEU A 1 56  ? 1.45320   -5.75713  -2.95904  1.000 19.34000 ? 857  LEU A CG  1 
ATOM   356 C CD1 . LEU A 1 56  ? 1.02893   -5.40830  -1.54656  1.000 19.08000 ? 857  LEU A CD1 1 
ATOM   357 C CD2 . LEU A 1 56  ? 1.25296   -4.55254  -3.90217  1.000 17.39000 ? 857  LEU A CD2 1 
ATOM   358 N N   . LYS A 1 57  ? 5.73461   -5.55390  -4.56762  1.000 19.34000 ? 858  LYS A N   1 
ATOM   359 C CA  . LYS A 1 57  ? 7.18817   -5.54818  -4.61848  1.000 22.33000 ? 858  LYS A CA  1 
ATOM   360 C C   . LYS A 1 57  ? 7.74390   -4.37765  -3.82792  1.000 20.16000 ? 858  LYS A C   1 
ATOM   361 O O   . LYS A 1 57  ? 7.12427   -3.31459  -3.73938  1.000 17.56000 ? 858  LYS A O   1 
ATOM   362 C CB  . LYS A 1 57  ? 7.70363   -5.45148  -6.06568  1.000 25.76000 ? 858  LYS A CB  1 
ATOM   363 C CG  . LYS A 1 57  ? 7.28240   -6.61802  -6.95567  1.000 31.70000 ? 858  LYS A CG  1 
ATOM   364 C CD  . LYS A 1 57  ? 7.50079   -6.30400  -8.43101  1.000 34.77000 ? 858  LYS A CD  1 
ATOM   365 C CE  . LYS A 1 57  ? 7.13477   -7.50750  -9.29787  1.000 45.54000 ? 858  LYS A CE  1 
ATOM   366 N NZ  . LYS A 1 57  ? 7.50917   -7.30890  -10.72834 1.000 49.19000 ? 858  LYS A NZ  1 
ATOM   367 N N   . VAL A 1 58  ? 8.93418   -4.58216  -3.26045  1.000 21.98000 ? 859  VAL A N   1 
ATOM   368 C CA  . VAL A 1 58  ? 9.69978   -3.45385  -2.75066  1.000 19.08000 ? 859  VAL A CA  1 
ATOM   369 C C   . VAL A 1 58  ? 9.89971   -2.47361  -3.89392  1.000 20.19000 ? 859  VAL A C   1 
ATOM   370 O O   . VAL A 1 58  ? 10.18693  -2.87148  -5.03241  1.000 21.24000 ? 859  VAL A O   1 
ATOM   371 C CB  . VAL A 1 58  ? 11.02935  -3.93488  -2.14815  1.000 23.97000 ? 859  VAL A CB  1 
ATOM   372 C CG1 . VAL A 1 58  ? 11.99854  -2.77116  -1.95581  1.000 21.12000 ? 859  VAL A CG1 1 
ATOM   373 C CG2 . VAL A 1 58  ? 10.76708  -4.64025  -0.81825  1.000 21.53000 ? 859  VAL A CG2 1 
ATOM   374 N N   . GLY A 1 59  ? 9.67228   -1.18923  -3.61678  1.000 19.43000 ? 860  GLY A N   1 
ATOM   375 C CA  . GLY A 1 59  ? 9.71887   -0.16121  -4.62848  1.000 18.50000 ? 860  GLY A CA  1 
ATOM   376 C C   . GLY A 1 59  ? 8.36558   0.23829   -5.18427  1.000 17.06000 ? 860  GLY A C   1 
ATOM   377 O O   . GLY A 1 59  ? 8.26328   1.29334   -5.82190  1.000 18.32000 ? 860  GLY A O   1 
ATOM   378 N N   . HIS A 1 60  ? 7.32720   -0.57069  -4.96312  1.000 15.19000 ? 861  HIS A N   1 
ATOM   379 C CA  . HIS A 1 60  ? 5.99516   -0.21666  -5.43809  1.000 15.37000 ? 861  HIS A CA  1 
ATOM   380 C C   . HIS A 1 60  ? 5.50385   1.02491   -4.70883  1.000 14.51000 ? 861  HIS A C   1 
ATOM   381 O O   . HIS A 1 60  ? 5.58898   1.10525   -3.47889  1.000 14.93000 ? 861  HIS A O   1 
ATOM   382 C CB  . HIS A 1 60  ? 5.02222   -1.37878  -5.22192  1.000 15.71000 ? 861  HIS A CB  1 
ATOM   383 C CG  . HIS A 1 60  ? 4.84783   -2.25536  -6.42465  1.000 16.46000 ? 861  HIS A CG  1 
ATOM   384 N ND1 . HIS A 1 60  ? 4.43981   -3.56950  -6.33659  1.000 16.62000 ? 861  HIS A ND1 1 
ATOM   385 C CD2 . HIS A 1 60  ? 5.01881   -2.00294  -7.74444  1.000 18.31000 ? 861  HIS A CD2 1 
ATOM   386 C CE1 . HIS A 1 60  ? 4.37205   -4.08946  -7.54997  1.000 21.13000 ? 861  HIS A CE1 1 
ATOM   387 N NE2 . HIS A 1 60  ? 4.70981   -3.15661  -8.42387  1.000 18.84000 ? 861  HIS A NE2 1 
ATOM   388 N N   . VAL A 1 61  ? 5.01699   2.00191   -5.46951  1.000 14.03000 ? 862  VAL A N   1 
ATOM   389 C CA  . VAL A 1 61  ? 4.40470   3.20525   -4.91690  1.000 14.61000 ? 862  VAL A CA  1 
ATOM   390 C C   . VAL A 1 61  ? 2.89928   3.02033   -4.99158  1.000 14.43000 ? 862  VAL A C   1 
ATOM   391 O O   . VAL A 1 61  ? 2.36714   2.63349   -6.03903  1.000 14.53000 ? 862  VAL A O   1 
ATOM   392 C CB  . VAL A 1 61  ? 4.85185   4.46333   -5.68006  1.000 13.21000 ? 862  VAL A CB  1 
ATOM   393 C CG1 . VAL A 1 61  ? 4.06741   5.66928   -5.19100  1.000 17.27000 ? 862  VAL A CG1 1 
ATOM   394 C CG2 . VAL A 1 61  ? 6.35222   4.67942   -5.49029  1.000 17.71000 ? 862  VAL A CG2 1 
ATOM   395 N N   . ILE A 1 62  ? 2.21462   3.25309   -3.87760  1.000 15.31000 ? 863  ILE A N   1 
ATOM   396 C CA  . ILE A 1 62  ? 0.78167   2.99975   -3.78848  1.000 12.56000 ? 863  ILE A CA  1 
ATOM   397 C C   . ILE A 1 62  ? 0.03997   4.26067   -4.21236  1.000 13.72000 ? 863  ILE A C   1 
ATOM   398 O O   . ILE A 1 62  ? 0.03272   5.26379   -3.49244  1.000 14.55000 ? 863  ILE A O   1 
ATOM   399 C CB  . ILE A 1 62  ? 0.37945   2.57103   -2.37687  1.000 11.52000 ? 863  ILE A CB  1 
ATOM   400 C CG1 . ILE A 1 62  ? 1.15330   1.31499   -1.98265  1.000 11.75000 ? 863  ILE A CG1 1 
ATOM   401 C CG2 . ILE A 1 62  ? -1.12181  2.28400   -2.33185  1.000 11.03000 ? 863  ILE A CG2 1 
ATOM   402 C CD1 . ILE A 1 62  ? 0.94809   0.93292   -0.51994  1.000 13.38000 ? 863  ILE A CD1 1 
ATOM   403 N N   . LEU A 1 63  ? -0.60375  4.20198   -5.38276  1.000 13.32000 ? 864  LEU A N   1 
ATOM   404 C CA  . LEU A 1 63  ? -1.34749  5.34824   -5.89119  1.000 13.03000 ? 864  LEU A CA  1 
ATOM   405 C C   . LEU A 1 63  ? -2.75215  5.40869   -5.30181  1.000 13.61000 ? 864  LEU A C   1 
ATOM   406 O O   . LEU A 1 63  ? -3.25419  6.49452   -4.99381  1.000 14.61000 ? 864  LEU A O   1 
ATOM   407 C CB  . LEU A 1 63  ? -1.42952  5.27941   -7.42096  1.000 13.09000 ? 864  LEU A CB  1 
ATOM   408 C CG  . LEU A 1 63  ? -0.11987  5.27738   -8.22197  1.000 15.41000 ? 864  LEU A CG  1 
ATOM   409 C CD1 . LEU A 1 63  ? -0.35275  4.70498   -9.60597  1.000 15.60000 ? 864  LEU A CD1 1 
ATOM   410 C CD2 . LEU A 1 63  ? 0.38488   6.70521   -8.34491  1.000 18.87000 ? 864  LEU A CD2 1 
ATOM   411 N N   . GLU A 1 64  ? -3.41068  4.25840   -5.17879  1.000 12.76000 ? 865  GLU A N   1 
ATOM   412 C CA  . GLU A 1 64  ? -4.78737  4.17785   -4.70673  1.000 13.94000 ? 865  GLU A CA  1 
ATOM   413 C C   . GLU A 1 64  ? -4.95688  2.93519   -3.85072  1.000 14.06000 ? 865  GLU A C   1 
ATOM   414 O O   . GLU A 1 64  ? -4.30465  1.91440   -4.07766  1.000 12.93000 ? 865  GLU A O   1 
ATOM   415 C CB  . GLU A 1 64  ? -5.80660  4.10793   -5.86210  1.000 15.66000 ? 865  GLU A CB  1 
ATOM   416 C CG  . GLU A 1 64  ? -5.84433  5.35295   -6.72774  1.000 16.90000 ? 865  GLU A CG  1 
ATOM   417 C CD  . GLU A 1 64  ? -6.81574  5.26764   -7.89521  1.000 22.00000 ? 865  GLU A CD  1 
ATOM   418 O OE1 . GLU A 1 64  ? -7.54415  4.25726   -8.02574  1.000 21.21000 ? 865  GLU A OE1 1 
ATOM   419 O OE2 . GLU A 1 64  ? -6.83904  6.22756   -8.69743  1.000 25.86000 ? 865  GLU A OE2 1 
ATOM   420 N N   . VAL A 1 65  ? -5.86930  3.02552   -2.88593  1.000 13.32000 ? 866  VAL A N   1 
ATOM   421 C CA  . VAL A 1 65  ? -6.29442  1.89075   -2.07449  1.000 13.17000 ? 866  VAL A CA  1 
ATOM   422 C C   . VAL A 1 65  ? -7.79025  1.73141   -2.27693  1.000 15.48000 ? 866  VAL A C   1 
ATOM   423 O O   . VAL A 1 65  ? -8.56315  2.63823   -1.93927  1.000 14.16000 ? 866  VAL A O   1 
ATOM   424 C CB  . VAL A 1 65  ? -5.94819  2.10445   -0.59411  1.000 17.07000 ? 866  VAL A CB  1 
ATOM   425 C CG1 . VAL A 1 65  ? -6.40356  0.92540   0.24222   1.000 16.97000 ? 866  VAL A CG1 1 
ATOM   426 C CG2 . VAL A 1 65  ? -4.46229  2.29418   -0.45549  1.000 17.72000 ? 866  VAL A CG2 1 
ATOM   427 N N   . ASN A 1 66  ? -8.19975  0.59821   -2.85387  1.000 13.48000 ? 867  ASN A N   1 
ATOM   428 C CA  . ASN A 1 66  ? -9.61136  0.36582   -3.16996  1.000 15.46000 ? 867  ASN A CA  1 
ATOM   429 C C   . ASN A 1 66  ? -10.20883 1.55041   -3.93202  1.000 16.25000 ? 867  ASN A C   1 
ATOM   430 O O   . ASN A 1 66  ? -11.33019 1.98984   -3.66580  1.000 15.68000 ? 867  ASN A O   1 
ATOM   431 C CB  . ASN A 1 66  ? -10.41991 0.07499   -1.90076  1.000 15.69000 ? 867  ASN A CB  1 
ATOM   432 C CG  . ASN A 1 66  ? -10.05619 -1.25882  -1.25864  1.000 18.45000 ? 867  ASN A CG  1 
ATOM   433 O OD1 . ASN A 1 66  ? -9.75290  -2.23293  -1.95090  1.000 15.36000 ? 867  ASN A OD1 1 
ATOM   434 N ND2 . ASN A 1 66  ? -10.09672 -1.30734  0.07214   1.000 13.81000 ? 867  ASN A ND2 1 
ATOM   435 N N   . GLY A 1 67  ? -9.44555  2.08235   -4.88471  1.000 12.55000 ? 868  GLY A N   1 
ATOM   436 C CA  . GLY A 1 67  ? -9.92456  3.15976   -5.71901  1.000 14.72000 ? 868  GLY A CA  1 
ATOM   437 C C   . GLY A 1 67  ? -9.79827  4.54115   -5.12594  1.000 17.62000 ? 868  GLY A C   1 
ATOM   438 O O   . GLY A 1 67  ? -10.11655 5.52324   -5.81363  1.000 19.88000 ? 868  GLY A O   1 
ATOM   439 N N   . GLN A 1 68  ? -9.33211  4.65686   -3.88581  1.000 15.33000 ? 869  GLN A N   1 
ATOM   440 C CA  . GLN A 1 68  ? -9.20750  5.94263   -3.20839  1.000 13.33000 ? 869  GLN A CA  1 
ATOM   441 C C   . GLN A 1 68  ? -7.78372  6.46186   -3.36322  1.000 15.73000 ? 869  GLN A C   1 
ATOM   442 O O   . GLN A 1 68  ? -6.83650  5.80104   -2.93549  1.000 14.23000 ? 869  GLN A O   1 
ATOM   443 C CB  . GLN A 1 68  ? -9.55869  5.80772   -1.72869  1.000 12.33000 ? 869  GLN A CB  1 
ATOM   444 C CG  . GLN A 1 68  ? -9.47704  7.15617   -1.00863  1.000 17.56000 ? 869  GLN A CG  1 
ATOM   445 C CD  . GLN A 1 68  ? -9.77859  7.07298   0.47721   1.000 19.74000 ? 869  GLN A CD  1 
ATOM   446 O OE1 . GLN A 1 68  ? -9.95617  5.98887   1.04467   1.000 21.15000 ? 869  GLN A OE1 1 
ATOM   447 N NE2 . GLN A 1 68  ? -9.82784  8.23006   1.11600   1.000 19.40000 ? 869  GLN A NE2 1 
ATOM   448 N N   . THR A 1 69  ? -7.63137  7.64973   -3.95056  1.000 14.96000 ? 870  THR A N   1 
ATOM   449 C CA  . THR A 1 69  ? -6.28970  8.19919   -4.11189  1.000 14.71000 ? 870  THR A CA  1 
ATOM   450 C C   . THR A 1 69  ? -5.63616  8.44494   -2.75496  1.000 16.10000 ? 870  THR A C   1 
ATOM   451 O O   . THR A 1 69  ? -6.28618  8.87881   -1.79964  1.000 17.01000 ? 870  THR A O   1 
ATOM   452 C CB  . THR A 1 69  ? -6.32637  9.50977   -4.91489  1.000 15.67000 ? 870  THR A CB  1 
ATOM   453 O OG1 . THR A 1 69  ? -4.98721  9.98544   -5.09032  1.000 18.18000 ? 870  THR A OG1 1 
ATOM   454 C CG2 . THR A 1 69  ? -7.11981  10.57888  -4.20468  1.000 18.48000 ? 870  THR A CG2 1 
ATOM   455 N N   . LEU A 1 70  ? -4.33420  8.16513   -2.66744  1.000 12.87000 ? 871  LEU A N   1 
ATOM   456 C CA  . LEU A 1 70  ? -3.57506  8.56119   -1.48475  1.000 13.01000 ? 871  LEU A CA  1 
ATOM   457 C C   . LEU A 1 70  ? -2.90988  9.93105   -1.63840  1.000 15.72000 ? 871  LEU A C   1 
ATOM   458 O O   . LEU A 1 70  ? -2.21049  10.37216  -0.71827  1.000 16.65000 ? 871  LEU A O   1 
ATOM   459 C CB  . LEU A 1 70  ? -2.52072  7.49879   -1.14608  1.000 14.59000 ? 871  LEU A CB  1 
ATOM   460 C CG  . LEU A 1 70  ? -3.13159  6.17620   -0.68662  1.000 16.19000 ? 871  LEU A CG  1 
ATOM   461 C CD1 . LEU A 1 70  ? -2.05094  5.24962   -0.14095  1.000 14.68000 ? 871  LEU A CD1 1 
ATOM   462 C CD2 . LEU A 1 70  ? -4.22042  6.43495   0.35159   1.000 14.32000 ? 871  LEU A CD2 1 
ATOM   463 N N   . ARG A 1 71  ? -3.11589  10.61609  -2.76443  1.000 14.90000 ? 872  ARG A N   1 
ATOM   464 C CA  . ARG A 1 71  ? -2.52658  11.93793  -2.94733  1.000 14.58000 ? 872  ARG A CA  1 
ATOM   465 C C   . ARG A 1 71  ? -3.02999  12.88656  -1.86834  1.000 16.62000 ? 872  ARG A C   1 
ATOM   466 O O   . ARG A 1 71  ? -4.22759  12.93321  -1.57605  1.000 15.84000 ? 872  ARG A O   1 
ATOM   467 C CB  . ARG A 1 71  ? -2.86532  12.48653  -4.33744  1.000 14.95000 ? 872  ARG A CB  1 
ATOM   468 C CG  . ARG A 1 71  ? -2.41804  13.94051  -4.55087  1.000 19.73000 ? 872  ARG A CG  1 
ATOM   469 C CD  . ARG A 1 71  ? -3.03805  14.57018  -5.81178  1.000 25.86000 ? 872  ARG A CD  1 
ATOM   470 N NE  . ARG A 1 71  ? -2.97195  16.03752  -5.75860  1.000 29.69000 ? 872  ARG A NE  1 
ATOM   471 C CZ  . ARG A 1 71  ? -3.33509  16.85257  -6.74769  1.000 39.61000 ? 872  ARG A CZ  1 
ATOM   472 N NH1 . ARG A 1 71  ? -3.78863  16.35396  -7.89236  1.000 38.28000 ? 872  ARG A NH1 1 
ATOM   473 N NH2 . ARG A 1 71  ? -3.24244  18.17319  -6.59502  1.000 28.64000 ? 872  ARG A NH2 1 
ATOM   474 N N   . GLY A 1 72  ? -2.10510  13.61874  -1.24841  1.000 14.03000 ? 873  GLY A N   1 
ATOM   475 C CA  . GLY A 1 72  ? -2.46949  14.57087  -0.22160  1.000 14.26000 ? 873  GLY A CA  1 
ATOM   476 C C   . GLY A 1 72  ? -2.61370  13.98959  1.16583   1.000 17.36000 ? 873  GLY A C   1 
ATOM   477 O O   . GLY A 1 72  ? -2.82712  14.75076  2.11782   1.000 18.59000 ? 873  GLY A O   1 
ATOM   478 N N   . LYS A 1 73  ? -2.50228  12.67084  1.31899   1.000 14.55000 ? 874  LYS A N   1 
ATOM   479 C CA  . LYS A 1 73  ? -2.60003  12.03490  2.62422   1.000 13.94000 ? 874  LYS A CA  1 
ATOM   480 C C   . LYS A 1 73  ? -1.21078  11.96127  3.24024   1.000 15.41000 ? 874  LYS A C   1 
ATOM   481 O O   . LYS A 1 73  ? -0.30567  11.33970  2.66691   1.000 13.33000 ? 874  LYS A O   1 
ATOM   482 C CB  . LYS A 1 73  ? -3.18296  10.62693  2.51281   1.000 15.80000 ? 874  LYS A CB  1 
ATOM   483 C CG  . LYS A 1 73  ? -4.45841  10.52390  1.70790   1.000 17.31000 ? 874  LYS A CG  1 
ATOM   484 C CD  . LYS A 1 73  ? -5.55730  11.32108  2.32749   1.000 22.72000 ? 874  LYS A CD  1 
ATOM   485 C CE  . LYS A 1 73  ? -6.89810  10.94241  1.72215   1.000 30.85000 ? 874  LYS A CE  1 
ATOM   486 N NZ  . LYS A 1 73  ? -7.97344  11.76697  2.32788   1.000 36.33000 ? 874  LYS A NZ  1 
ATOM   487 N N   . GLU A 1 74  ? -1.04772  12.57471  4.40883   1.000 15.16000 ? 875  GLU A N   1 
ATOM   488 C CA  . GLU A 1 74  ? 0.22610   12.46062  5.09486   1.000 16.13000 ? 875  GLU A CA  1 
ATOM   489 C C   . GLU A 1 74  ? 0.39156   11.04014  5.62574   1.000 14.57000 ? 875  GLU A C   1 
ATOM   490 O O   . GLU A 1 74  ? -0.56257  10.26293  5.71178   1.000 14.24000 ? 875  GLU A O   1 
ATOM   491 C CB  . GLU A 1 74  ? 0.34096   13.50094  6.20876   1.000 18.59000 ? 875  GLU A CB  1 
ATOM   492 C CG  . GLU A 1 74  ? 0.59458   14.92024  5.62577   1.000 23.21000 ? 875  GLU A CG  1 
ATOM   493 C CD  . GLU A 1 74  ? 1.12655   15.92463  6.63705   1.000 35.36000 ? 875  GLU A CD  1 
ATOM   494 O OE1 . GLU A 1 74  ? 1.45854   17.06163  6.22751   1.000 33.52000 ? 875  GLU A OE1 1 
ATOM   495 O OE2 . GLU A 1 74  ? 1.21220   15.58557  7.83611   1.000 36.97000 ? 875  GLU A OE2 1 
ATOM   496 N N   . HIS A 1 75  ? 1.63764   10.70661  5.95415   1.000 13.57000 ? 876  HIS A N   1 
ATOM   497 C CA  . HIS A 1 75  ? 2.01895   9.32179   6.22945   1.000 14.82000 ? 876  HIS A CA  1 
ATOM   498 C C   . HIS A 1 75  ? 1.04254   8.61597   7.16543   1.000 15.41000 ? 876  HIS A C   1 
ATOM   499 O O   . HIS A 1 75  ? 0.55739   7.51885   6.86035   1.000 15.51000 ? 876  HIS A O   1 
ATOM   500 C CB  . HIS A 1 75  ? 3.42745   9.28702   6.81627   1.000 15.75000 ? 876  HIS A CB  1 
ATOM   501 C CG  . HIS A 1 75  ? 3.91159   7.90471   7.12636   1.000 16.32000 ? 876  HIS A CG  1 
ATOM   502 N ND1 . HIS A 1 75  ? 4.56590   7.12203   6.19973   1.000 14.65000 ? 876  HIS A ND1 1 
ATOM   503 C CD2 . HIS A 1 75  ? 3.82647   7.16165   8.25499   1.000 17.19000 ? 876  HIS A CD2 1 
ATOM   504 C CE1 . HIS A 1 75  ? 4.86991   5.95543   6.74746   1.000 15.20000 ? 876  HIS A CE1 1 
ATOM   505 N NE2 . HIS A 1 75  ? 4.42825   5.95393   7.99359   1.000 18.07000 ? 876  HIS A NE2 1 
ATOM   506 N N   . LYS A 1 76  ? 0.75218   9.21792   8.32278   1.000 14.77000 ? 877  LYS A N   1 
ATOM   507 C CA  . LYS A 1 76  ? -0.07792  8.52413   9.30603   1.000 15.95000 ? 877  LYS A CA  1 
ATOM   508 C C   . LYS A 1 76  ? -1.48180  8.27130   8.77111   1.000 15.71000 ? 877  LYS A C   1 
ATOM   509 O O   . LYS A 1 76  ? -2.07490  7.21905   9.04436   1.000 15.86000 ? 877  LYS A O   1 
ATOM   510 C CB  . LYS A 1 76  ? -0.12760  9.31479   10.61467  1.000 20.80000 ? 877  LYS A CB  1 
ATOM   511 C CG  . LYS A 1 76  ? 1.17312   9.27570   11.40209  1.000 28.00000 ? 877  LYS A CG  1 
ATOM   512 C CD  . LYS A 1 76  ? 1.03533   10.05994  12.70577  1.000 36.71000 ? 877  LYS A CD  1 
ATOM   513 C CE  . LYS A 1 76  ? 2.37272   10.19437  13.43113  1.000 43.33000 ? 877  LYS A CE  1 
ATOM   514 N NZ  . LYS A 1 76  ? 3.37034   10.96035  12.62396  1.000 47.16000 ? 877  LYS A NZ  1 
ATOM   515 N N   . GLU A 1 77  ? -2.02258  9.21385   7.99420   1.000 18.98000 ? 878  GLU A N   1 
ATOM   516 C CA  . GLU A 1 77  ? -3.36021  9.03282   7.43084   1.000 15.84000 ? 878  GLU A CA  1 
ATOM   517 C C   . GLU A 1 77  ? -3.36703  7.96424   6.33895   1.000 15.79000 ? 878  GLU A C   1 
ATOM   518 O O   . GLU A 1 77  ? -4.29162  7.14336   6.26777   1.000 15.55000 ? 878  GLU A O   1 
ATOM   519 C CB  . GLU A 1 77  ? -3.87974  10.36717  6.89653   1.000 18.10000 ? 878  GLU A CB  1 
ATOM   520 C CG  . GLU A 1 77  ? -5.25316  10.31086  6.22272   1.000 16.11000 ? 878  GLU A CG  1 
ATOM   521 C CD  . GLU A 1 77  ? -6.39856  9.96332   7.17440   1.000 24.22000 ? 878  GLU A CD  1 
ATOM   522 O OE1 . GLU A 1 77  ? -6.18987  9.87709   8.40904   1.000 23.19000 ? 878  GLU A OE1 1 
ATOM   523 O OE2 . GLU A 1 77  ? -7.52403  9.77499   6.67340   1.000 25.86000 ? 878  GLU A OE2 1 
ATOM   524 N N   . ALA A 1 78  ? -2.33686  7.93685   5.48789   1.000 14.27000 ? 879  ALA A N   1 
ATOM   525 C CA  . ALA A 1 78  ? -2.23803  6.84620   4.51737   1.000 14.03000 ? 879  ALA A CA  1 
ATOM   526 C C   . ALA A 1 78  ? -2.14635  5.49391   5.21739   1.000 14.09000 ? 879  ALA A C   1 
ATOM   527 O O   . ALA A 1 78  ? -2.80482  4.52768   4.81342   1.000 15.80000 ? 879  ALA A O   1 
ATOM   528 C CB  . ALA A 1 78  ? -1.03036  7.04997   3.60484   1.000 13.50000 ? 879  ALA A CB  1 
ATOM   529 N N   . ALA A 1 79  ? -1.32807  5.40254   6.27103   1.000 14.53000 ? 880  ALA A N   1 
ATOM   530 C CA  . ALA A 1 79  ? -1.23568  4.15114   7.01587   1.000 14.97000 ? 880  ALA A CA  1 
ATOM   531 C C   . ALA A 1 79  ? -2.57682  3.77388   7.63429   1.000 17.72000 ? 880  ALA A C   1 
ATOM   532 O O   . ALA A 1 79  ? -2.92992  2.59131   7.69949   1.000 15.08000 ? 880  ALA A O   1 
ATOM   533 C CB  . ALA A 1 79  ? -0.17321  4.26131   8.10559   1.000 13.49000 ? 880  ALA A CB  1 
ATOM   534 N N   . ARG A 1 80  ? -3.32828  4.76775   8.11400   1.000 14.28000 ? 881  ARG A N   1 
ATOM   535 C CA  . ARG A 1 80  ? -4.63266  4.48972   8.71095   1.000 14.81000 ? 881  ARG A CA  1 
ATOM   536 C C   . ARG A 1 80  ? -5.59829  3.93417   7.68003   1.000 14.20000 ? 881  ARG A C   1 
ATOM   537 O O   . ARG A 1 80  ? -6.31807  2.96386   7.95273   1.000 17.59000 ? 881  ARG A O   1 
ATOM   538 C CB  . ARG A 1 80  ? -5.21513  5.75475   9.34606   1.000 15.84000 ? 881  ARG A CB  1 
ATOM   539 C CG  . ARG A 1 80  ? -6.48085  5.50533   10.16094  1.000 15.91000 ? 881  ARG A CG  1 
ATOM   540 C CD  . ARG A 1 80  ? -7.21322  6.79959   10.49698  1.000 17.47000 ? 881  ARG A CD  1 
ATOM   541 N NE  . ARG A 1 80  ? -7.65882  7.49852   9.29794   1.000 16.81000 ? 881  ARG A NE  1 
ATOM   542 C CZ  . ARG A 1 80  ? -8.76397  7.18883   8.62863   1.000 20.76000 ? 881  ARG A CZ  1 
ATOM   543 N NH1 . ARG A 1 80  ? -9.53623  6.20192   9.05949   1.000 18.33000 ? 881  ARG A NH1 1 
ATOM   544 N NH2 . ARG A 1 80  ? -9.10135  7.86803   7.54208   1.000 21.31000 ? 881  ARG A NH2 1 
ATOM   545 N N   . ILE A 1 81  ? -5.62814  4.53871   6.48995   1.000 13.07000 ? 882  ILE A N   1 
ATOM   546 C CA  . ILE A 1 81  ? -6.51923  4.07270   5.42721   1.000 14.03000 ? 882  ILE A CA  1 
ATOM   547 C C   . ILE A 1 81  ? -6.19144  2.63591   5.04576   1.000 12.72000 ? 882  ILE A C   1 
ATOM   548 O O   . ILE A 1 81  ? -7.09123  1.80888   4.85111   1.000 15.63000 ? 882  ILE A O   1 
ATOM   549 C CB  . ILE A 1 81  ? -6.42665  5.01388   4.21400   1.000 13.47000 ? 882  ILE A CB  1 
ATOM   550 C CG1 . ILE A 1 81  ? -7.07808  6.36013   4.54362   1.000 15.24000 ? 882  ILE A CG1 1 
ATOM   551 C CG2 . ILE A 1 81  ? -7.05901  4.38378   2.98481   1.000 16.66000 ? 882  ILE A CG2 1 
ATOM   552 C CD1 . ILE A 1 81  ? -6.81343  7.44274   3.50578   1.000 17.32000 ? 882  ILE A CD1 1 
ATOM   553 N N   . ILE A 1 82  ? -4.90223  2.31592   4.93246   1.000 12.79000 ? 883  ILE A N   1 
ATOM   554 C CA  . ILE A 1 82  ? -4.51101  0.96494   4.53287   1.000 11.21000 ? 883  ILE A CA  1 
ATOM   555 C C   . ILE A 1 82  ? -4.87675  -0.03833  5.61702   1.000 15.46000 ? 883  ILE A C   1 
ATOM   556 O O   . ILE A 1 82  ? -5.34195  -1.15042  5.32766   1.000 16.34000 ? 883  ILE A O   1 
ATOM   557 C CB  . ILE A 1 82  ? -3.00672  0.93469   4.21103   1.000 12.92000 ? 883  ILE A CB  1 
ATOM   558 C CG1 . ILE A 1 82  ? -2.71826  1.84001   3.01851   1.000 13.74000 ? 883  ILE A CG1 1 
ATOM   559 C CG2 . ILE A 1 82  ? -2.53252  -0.49131  3.93331   1.000 14.19000 ? 883  ILE A CG2 1 
ATOM   560 C CD1 . ILE A 1 82  ? -1.23417  2.10148   2.78323   1.000 13.58000 ? 883  ILE A CD1 1 
ATOM   561 N N   . ALA A 1 83  ? -4.65614  0.33293   6.88225   1.000 15.50000 ? 884  ALA A N   1 
ATOM   562 C CA  . ALA A 1 83  ? -5.05243  -0.52111  7.99571   1.000 17.08000 ? 884  ALA A CA  1 
ATOM   563 C C   . ALA A 1 83  ? -6.55297  -0.77115  7.99134   1.000 17.60000 ? 884  ALA A C   1 
ATOM   564 O O   . ALA A 1 83  ? -7.00191  -1.90269  8.20538   1.000 16.88000 ? 884  ALA A O   1 
ATOM   565 C CB  . ALA A 1 83  ? -4.62512  0.11626   9.31889   1.000 18.35000 ? 884  ALA A CB  1 
ATOM   566 N N   . GLU A 1 84  ? -7.34923  0.28399   7.79116   1.000 15.99000 ? 885  GLU A N   1 
ATOM   567 C CA  . GLU A 1 84  ? -8.79941  0.10731   7.74218   1.000 15.78000 ? 885  GLU A CA  1 
ATOM   568 C C   . GLU A 1 84  ? -9.20177  -0.78475  6.57584   1.000 17.09000 ? 885  GLU A C   1 
ATOM   569 O O   . GLU A 1 84  ? -10.09674 -1.62458  6.70911   1.000 17.60000 ? 885  GLU A O   1 
ATOM   570 C CB  . GLU A 1 84  ? -9.50664  1.46336   7.63691   1.000 17.82000 ? 885  GLU A CB  1 
ATOM   571 C CG  . GLU A 1 84  ? -9.49440  2.31420   8.90725   1.000 22.81000 ? 885  GLU A CG  1 
ATOM   572 C CD  . GLU A 1 84  ? -10.13051 1.62159   10.10693  1.000 38.19000 ? 885  GLU A CD  1 
ATOM   573 O OE1 . GLU A 1 84  ? -9.66934  1.86461   11.24569  1.000 37.52000 ? 885  GLU A OE1 1 
ATOM   574 O OE2 . GLU A 1 84  ? -11.08109 0.82939   9.91703   1.000 35.95000 ? 885  GLU A OE2 1 
ATOM   575 N N   . ALA A 1 85  ? -8.54297  -0.62578  5.42456   1.000 14.34000 ? 886  ALA A N   1 
ATOM   576 C CA  . ALA A 1 85  ? -8.84338  -1.48491  4.28365   1.000 13.14000 ? 886  ALA A CA  1 
ATOM   577 C C   . ALA A 1 85  ? -8.56379  -2.94497  4.60116   1.000 13.62000 ? 886  ALA A C   1 
ATOM   578 O O   . ALA A 1 85  ? -9.27269  -3.84055  4.12678   1.000 15.01000 ? 886  ALA A O   1 
ATOM   579 C CB  . ALA A 1 85  ? -8.03293  -1.04272  3.06403   1.000 13.45000 ? 886  ALA A CB  1 
ATOM   580 N N   . PHE A 1 86  ? -7.52856  -3.21033  5.39260   1.000 12.68000 ? 887  PHE A N   1 
ATOM   581 C CA  . PHE A 1 86  ? -7.23680  -4.59822  5.72198   1.000 14.92000 ? 887  PHE A CA  1 
ATOM   582 C C   . PHE A 1 86  ? -8.21118  -5.15195  6.75192   1.000 15.23000 ? 887  PHE A C   1 
ATOM   583 O O   . PHE A 1 86  ? -8.54505  -6.34182  6.70445   1.000 16.91000 ? 887  PHE A O   1 
ATOM   584 C CB  . PHE A 1 86  ? -5.79795  -4.73268  6.22502   1.000 15.58000 ? 887  PHE A CB  1 
ATOM   585 C CG  . PHE A 1 86  ? -5.39694  -6.15268  6.48305   1.000 14.34000 ? 887  PHE A CG  1 
ATOM   586 C CD1 . PHE A 1 86  ? -5.17104  -7.02175  5.43102   1.000 15.99000 ? 887  PHE A CD1 1 
ATOM   587 C CD2 . PHE A 1 86  ? -5.27036  -6.62622  7.77493   1.000 17.10000 ? 887  PHE A CD2 1 
ATOM   588 C CE1 . PHE A 1 86  ? -4.82965  -8.33921  5.65782   1.000 17.87000 ? 887  PHE A CE1 1 
ATOM   589 C CE2 . PHE A 1 86  ? -4.91496  -7.95863  8.01190   1.000 18.76000 ? 887  PHE A CE2 1 
ATOM   590 C CZ  . PHE A 1 86  ? -4.69480  -8.80857  6.94792   1.000 17.09000 ? 887  PHE A CZ  1 
ATOM   591 N N   . LYS A 1 87  ? -8.68126  -4.30807  7.67492   1.000 17.42000 ? 888  LYS A N   1 
ATOM   592 C CA  . LYS A 1 87  ? -9.52534  -4.76246  8.77385   1.000 18.66000 ? 888  LYS A CA  1 
ATOM   593 C C   . LYS A 1 87  ? -10.99191 -4.85695  8.39723   1.000 23.08000 ? 888  LYS A C   1 
ATOM   594 O O   . LYS A 1 87  ? -11.75879 -5.49709  9.12347   1.000 23.09000 ? 888  LYS A O   1 
ATOM   595 C CB  . LYS A 1 87  ? -9.41447  -3.81477  9.96612   1.000 20.20000 ? 888  LYS A CB  1 
ATOM   596 C CG  . LYS A 1 87  ? -8.25296  -4.06964  10.89578  1.000 35.54000 ? 888  LYS A CG  1 
ATOM   597 C CD  . LYS A 1 87  ? -8.39009  -3.21584  12.15571  1.000 35.89000 ? 888  LYS A CD  1 
ATOM   598 C CE  . LYS A 1 87  ? -7.82569  -1.82322  11.95369  1.000 38.69000 ? 888  LYS A CE  1 
ATOM   599 N NZ  . LYS A 1 87  ? -6.44584  -1.70156  12.52260  1.000 41.40000 ? 888  LYS A NZ  1 
ATOM   600 N N   . THR A 1 88  ? -11.39956 -4.22984  7.29833   1.000 23.54000 ? 889  THR A N   1 
ATOM   601 C CA  . THR A 1 88  ? -12.82162 -4.06624  7.03154   1.000 26.52000 ? 889  THR A CA  1 
ATOM   602 C C   . THR A 1 88  ? -13.51405 -5.41142  6.86040   1.000 24.74000 ? 889  THR A C   1 
ATOM   603 O O   . THR A 1 88  ? -12.93020 -6.39592  6.40404   1.000 21.44000 ? 889  THR A O   1 
ATOM   604 C CB  . THR A 1 88  ? -13.05364 -3.21224  5.78682   1.000 22.85000 ? 889  THR A CB  1 
ATOM   605 O OG1 . THR A 1 88  ? -14.45154 -2.91190  5.68160   1.000 29.50000 ? 889  THR A OG1 1 
ATOM   606 C CG2 . THR A 1 88  ? -12.60986 -3.94928  4.52007   1.000 20.61000 ? 889  THR A CG2 1 
ATOM   607 N N   . LYS A 1 89  ? -14.77209 -5.45077  7.27629   1.000 23.67000 ? 890  LYS A N   1 
ATOM   608 C CA  . LYS A 1 89  ? -15.62337 -6.60073  7.04681   1.000 22.74000 ? 890  LYS A CA  1 
ATOM   609 C C   . LYS A 1 89  ? -16.40979 -6.46283  5.75703   1.000 20.90000 ? 890  LYS A C   1 
ATOM   610 O O   . LYS A 1 89  ? -17.26759 -7.29827  5.46844   1.000 23.23000 ? 890  LYS A O   1 
ATOM   611 C CB  . LYS A 1 89  ? -16.56603 -6.79007  8.23937   1.000 35.13000 ? 890  LYS A CB  1 
ATOM   612 C CG  . LYS A 1 89  ? -15.85321 -6.74605  9.58844   1.000 37.17000 ? 890  LYS A CG  1 
ATOM   613 C CD  . LYS A 1 89  ? -16.84439 -6.76093  10.74821  1.000 48.22000 ? 890  LYS A CD  1 
ATOM   614 C CE  . LYS A 1 89  ? -16.85078 -5.44038  11.51467  1.000 47.27000 ? 890  LYS A CE  1 
ATOM   615 N NZ  . LYS A 1 89  ? -15.50498 -5.07566  12.03568  1.000 49.96000 ? 890  LYS A NZ  1 
ATOM   616 N N   . GLU A 1 90  ? -16.12619 -5.42217  4.97439   1.000 18.87000 ? 891  GLU A N   1 
ATOM   617 C CA  . GLU A 1 90  ? -16.82851 -5.22011  3.71757   1.000 18.52000 ? 891  GLU A CA  1 
ATOM   618 C C   . GLU A 1 90  ? -16.42718 -6.26918  2.68553   1.000 24.89000 ? 891  GLU A C   1 
ATOM   619 O O   . GLU A 1 90  ? -17.26770 -6.74113  1.91122   1.000 24.17000 ? 891  GLU A O   1 
ATOM   620 C CB  . GLU A 1 90  ? -16.54056 -3.79824  3.22185   1.000 25.38000 ? 891  GLU A CB  1 
ATOM   621 C CG  . GLU A 1 90  ? -17.49833 -3.25632  2.20331   1.000 21.81000 ? 891  GLU A CG  1 
ATOM   622 C CD  . GLU A 1 90  ? -17.03974 -1.91122  1.65811   1.000 23.29000 ? 891  GLU A CD  1 
ATOM   623 O OE1 . GLU A 1 90  ? -16.45825 -1.09755  2.42158   1.000 22.33000 ? 891  GLU A OE1 1 
ATOM   624 O OE2 . GLU A 1 90  ? -17.23817 -1.67453  0.45744   1.000 24.24000 ? 891  GLU A OE2 1 
ATOM   625 N N   . ARG A 1 91  ? -15.15676 -6.67419  2.67961   1.000 26.13000 ? 892  ARG A N   1 
ATOM   626 C CA  . ARG A 1 91  ? -14.62994 -7.57311  1.65783   1.000 22.02000 ? 892  ARG A CA  1 
ATOM   627 C C   . ARG A 1 91  ? -13.44429 -8.33183  2.24118   1.000 19.21000 ? 892  ARG A C   1 
ATOM   628 O O   . ARG A 1 91  ? -12.90064 -7.95925  3.28202   1.000 21.61000 ? 892  ARG A O   1 
ATOM   629 C CB  . ARG A 1 91  ? -14.20730 -6.78695  0.41026   1.000 24.91000 ? 892  ARG A CB  1 
ATOM   630 C CG  . ARG A 1 91  ? -13.25815 -5.64351  0.74933   1.000 26.59000 ? 892  ARG A CG  1 
ATOM   631 C CD  . ARG A 1 91  ? -12.77927 -4.88646  -0.47996  1.000 26.83000 ? 892  ARG A CD  1 
ATOM   632 N NE  . ARG A 1 91  ? -13.87960 -4.24085  -1.16231  1.000 33.08000 ? 892  ARG A NE  1 
ATOM   633 C CZ  . ARG A 1 91  ? -13.73854 -3.34682  -2.13427  1.000 34.99000 ? 892  ARG A CZ  1 
ATOM   634 N NH1 . ARG A 1 91  ? -12.52883 -2.97937  -2.54162  1.000 38.39000 ? 892  ARG A NH1 1 
ATOM   635 N NH2 . ARG A 1 91  ? -14.81608 -2.81757  -2.69457  1.000 37.27000 ? 892  ARG A NH2 1 
ATOM   636 N N   . ASP A 1 92  ? -13.03176 -9.39476  1.54394   1.000 18.83000 ? 893  ASP A N   1 
ATOM   637 C CA  . ASP A 1 92  ? -11.89718 -10.20332 1.97188   1.000 17.52000 ? 893  ASP A CA  1 
ATOM   638 C C   . ASP A 1 92  ? -10.61836 -9.90150  1.18725   1.000 16.32000 ? 893  ASP A C   1 
ATOM   639 O O   . ASP A 1 92  ? -9.70864  -10.73374 1.15273   1.000 16.50000 ? 893  ASP A O   1 
ATOM   640 C CB  . ASP A 1 92  ? -12.24843 -11.69784 1.88804   1.000 20.60000 ? 893  ASP A CB  1 
ATOM   641 C CG  . ASP A 1 92  ? -12.14218 -12.25895 0.48159   1.000 32.50000 ? 893  ASP A CG  1 
ATOM   642 O OD1 . ASP A 1 92  ? -12.59631 -11.59355 -0.46995  1.000 35.02000 ? 893  ASP A OD1 1 
ATOM   643 O OD2 . ASP A 1 92  ? -11.60657 -13.38025 0.32382   1.000 42.42000 ? 893  ASP A OD2 1 
ATOM   644 N N   . TYR A 1 93  ? -10.50595 -8.71020  0.60461   1.000 13.99000 ? 894  TYR A N   1 
ATOM   645 C CA  . TYR A 1 93  ? -9.35230  -8.36087  -0.21085  1.000 12.80000 ? 894  TYR A CA  1 
ATOM   646 C C   . TYR A 1 93  ? -9.14390  -6.85167  -0.14865  1.000 13.29000 ? 894  TYR A C   1 
ATOM   647 O O   . TYR A 1 93  ? -10.02756 -6.10175  0.27217   1.000 13.69000 ? 894  TYR A O   1 
ATOM   648 C CB  . TYR A 1 93  ? -9.53996  -8.81024  -1.67099  1.000 13.51000 ? 894  TYR A CB  1 
ATOM   649 C CG  . TYR A 1 93  ? -10.72030 -8.14746  -2.35782  1.000 15.29000 ? 894  TYR A CG  1 
ATOM   650 C CD1 . TYR A 1 93  ? -10.58996 -6.90700  -2.98693  1.000 17.99000 ? 894  TYR A CD1 1 
ATOM   651 C CD2 . TYR A 1 93  ? -11.96971 -8.75709  -2.37165  1.000 18.72000 ? 894  TYR A CD2 1 
ATOM   652 C CE1 . TYR A 1 93  ? -11.68224 -6.29268  -3.59950  1.000 20.11000 ? 894  TYR A CE1 1 
ATOM   653 C CE2 . TYR A 1 93  ? -13.06955 -8.14987  -2.98266  1.000 21.29000 ? 894  TYR A CE2 1 
ATOM   654 C CZ  . TYR A 1 93  ? -12.91893 -6.92754  -3.59408  1.000 21.67000 ? 894  TYR A CZ  1 
ATOM   655 O OH  . TYR A 1 93  ? -14.00486 -6.32440  -4.20234  1.000 18.80000 ? 894  TYR A OH  1 
ATOM   656 N N   . ILE A 1 94  ? -7.96368  -6.41598  -0.59672  1.000 12.30000 ? 895  ILE A N   1 
ATOM   657 C CA  . ILE A 1 94  ? -7.66102  -5.00905  -0.86627  1.000 12.59000 ? 895  ILE A CA  1 
ATOM   658 C C   . ILE A 1 94  ? -7.12183  -4.91101  -2.28335  1.000 14.40000 ? 895  ILE A C   1 
ATOM   659 O O   . ILE A 1 94  ? -6.27215  -5.71465  -2.67551  1.000 17.25000 ? 895  ILE A O   1 
ATOM   660 C CB  . ILE A 1 94  ? -6.59739  -4.42136  0.08115   1.000 14.07000 ? 895  ILE A CB  1 
ATOM   661 C CG1 . ILE A 1 94  ? -6.87433  -4.74793  1.53614   1.000 15.29000 ? 895  ILE A CG1 1 
ATOM   662 C CG2 . ILE A 1 94  ? -6.44389  -2.91496  -0.16554  1.000 16.68000 ? 895  ILE A CG2 1 
ATOM   663 C CD1 . ILE A 1 94  ? -5.66769  -4.40860  2.43261   1.000 17.63000 ? 895  ILE A CD1 1 
ATOM   664 N N   . ASP A 1 95  ? -7.57397  -3.90667  -3.03594  1.000 13.86000 ? 896  ASP A N   1 
ATOM   665 C CA  . ASP A 1 95  ? -7.00162  -3.60758  -4.34812  1.000 12.74000 ? 896  ASP A CA  1 
ATOM   666 C C   . ASP A 1 95  ? -6.04177  -2.43153  -4.21112  1.000 16.21000 ? 896  ASP A C   1 
ATOM   667 O O   . ASP A 1 95  ? -6.46709  -1.32720  -3.86305  1.000 17.60000 ? 896  ASP A O   1 
ATOM   668 C CB  . ASP A 1 95  ? -8.09143  -3.25067  -5.36019  1.000 17.43000 ? 896  ASP A CB  1 
ATOM   669 C CG  . ASP A 1 95  ? -8.79556  -4.46529  -5.92280  1.000 24.56000 ? 896  ASP A CG  1 
ATOM   670 O OD1 . ASP A 1 95  ? -8.16748  -5.53867  -6.01160  1.000 24.86000 ? 896  ASP A OD1 1 
ATOM   671 O OD2 . ASP A 1 95  ? -9.98392  -4.33471  -6.28822  1.000 23.49000 ? 896  ASP A OD2 1 
ATOM   672 N N   . PHE A 1 96  ? -4.76387  -2.65090  -4.51395  1.000 13.64000 ? 897  PHE A N   1 
ATOM   673 C CA  . PHE A 1 96  ? -3.77833  -1.57239  -4.51647  1.000 14.76000 ? 897  PHE A CA  1 
ATOM   674 C C   . PHE A 1 96  ? -3.47534  -1.22346  -5.96585  1.000 13.72000 ? 897  PHE A C   1 
ATOM   675 O O   . PHE A 1 96  ? -3.08412  -2.09881  -6.74093  1.000 16.33000 ? 897  PHE A O   1 
ATOM   676 C CB  . PHE A 1 96  ? -2.47733  -1.97609  -3.81562  1.000 13.10000 ? 897  PHE A CB  1 
ATOM   677 C CG  . PHE A 1 96  ? -2.59791  -2.19493  -2.33242  1.000 13.11000 ? 897  PHE A CG  1 
ATOM   678 C CD1 . PHE A 1 96  ? -2.56672  -1.12903  -1.45037  1.000 14.30000 ? 897  PHE A CD1 1 
ATOM   679 C CD2 . PHE A 1 96  ? -2.69402  -3.48015  -1.81833  1.000 16.06000 ? 897  PHE A CD2 1 
ATOM   680 C CE1 . PHE A 1 96  ? -2.65705  -1.33963  -0.07298  1.000 14.92000 ? 897  PHE A CE1 1 
ATOM   681 C CE2 . PHE A 1 96  ? -2.78375  -3.69147  -0.44320  1.000 15.48000 ? 897  PHE A CE2 1 
ATOM   682 C CZ  . PHE A 1 96  ? -2.75938  -2.62060  0.42003   1.000 15.74000 ? 897  PHE A CZ  1 
ATOM   683 N N   . LEU A 1 97  ? -3.63658  0.04269   -6.32838  1.000 12.92000 ? 898  LEU A N   1 
ATOM   684 C CA  . LEU A 1 97  ? -3.12315  0.52499   -7.60561  1.000 12.70000 ? 898  LEU A CA  1 
ATOM   685 C C   . LEU A 1 97  ? -1.69529  0.98959   -7.36042  1.000 14.42000 ? 898  LEU A C   1 
ATOM   686 O O   . LEU A 1 97  ? -1.47717  1.93089   -6.59236  1.000 15.26000 ? 898  LEU A O   1 
ATOM   687 C CB  . LEU A 1 97  ? -3.98338  1.66516   -8.15837  1.000 11.30000 ? 898  LEU A CB  1 
ATOM   688 C CG  . LEU A 1 97  ? -3.58032  2.17249   -9.54326  1.000 14.76000 ? 898  LEU A CG  1 
ATOM   689 C CD1 . LEU A 1 97  ? -3.83828  1.11751   -10.60698 1.000 16.31000 ? 898  LEU A CD1 1 
ATOM   690 C CD2 . LEU A 1 97  ? -4.34109  3.43668   -9.85538  1.000 15.33000 ? 898  LEU A CD2 1 
ATOM   691 N N   . VAL A 1 98  ? -0.72970  0.32823   -8.00455  1.000 14.17000 ? 899  VAL A N   1 
ATOM   692 C CA  . VAL A 1 98  ? 0.68083   0.53488   -7.70581  1.000 11.82000 ? 899  VAL A CA  1 
ATOM   693 C C   . VAL A 1 98  ? 1.43950   0.88595   -8.97579  1.000 14.25000 ? 899  VAL A C   1 
ATOM   694 O O   . VAL A 1 98  ? 0.99699   0.62199   -10.09246 1.000 16.25000 ? 899  VAL A O   1 
ATOM   695 C CB  . VAL A 1 98  ? 1.32694   -0.69562  -7.05239  1.000 15.03000 ? 899  VAL A CB  1 
ATOM   696 C CG1 . VAL A 1 98  ? 0.72141   -0.93149  -5.67396  1.000 15.63000 ? 899  VAL A CG1 1 
ATOM   697 C CG2 . VAL A 1 98  ? 1.15792   -1.92504  -7.95698  1.000 17.04000 ? 899  VAL A CG2 1 
ATOM   698 N N   . THR A 1 99  ? 2.61870   1.46479   -8.78240  1.000 14.73000 ? 900  THR A N   1 
ATOM   699 C CA  . THR A 1 99  ? 3.51657   1.78372   -9.88278  1.000 13.60000 ? 900  THR A CA  1 
ATOM   700 C C   . THR A 1 99  ? 4.94390   1.57220   -9.40622  1.000 15.35000 ? 900  THR A C   1 
ATOM   701 O O   . THR A 1 99  ? 5.25234   1.76910   -8.22714  1.000 15.23000 ? 900  THR A O   1 
ATOM   702 C CB  . THR A 1 99  ? 3.32190   3.23410   -10.38444 1.000 15.29000 ? 900  THR A CB  1 
ATOM   703 O OG1 . THR A 1 99  ? 4.22337   3.49834   -11.47330 1.000 18.02000 ? 900  THR A OG1 1 
ATOM   704 C CG2 . THR A 1 99  ? 3.60370   4.24593   -9.27526  1.000 12.77000 ? 900  THR A CG2 1 
ATOM   705 N N   . GLU A 1 100 ? 5.81144   1.15770   -10.33395 1.000 17.11000 ? 901  GLU A N   1 
ATOM   706 C CA  . GLU A 1 100 ? 7.22455   0.98327   -10.03478 1.000 16.31000 ? 901  GLU A CA  1 
ATOM   707 C C   . GLU A 1 100 ? 8.02674   2.26561   -10.15030 1.000 19.05000 ? 901  GLU A C   1 
ATOM   708 O O   . GLU A 1 100 ? 9.18947   2.27693   -9.73872  1.000 21.47000 ? 901  GLU A O   1 
ATOM   709 C CB  . GLU A 1 100 ? 7.84931   -0.05852  -10.97119 1.000 21.65000 ? 901  GLU A CB  1 
ATOM   710 C CG  . GLU A 1 100 ? 7.41057   -1.47216  -10.69226 1.000 23.17000 ? 901  GLU A CG  1 
ATOM   711 C CD  . GLU A 1 100 ? 8.06231   -2.48009  -11.62202 1.000 33.08000 ? 901  GLU A CD  1 
ATOM   712 O OE1 . GLU A 1 100 ? 9.13538   -2.17719  -12.18114 1.000 36.51000 ? 901  GLU A OE1 1 
ATOM   713 O OE2 . GLU A 1 100 ? 7.49047   -3.57305  -11.79730 1.000 33.82000 ? 901  GLU A OE2 1 
ATOM   714 N N   . PHE A 1 101 ? 7.44575   3.33698   -10.67689 1.000 18.66000 ? 902  PHE A N   1 
ATOM   715 C CA  . PHE A 1 101 ? 8.18776   4.54342   -11.01264 1.000 19.05000 ? 902  PHE A CA  1 
ATOM   716 C C   . PHE A 1 101 ? 7.70455   5.72498   -10.17542 1.000 21.31000 ? 902  PHE A C   1 
ATOM   717 O O   . PHE A 1 101 ? 6.93513   5.57511   -9.22045  1.000 21.22000 ? 902  PHE A O   1 
ATOM   718 C CB  . PHE A 1 101 ? 8.07691   4.77916   -12.51557 1.000 16.33000 ? 902  PHE A CB  1 
ATOM   719 C CG  . PHE A 1 101 ? 8.39924   3.55376   -13.31401 1.000 20.80000 ? 902  PHE A CG  1 
ATOM   720 C CD1 . PHE A 1 101 ? 9.71338   3.15101   -13.46664 1.000 24.68000 ? 902  PHE A CD1 1 
ATOM   721 C CD2 . PHE A 1 101 ? 7.39738   2.78480   -13.87168 1.000 23.52000 ? 902  PHE A CD2 1 
ATOM   722 C CE1 . PHE A 1 101 ? 10.01781  2.00862   -14.18029 1.000 21.73000 ? 902  PHE A CE1 1 
ATOM   723 C CE2 . PHE A 1 101 ? 7.69946   1.64632   -14.58981 1.000 25.32000 ? 902  PHE A CE2 1 
ATOM   724 C CZ  . PHE A 1 101 ? 9.01292   1.26527   -14.74503 1.000 24.41000 ? 902  PHE A CZ  1 
ATOM   725 N N   . ASN A 1 102 ? 8.16794   6.91741   -10.54513 1.000 17.31000 ? 903  ASN A N   1 
ATOM   726 C CA  . ASN A 1 102 ? 7.97142   8.11390   -9.74096  1.000 20.29000 ? 903  ASN A CA  1 
ATOM   727 C C   . ASN A 1 102 ? 6.98311   9.08812   -10.36149 1.000 21.37000 ? 903  ASN A C   1 
ATOM   728 O O   . ASN A 1 102 ? 6.94367   10.25490  -9.95133  1.000 23.07000 ? 903  ASN A O   1 
ATOM   729 C CB  . ASN A 1 102 ? 9.31477   8.80950   -9.50511  1.000 23.06000 ? 903  ASN A CB  1 
ATOM   730 C CG  . ASN A 1 102 ? 9.99852   9.18894   -10.80206 1.000 20.92000 ? 903  ASN A CG  1 
ATOM   731 O OD1 . ASN A 1 102 ? 9.44682   8.97929   -11.88081 1.000 18.64000 ? 903  ASN A OD1 1 
ATOM   732 N ND2 . ASN A 1 102 ? 11.18944  9.76550   -10.70283 1.000 20.54000 ? 903  ASN A ND2 1 
ATOM   733 N N   . VAL A 1 103 ? 6.19437   8.64576   -11.34414 1.000 17.89000 ? 904  VAL A N   1 
ATOM   734 C CA  . VAL A 1 103 ? 5.12992   9.45804   -11.92198 1.000 18.18000 ? 904  VAL A CA  1 
ATOM   735 C C   . VAL A 1 103 ? 3.86528   9.25116   -11.10695 1.000 22.82000 ? 904  VAL A C   1 
ATOM   736 O O   . VAL A 1 103 ? 3.52618   8.12190   -10.73968 1.000 21.69000 ? 904  VAL A O   1 
ATOM   737 C CB  . VAL A 1 103 ? 4.90106   9.10372   -13.40569 1.000 21.85000 ? 904  VAL A CB  1 
ATOM   738 C CG1 . VAL A 1 103 ? 3.75255   9.91152   -13.98757 1.000 22.24000 ? 904  VAL A CG1 1 
ATOM   739 C CG2 . VAL A 1 103 ? 6.17638   9.32497   -14.21314 1.000 23.15000 ? 904  VAL A CG2 1 
ATOM   740 N N   . MET A 1 104 ? 3.16456   10.34508  -10.81607 1.000 23.26000 ? 905  MET A N   1 
ATOM   741 C CA  . MET A 1 104 ? 1.93645   10.28502  -10.03842 1.000 29.80000 ? 905  MET A CA  1 
ATOM   742 C C   . MET A 1 104 ? 0.72986   10.57714  -10.92330 1.000 33.51000 ? 905  MET A C   1 
ATOM   743 O O   . MET A 1 104 ? 0.85142   11.06178  -12.05154 1.000 38.23000 ? 905  MET A O   1 
ATOM   744 C CB  . MET A 1 104 ? 2.01008   11.26320  -8.86293  1.000 33.98000 ? 905  MET A CB  1 
ATOM   745 C CG  . MET A 1 104 ? 3.32093   11.14077  -8.12696  1.000 33.67000 ? 905  MET A CG  1 
ATOM   746 S SD  . MET A 1 104 ? 3.26588   11.70010  -6.43057  1.000 40.41000 ? 905  MET A SD  1 
ATOM   747 C CE  . MET A 1 104 ? 2.82958   13.42361  -6.64151  1.000 38.09000 ? 905  MET A CE  1 
ATOM   748 N N   . LEU A 1 105 ? -0.44856  10.26088  -10.39975 1.000 32.91000 ? 906  LEU A N   1 
ATOM   749 C CA  . LEU A 1 105 ? -1.68366  10.46566  -11.15084 1.000 46.63000 ? 906  LEU A CA  1 
ATOM   750 C C   . LEU A 1 105 ? -2.11473  11.93067  -11.13703 1.000 52.95000 ? 906  LEU A C   1 
ATOM   751 O O   . LEU A 1 105 ? -1.63643  12.72285  -10.32392 1.000 52.21000 ? 906  LEU A O   1 
ATOM   752 C CB  . LEU A 1 105 ? -2.80298  9.57878   -10.60089 1.000 47.25000 ? 906  LEU A CB  1 
ATOM   753 C CG  . LEU A 1 105 ? -2.66609  8.08077   -10.87895 1.000 46.89000 ? 906  LEU A CG  1 
ATOM   754 C CD1 . LEU A 1 105 ? -3.35126  7.25591   -9.78970  1.000 45.88000 ? 906  LEU A CD1 1 
ATOM   755 C CD2 . LEU A 1 105 ? -3.23839  7.75693   -12.25341 1.000 47.32000 ? 906  LEU A CD2 1 
ATOM   756 O OXT . LEU A 1 105 ? -2.95032  12.35324  -11.93833 1.000 56.01000 ? 906  LEU A OXT 1 
ATOM   757 N N   . VAL B 2 6   ? 12.20467  11.12431  5.75171   1.000 35.62000 ? 920  VAL C N   1 
ATOM   758 C CA  . VAL B 2 6   ? 10.99950  10.49585  5.22456   1.000 25.18000 ? 920  VAL C CA  1 
ATOM   759 C C   . VAL B 2 6   ? 10.50134  9.43124   6.20868   1.000 23.76000 ? 920  VAL C C   1 
ATOM   760 O O   . VAL B 2 6   ? 11.23367  8.49590   6.54142   1.000 30.50000 ? 920  VAL C O   1 
ATOM   761 C CB  . VAL B 2 6   ? 11.25363  9.89948   3.82813   1.000 33.22000 ? 920  VAL C CB  1 
ATOM   762 C CG1 . VAL B 2 6   ? 10.18250  8.91041   3.47361   1.000 32.09000 ? 920  VAL C CG1 1 
ATOM   763 C CG2 . VAL B 2 6   ? 11.31148  10.99734  2.77540   1.000 29.48000 ? 920  VAL C CG2 1 
ATOM   764 N N   . PRO B 2 7   ? 9.25999   9.57598   6.67042   1.000 18.63000 ? 921  PRO C N   1 
ATOM   765 C CA  . PRO B 2 7   ? 8.72810   8.63833   7.66838   1.000 17.15000 ? 921  PRO C CA  1 
ATOM   766 C C   . PRO B 2 7   ? 8.55424   7.23775   7.09524   1.000 18.49000 ? 921  PRO C C   1 
ATOM   767 O O   . PRO B 2 7   ? 8.27316   7.05813   5.91134   1.000 18.24000 ? 921  PRO C O   1 
ATOM   768 C CB  . PRO B 2 7   ? 7.37481   9.25128   8.03587   1.000 19.68000 ? 921  PRO C CB  1 
ATOM   769 C CG  . PRO B 2 7   ? 6.97975   10.02442  6.79509   1.000 23.05000 ? 921  PRO C CG  1 
ATOM   770 C CD  . PRO B 2 7   ? 8.26379   10.57610  6.25106   1.000 22.89000 ? 921  PRO C CD  1 
ATOM   771 N N   . VAL B 2 8   ? 8.72739   6.23066   7.94750   1.000 16.05000 ? 922  VAL C N   1 
ATOM   772 C CA  . VAL B 2 8   ? 8.52439   4.83947   7.53583   1.000 16.28000 ? 922  VAL C CA  1 
ATOM   773 C C   . VAL B 2 8   ? 7.85441   4.09430   8.68260   1.000 16.95000 ? 922  VAL C C   1 
ATOM   774 O O   . VAL B 2 8   ? 8.19358   4.30138   9.85249   1.000 17.02000 ? 922  VAL C O   1 
ATOM   775 C CB  . VAL B 2 8   ? 9.84406   4.15380   7.09668   1.000 21.08000 ? 922  VAL C CB  1 
ATOM   776 C CG1 . VAL B 2 8   ? 10.86864  4.12113   8.22128   1.000 28.39000 ? 922  VAL C CG1 1 
ATOM   777 C CG2 . VAL B 2 8   ? 9.58160   2.73523   6.57330   1.000 17.86000 ? 922  VAL C CG2 1 
ATOM   778 N N   . SER B 2 9   ? 6.86519   3.26344   8.35164   1.000 15.75000 ? 923  SER C N   1 
ATOM   779 C CA  . SER B 2 9   ? 6.19195   2.48237   9.37865   1.000 14.75000 ? 923  SER C CA  1 
ATOM   780 C C   . SER B 2 9   ? 5.61522   1.20888   8.77378   1.000 18.19000 ? 923  SER C C   1 
ATOM   781 O O   . SER B 2 9   ? 5.50467   1.06282   7.55425   1.000 14.46000 ? 923  SER C O   1 
ATOM   782 C CB  . SER B 2 9   ? 5.09590   3.28915   10.08336  1.000 19.82000 ? 923  SER C CB  1 
ATOM   783 O OG  . SER B 2 9   ? 3.96713   3.46552   9.25721   1.000 21.57000 ? 923  SER C OG  1 
ATOM   784 N N   . TRP B 2 10  ? 5.28165   0.27632   9.65708   1.000 16.93000 ? 924  TRP C N   1 
ATOM   785 C CA  . TRP B 2 10  ? 4.65824   -0.98714  9.28431   1.000 16.05000 ? 924  TRP C CA  1 
ATOM   786 C C   . TRP B 2 10  ? 3.14578   -0.87059  9.34472   1.000 18.04000 ? 924  TRP C C   1 
ATOM   787 O O   . TRP B 2 10  ? 2.59082   -0.30048  10.28852  1.000 17.45000 ? 924  TRP C O   1 
ATOM   788 C CB  . TRP B 2 10  ? 5.08480   -2.11086  10.23406  1.000 16.52000 ? 924  TRP C CB  1 
ATOM   789 C CG  . TRP B 2 10  ? 6.41697   -2.68669  9.98790   1.000 18.46000 ? 924  TRP C CG  1 
ATOM   790 C CD1 . TRP B 2 10  ? 7.56127   -2.45119  10.69839  1.000 20.03000 ? 924  TRP C CD1 1 
ATOM   791 C CD2 . TRP B 2 10  ? 6.75287   -3.66081  8.99665   1.000 16.73000 ? 924  TRP C CD2 1 
ATOM   792 N NE1 . TRP B 2 10  ? 8.59553   -3.19583  10.18510  1.000 20.13000 ? 924  TRP C NE1 1 
ATOM   793 C CE2 . TRP B 2 10  ? 8.12589   -3.94076  9.13434   1.000 20.76000 ? 924  TRP C CE2 1 
ATOM   794 C CE3 . TRP B 2 10  ? 6.02746   -4.30152  7.98850   1.000 15.17000 ? 924  TRP C CE3 1 
ATOM   795 C CZ2 . TRP B 2 10  ? 8.78607   -4.84322  8.30783   1.000 19.57000 ? 924  TRP C CZ2 1 
ATOM   796 C CZ3 . TRP B 2 10  ? 6.68499   -5.19492  7.16990   1.000 15.56000 ? 924  TRP C CZ3 1 
ATOM   797 C CH2 . TRP B 2 10  ? 8.05384   -5.45398  7.33126   1.000 16.29000 ? 924  TRP C CH2 1 
ATOM   798 N N   . VAL B 2 11  ? 2.47806   -1.45243  8.35538   1.000 15.91000 ? 925  VAL C N   1 
ATOM   799 C CA  . VAL B 2 11  ? 1.06005   -1.76544  8.44912   1.000 15.36000 ? 925  VAL C CA  1 
ATOM   800 C C   . VAL B 2 11  ? 0.95572   -3.27777  8.57871   1.000 17.75000 ? 925  VAL C C   1 
ATOM   801 O O   . VAL B 2 11  ? 1.18843   -4.01344  7.61057   1.000 17.16000 ? 925  VAL C O   1 
ATOM   802 C CB  . VAL B 2 11  ? 0.26535   -1.26033  7.24076   1.000 14.67000 ? 925  VAL C CB  1 
ATOM   803 C CG1 . VAL B 2 11  ? -1.21166  -1.56756  7.44949   1.000 19.61000 ? 925  VAL C CG1 1 
ATOM   804 C CG2 . VAL B 2 11  ? 0.47465   0.24874   7.04020   1.000 17.89000 ? 925  VAL C CG2 1 
ATOM   805 N N   . TYR B 2 12  ? 0.63014   -3.74587  9.77757   1.000 16.68000 ? 926  TYR C N   1 
ATOM   806 C CA  . TYR B 2 12  ? 0.42505   -5.16715  10.00328  1.000 16.92000 ? 926  TYR C CA  1 
ATOM   807 C C   . TYR B 2 12  ? -1.07629  -5.40968  9.85908   1.000 27.32000 ? 926  TYR C C   1 
ATOM   808 O O   . TYR B 2 12  ? -1.57398  -6.52008  9.76715   1.000 29.37000 ? 926  TYR C O   1 
ATOM   809 C CB  . TYR B 2 12  ? 0.94080   -5.58168  11.38525  1.000 21.51000 ? 926  TYR C CB  1 
ATOM   810 C CG  . TYR B 2 12  ? 2.44630   -5.52053  11.55358  1.000 20.45000 ? 926  TYR C CG  1 
ATOM   811 C CD1 . TYR B 2 12  ? 3.28162   -6.36908  10.82969  1.000 19.38000 ? 926  TYR C CD1 1 
ATOM   812 C CD2 . TYR B 2 12  ? 3.03571   -4.64567  12.45791  1.000 21.17000 ? 926  TYR C CD2 1 
ATOM   813 C CE1 . TYR B 2 12  ? 4.65005   -6.33300  10.98820  1.000 17.73000 ? 926  TYR C CE1 1 
ATOM   814 C CE2 . TYR B 2 12  ? 4.41283   -4.60406  12.62536  1.000 21.04000 ? 926  TYR C CE2 1 
ATOM   815 C CZ  . TYR B 2 12  ? 5.21384   -5.46616  11.88960  1.000 19.29000 ? 926  TYR C CZ  1 
ATOM   816 O OH  . TYR B 2 12  ? 6.57944   -5.43580  12.03327  1.000 21.60000 ? 926  TYR C OH  1 
ATOM   817 O OXT . TYR B 2 12  ? -1.84807  -4.44731  9.81458   1.000 41.43000 ? 926  TYR C OXT 1 
HETATM 818 O O   . HOH C 3 .   ? 7.66491   -18.08343 4.10112   1.000 30.21000 ? 1001 HOH A O   1 
HETATM 819 O O   . HOH C 3 .   ? -3.30424  8.23788   -16.64615 1.000 42.27000 ? 1002 HOH A O   1 
HETATM 820 O O   . HOH C 3 .   ? -8.66704  11.05497  4.61520   1.000 28.31000 ? 1003 HOH A O   1 
HETATM 821 O O   . HOH C 3 .   ? -7.12460  5.76150   -11.14256 1.000 33.56000 ? 1004 HOH A O   1 
HETATM 822 O O   . HOH C 3 .   ? -7.25686  1.34412   11.75945  1.000 40.23000 ? 1005 HOH A O   1 
HETATM 823 O O   . HOH C 3 .   ? 14.74441  12.81256  2.61026   1.000 41.99000 ? 1006 HOH A O   1 
HETATM 824 O O   . HOH C 3 .   ? 3.12198   -7.10888  -9.55606  1.000 30.57000 ? 1007 HOH A O   1 
HETATM 825 O O   . HOH C 3 .   ? -14.31058 -0.70040  4.42608   0.50  28.77000 ? 1008 HOH A O   1 
HETATM 826 O O   . HOH C 3 .   ? -3.78104  -9.18978  -8.43529  1.000 19.92000 ? 1009 HOH A O   1 
HETATM 827 O O   . HOH C 3 .   ? -9.95163  10.64229  0.12153   1.000 30.18000 ? 1010 HOH A O   1 
HETATM 828 O O   . HOH C 3 .   ? -17.34361 -3.65015  -1.25943  1.000 18.91000 ? 1011 HOH A O   1 
HETATM 829 O O   . HOH C 3 .   ? -6.24894  -10.24153 11.69176  1.000 30.26000 ? 1012 HOH A O   1 
HETATM 830 O O   . HOH C 3 .   ? -10.39529 9.17491   3.52756   1.000 29.45000 ? 1013 HOH A O   1 
HETATM 831 O O   . HOH C 3 .   ? 4.96170   -3.95369  -10.94236 1.000 35.46000 ? 1014 HOH A O   1 
HETATM 832 O O   . HOH C 3 .   ? -2.78968  4.58128   -13.50434 1.000 34.55000 ? 1015 HOH A O   1 
HETATM 833 O O   . HOH C 3 .   ? 3.21789   -17.80217 3.84665   1.000 36.27000 ? 1016 HOH A O   1 
HETATM 834 O O   . HOH C 3 .   ? 10.21669  13.96192  -5.04150  1.000 31.70000 ? 1017 HOH A O   1 
HETATM 835 O O   . HOH C 3 .   ? -2.15760  5.52268   -15.68143 1.000 33.03000 ? 1018 HOH A O   1 
HETATM 836 O O   . HOH C 3 .   ? -10.44007 -3.71449  1.72003   1.000 15.59000 ? 1019 HOH A O   1 
HETATM 837 O O   . HOH C 3 .   ? -2.49297  -13.01075 0.20196   1.000 15.69000 ? 1020 HOH A O   1 
HETATM 838 O O   . HOH C 3 .   ? 3.14474   -9.87385  4.15440   1.000 14.76000 ? 1021 HOH A O   1 
HETATM 839 O O   . HOH C 3 .   ? -2.43374  -11.07987 -11.92133 1.000 38.34000 ? 1022 HOH A O   1 
HETATM 840 O O   . HOH C 3 .   ? -12.52440 -0.91534  8.44732   1.000 32.71000 ? 1023 HOH A O   1 
HETATM 841 O O   . HOH C 3 .   ? 4.81130   6.11081   -12.01019 1.000 18.57000 ? 1024 HOH A O   1 
HETATM 842 O O   . HOH C 3 .   ? 11.96487  10.70941  -3.33528  1.000 37.50000 ? 1025 HOH A O   1 
HETATM 843 O O   . HOH C 3 .   ? 9.89171   -8.35656  6.64118   1.000 47.23000 ? 1026 HOH A O   1 
HETATM 844 O O   . HOH C 3 .   ? -15.01483 -10.36875 -0.27766  1.000 32.30000 ? 1027 HOH A O   1 
HETATM 845 O O   . HOH C 3 .   ? -3.10153  8.60251   -6.70269  1.000 23.99000 ? 1028 HOH A O   1 
HETATM 846 O O   . HOH C 3 .   ? 0.68409   13.32559  -1.84873  1.000 19.69000 ? 1029 HOH A O   1 
HETATM 847 O O   . HOH C 3 .   ? 3.84552   12.38369  5.15543   1.000 18.91000 ? 1030 HOH A O   1 
HETATM 848 O O   . HOH C 3 .   ? 4.28295   -9.76360  -2.59364  1.000 19.42000 ? 1031 HOH A O   1 
HETATM 849 O O   . HOH C 3 .   ? -5.60380  -19.30686 1.78579   1.000 21.73000 ? 1032 HOH A O   1 
HETATM 850 O O   . HOH C 3 .   ? -9.43713  4.56311   11.63723  1.000 25.95000 ? 1033 HOH A O   1 
HETATM 851 O O   . HOH C 3 .   ? -2.40446  -15.72661 9.72554   1.000 23.62000 ? 1034 HOH A O   1 
HETATM 852 O O   . HOH C 3 .   ? 0.05650   9.50076   0.66661   1.000 19.12000 ? 1035 HOH A O   1 
HETATM 853 O O   . HOH C 3 .   ? -4.59316  9.98818   10.63454  1.000 30.53000 ? 1036 HOH A O   1 
HETATM 854 O O   . HOH C 3 .   ? -5.67184  8.58936   -7.89236  1.000 37.07000 ? 1037 HOH A O   1 
HETATM 855 O O   . HOH C 3 .   ? -3.41284  -0.02253  -14.14091 1.000 34.20000 ? 1038 HOH A O   1 
HETATM 856 O O   . HOH C 3 .   ? 0.12010   -13.07107 9.93567   1.000 22.45000 ? 1039 HOH A O   1 
HETATM 857 O O   . HOH C 3 .   ? -1.72901  5.67119   11.30834  1.000 22.30000 ? 1040 HOH A O   1 
HETATM 858 O O   . HOH C 3 .   ? -14.67865 -8.14630  -6.17121  1.000 27.54000 ? 1041 HOH A O   1 
HETATM 859 O O   . HOH C 3 .   ? -14.31416 -11.75328 -2.64422  1.000 34.83000 ? 1042 HOH A O   1 
HETATM 860 O O   . HOH C 3 .   ? 8.88528   7.64605   -6.25046  1.000 31.32000 ? 1043 HOH A O   1 
HETATM 861 O O   . HOH C 3 .   ? 4.97517   7.33455   -8.26774  1.000 21.78000 ? 1044 HOH A O   1 
HETATM 862 O O   . HOH C 3 .   ? -7.67948  1.47383   -8.35084  1.000 19.13000 ? 1045 HOH A O   1 
HETATM 863 O O   . HOH C 3 .   ? -10.13999 4.86095   -8.90719  1.000 32.58000 ? 1046 HOH A O   1 
HETATM 864 O O   . HOH C 3 .   ? -1.26514  -12.60232 -6.86857  1.000 32.44000 ? 1047 HOH A O   1 
HETATM 865 O O   . HOH C 3 .   ? 0.55972   -16.98429 5.74265   1.000 22.57000 ? 1048 HOH A O   1 
HETATM 866 O O   . HOH C 3 .   ? 4.41338   -15.11613 -2.85649  1.000 24.13000 ? 1049 HOH A O   1 
HETATM 867 O O   . HOH C 3 .   ? 14.06037  -1.42897  0.59400   1.000 34.42000 ? 1050 HOH A O   1 
HETATM 868 O O   . HOH C 3 .   ? -8.39638  -8.73305  8.22631   1.000 24.48000 ? 1051 HOH A O   1 
HETATM 869 O O   . HOH C 3 .   ? -3.58526  -4.00895  -13.69692 1.000 26.19000 ? 1052 HOH A O   1 
HETATM 870 O O   . HOH C 3 .   ? 2.12251   -14.92297 9.43150   1.000 22.25000 ? 1053 HOH A O   1 
HETATM 871 O O   . HOH C 3 .   ? 9.32375   -2.19304  -7.65814  1.000 29.80000 ? 1054 HOH A O   1 
HETATM 872 O O   . HOH C 3 .   ? -13.47161 0.10788   -3.42640  0.50  29.66000 ? 1055 HOH A O   1 
HETATM 873 O O   . HOH C 3 .   ? -6.40021  -6.59658  -10.45453 1.000 27.99000 ? 1056 HOH A O   1 
HETATM 874 O O   . HOH C 3 .   ? 3.27320   -1.77114  -11.71035 1.000 30.45000 ? 1057 HOH A O   1 
HETATM 875 O O   . HOH C 3 .   ? -17.19503 -9.27961  3.39263   1.000 29.96000 ? 1058 HOH A O   1 
HETATM 876 O O   . HOH C 3 .   ? -7.06582  0.82861   -5.89244  1.000 15.71000 ? 1059 HOH A O   1 
HETATM 877 O O   . HOH C 3 .   ? -0.77390  1.99879   -16.67674 1.000 32.16000 ? 1060 HOH A O   1 
HETATM 878 O O   . HOH C 3 .   ? -9.75333  8.76212   -5.58557  1.000 25.59000 ? 1061 HOH A O   1 
HETATM 879 O O   . HOH C 3 .   ? 10.67645  0.26934   -8.25855  1.000 32.82000 ? 1062 HOH A O   1 
HETATM 880 O O   . HOH C 3 .   ? 4.61734   0.02570   -12.85631 1.000 25.00000 ? 1063 HOH A O   1 
HETATM 881 O O   . HOH C 3 .   ? -8.45926  -6.30036  -8.82930  1.000 27.49000 ? 1064 HOH A O   1 
HETATM 882 O O   . HOH C 3 .   ? -3.38545  13.75862  5.77092   1.000 23.07000 ? 1065 HOH A O   1 
HETATM 883 O O   . HOH C 3 .   ? 6.42867   -12.61552 -1.88228  1.000 34.31000 ? 1066 HOH A O   1 
HETATM 884 O O   . HOH C 3 .   ? 2.11806   11.75709  9.12110   1.000 22.96000 ? 1067 HOH A O   1 
HETATM 885 O O   . HOH C 3 .   ? -1.75994  1.71233   10.32684  1.000 28.54000 ? 1068 HOH A O   1 
HETATM 886 O O   . HOH C 3 .   ? 7.28856   10.81493  -6.97454  1.000 31.88000 ? 1069 HOH A O   1 
HETATM 887 O O   . HOH C 3 .   ? -7.20653  -11.10412 7.75390   1.000 29.62000 ? 1070 HOH A O   1 
HETATM 888 O O   . HOH C 3 .   ? 10.97000  -7.28937  1.58153   1.000 27.47000 ? 1071 HOH A O   1 
HETATM 889 O O   . HOH C 3 .   ? 6.17398   8.60815   -6.21542  1.000 30.46000 ? 1072 HOH A O   1 
HETATM 890 O O   . HOH C 3 .   ? -6.29501  -18.22707 4.33449   1.000 32.69000 ? 1073 HOH A O   1 
HETATM 891 O O   . HOH C 3 .   ? 2.05054   19.45252  8.14684   1.000 37.79000 ? 1074 HOH A O   1 
HETATM 892 O O   . HOH C 3 .   ? -4.90703  -3.51181  9.88345   1.000 32.93000 ? 1075 HOH A O   1 
HETATM 893 O O   . HOH C 3 .   ? 9.97839   -7.55148  -3.54667  1.000 23.16000 ? 1076 HOH A O   1 
HETATM 894 O O   . HOH C 3 .   ? 11.10763  5.99028   -11.29563 1.000 26.58000 ? 1077 HOH A O   1 
HETATM 895 O O   . HOH C 3 .   ? -12.08437 -0.15059  -5.94198  1.000 30.68000 ? 1078 HOH A O   1 
HETATM 896 O O   . HOH C 3 .   ? -3.52005  -12.69664 -10.65921 1.000 34.87000 ? 1079 HOH A O   1 
HETATM 897 O O   . HOH C 3 .   ? -1.97149  12.44124  8.58558   1.000 34.78000 ? 1080 HOH A O   1 
HETATM 898 O O   . HOH C 3 .   ? -10.95332 -8.65658  8.09595   1.000 35.01000 ? 1081 HOH A O   1 
HETATM 899 O O   . HOH C 3 .   ? 9.65276   5.72832   -7.05959  1.000 30.12000 ? 1082 HOH A O   1 
HETATM 900 O O   . HOH C 3 .   ? -9.12699  -8.98095  -9.35663  1.000 35.15000 ? 1083 HOH A O   1 
HETATM 901 O O   . HOH C 3 .   ? -10.15925 0.56169   -8.11472  1.000 30.42000 ? 1084 HOH A O   1 
HETATM 902 O O   . HOH C 3 .   ? -2.76629  3.41959   11.45938  1.000 33.36000 ? 1085 HOH A O   1 
HETATM 903 O O   . HOH C 3 .   ? -10.23958 -7.51581  11.83775  1.000 40.69000 ? 1086 HOH A O   1 
HETATM 904 O O   . HOH C 3 .   ? -11.34375 6.32358   12.46248  1.000 48.14000 ? 1087 HOH A O   1 
HETATM 905 O O   . HOH C 3 .   ? 1.85714   16.58570  -18.92105 1.000 41.46000 ? 1088 HOH A O   1 
HETATM 906 O O   . HOH C 3 .   ? 2.78198   16.11111  -16.07077 1.000 46.51000 ? 1089 HOH A O   1 
HETATM 907 O O   . HOH C 3 .   ? 12.45131  1.49889   -6.42889  1.000 38.94000 ? 1090 HOH A O   1 
HETATM 908 O O   . HOH C 3 .   ? -11.74282 -11.31001 5.15211   1.000 40.96000 ? 1091 HOH A O   1 
HETATM 909 O O   . HOH C 3 .   ? -1.06210  -17.47274 7.74030   1.000 31.44000 ? 1092 HOH A O   1 
HETATM 910 O O   . HOH C 3 .   ? -5.39700  13.61710  5.08976   1.000 35.57000 ? 1093 HOH A O   1 
HETATM 911 O O   . HOH C 3 .   ? -2.11974  -11.38976 14.04708  1.000 21.99000 ? 1094 HOH A O   1 
HETATM 912 O O   . HOH C 3 .   ? -15.51580 -10.25014 -5.15748  1.000 32.62000 ? 1095 HOH A O   1 
HETATM 913 O O   . HOH C 3 .   ? -7.77294  4.81720   13.77117  1.000 34.40000 ? 1096 HOH A O   1 
HETATM 914 O O   . HOH C 3 .   ? 5.15188   13.22969  7.26997   1.000 23.69000 ? 1097 HOH A O   1 
HETATM 915 O O   . HOH C 3 .   ? -7.16407  -5.85877  -12.83081 1.000 39.62000 ? 1098 HOH A O   1 
HETATM 916 O O   . HOH C 3 .   ? -6.21252  -10.11862 14.28965  1.000 34.93000 ? 1099 HOH A O   1 
HETATM 917 O O   . HOH C 3 .   ? -7.74800  -7.85177  10.86238  1.000 23.29000 ? 1100 HOH A O   1 
HETATM 918 O O   . HOH C 3 .   ? -0.56260  -13.21585 12.59276  0.50  19.98000 ? 1101 HOH A O   1 
HETATM 919 O O   . HOH C 3 .   ? -4.90427  2.52755   12.23547  1.000 38.76000 ? 1102 HOH A O   1 
HETATM 920 O O   . HOH C 3 .   ? -5.85675  -6.02987  11.34143  1.000 23.47000 ? 1103 HOH A O   1 
HETATM 921 O O   . HOH C 3 .   ? -7.65168  1.02990   -11.19981 1.000 24.50000 ? 1104 HOH A O   1 
HETATM 922 O O   . HOH C 3 .   ? -7.79926  -12.31999 11.23123  1.000 33.69000 ? 1105 HOH A O   1 
HETATM 923 O O   . HOH C 3 .   ? -5.50787  4.92217   -13.27409 1.000 41.52000 ? 1106 HOH A O   1 
HETATM 924 O O   . HOH C 3 .   ? -6.11014  0.01854   -13.16828 1.000 32.34000 ? 1107 HOH A O   1 
HETATM 925 O O   . HOH C 3 .   ? -4.55303  -12.42944 14.97157  1.000 28.62000 ? 1108 HOH A O   1 
HETATM 926 O O   . HOH D 3 .   ? 2.10823   3.72491   11.14290  1.000 29.55000 ? 1001 HOH C O   1 
HETATM 927 O O   . HOH D 3 .   ? -3.48284  -7.42591  11.46437  1.000 19.91000 ? 1002 HOH C O   1 
HETATM 928 O O   . HOH D 3 .   ? 10.43241  4.61614   11.40476  1.000 21.16000 ? 1003 HOH C O   1 
HETATM 929 O O   . HOH D 3 .   ? 0.56691   1.43838   11.06749  1.000 25.67000 ? 1004 HOH C O   1 
HETATM 930 O O   . HOH D 3 .   ? 0.02956   -2.04295  12.00695  1.000 28.33000 ? 1005 HOH C O   1 
# 
